data_7SSF
#
_entry.id   7SSF
#
_cell.length_a   84.320
_cell.length_b   67.970
_cell.length_c   184.494
_cell.angle_alpha   90.000
_cell.angle_beta   99.330
_cell.angle_gamma   90.000
#
_symmetry.space_group_name_H-M   'I 1 2 1'
#
loop_
_entity.id
_entity.type
_entity.pdbx_description
1 polymer 'HaPE560 alpha subunit'
2 polymer 'Phycoerythrin550 beta subunit'
3 non-polymer PHYCOERYTHROBILIN
4 non-polymer DiCys-(15,16)-Dihydrobiliverdin
5 non-polymer 2-AMINO-2-HYDROXYMETHYL-PROPANE-1,3-DIOL
6 non-polymer 'CHLORIDE ION'
7 water water
#
loop_
_entity_poly.entity_id
_entity_poly.type
_entity_poly.pdbx_seq_one_letter_code
_entity_poly.pdbx_strand_id
1 'polypeptide(L)' AMR(LYZ)DAKAPYVTVFDERDGCGGPTKAGGNSGDNKGLCVKVAMKKVAYGEGGVDRIGEMARDVFVNYDKQRGK A,C,E,G
2 'polypeptide(L)'
;MLDAFSKVITSADGKAAYVGGADLQALKKFVSEGNKRMDSVNAIVSNASCIVSDSVSGMVCENPSLIAPNGGVYTNRKMA
ACLRDAEIILRYVSYSLLSGDSSVLEDRCLNGLKETYASLGVPAAGNARTISIMKATVIGFITNNSQQKKLSTPAGDCSA
LASEVGGYFDKVSSALA
;
B,D,F,H
#
loop_
_chem_comp.id
_chem_comp.type
_chem_comp.name
_chem_comp.formula
AX9 non-polymer DiCys-(15,16)-Dihydrobiliverdin 'C33 H40 N4 O6'
CL non-polymer 'CHLORIDE ION' 'Cl -1'
PEB non-polymer PHYCOERYTHROBILIN 'C33 H40 N4 O6'
TRS non-polymer 2-AMINO-2-HYDROXYMETHYL-PROPANE-1,3-DIOL 'C4 H12 N O3 1'
#
# COMPACT_ATOMS: atom_id res chain seq x y z
N ALA A 1 13.14 12.48 -2.00
CA ALA A 1 12.78 13.71 -1.27
C ALA A 1 12.02 14.62 -2.20
N MET A 2 11.34 15.61 -1.61
CA MET A 2 10.80 16.74 -2.36
C MET A 2 11.95 17.56 -2.95
N ARG A 3 12.08 17.52 -4.29
CA ARG A 3 13.32 18.00 -4.93
C ARG A 3 13.28 19.45 -5.38
N LYZ A 4 12.17 20.15 -5.13
CA LYZ A 4 12.04 21.54 -5.50
C LYZ A 4 12.05 21.78 -7.00
O LYZ A 4 12.29 22.88 -7.46
CB LYZ A 4 13.11 22.45 -4.86
CG LYZ A 4 13.26 22.19 -3.36
CD LYZ A 4 14.39 22.98 -2.72
CE LYZ A 4 14.48 22.63 -1.23
NZ LYZ A 4 15.58 23.24 -0.51
OH LYZ A 4 14.25 24.37 -2.86
HA LYZ A 4 11.01 21.88 -5.19
HB2 LYZ A 4 12.84 23.52 -5.04
HB3 LYZ A 4 14.10 22.26 -5.36
HG2 LYZ A 4 13.44 21.11 -3.17
HG3 LYZ A 4 12.31 22.48 -2.83
HD LYZ A 4 15.35 22.74 -3.27
HE2 LYZ A 4 14.56 21.51 -1.14
HE3 LYZ A 4 13.51 22.95 -0.75
HZ1 LYZ A 4 15.59 24.24 -0.62
HZ2 LYZ A 4 15.53 23.01 0.47
HH LYZ A 4 13.31 24.55 -2.96
N ASP A 5 11.68 20.68 -7.69
N ASP A 5 11.76 20.78 -7.83
CA ASP A 5 11.65 20.58 -9.15
CA ASP A 5 11.73 21.08 -9.25
C ASP A 5 10.29 20.91 -9.75
C ASP A 5 10.29 21.23 -9.78
N ALA A 6 9.31 21.14 -8.88
CA ALA A 6 7.90 21.32 -9.22
C ALA A 6 7.36 20.22 -10.11
N LYS A 7 8.01 19.07 -10.19
N LYS A 7 8.01 19.06 -10.12
CA LYS A 7 7.55 18.00 -11.07
CA LYS A 7 7.51 17.97 -10.92
C LYS A 7 6.57 17.11 -10.32
C LYS A 7 6.41 17.24 -10.20
N ALA A 8 5.47 16.76 -10.98
CA ALA A 8 4.35 16.01 -10.40
C ALA A 8 3.86 15.02 -11.42
N PRO A 9 3.24 13.94 -10.98
CA PRO A 9 2.66 12.96 -11.90
C PRO A 9 1.32 13.44 -12.44
N TYR A 10 1.31 13.71 -13.72
CA TYR A 10 0.10 14.06 -14.46
C TYR A 10 -0.52 12.76 -14.93
N VAL A 11 -1.69 12.46 -14.38
CA VAL A 11 -2.47 11.29 -14.76
C VAL A 11 -3.60 11.80 -15.62
N THR A 12 -3.82 11.14 -16.77
CA THR A 12 -4.98 11.42 -17.61
C THR A 12 -5.70 10.11 -17.89
N VAL A 13 -7.01 10.14 -17.73
CA VAL A 13 -7.87 8.97 -17.84
C VAL A 13 -8.75 9.18 -19.06
N PHE A 14 -8.66 8.30 -20.06
CA PHE A 14 -9.42 8.44 -21.28
C PHE A 14 -10.48 7.35 -21.40
N ASP A 15 -11.71 7.77 -21.70
CA ASP A 15 -12.80 6.86 -22.02
C ASP A 15 -13.40 7.37 -23.32
N GLU A 16 -13.05 6.71 -24.41
CA GLU A 16 -13.46 7.09 -25.75
C GLU A 16 -14.34 6.02 -26.38
N ARG A 17 -15.07 5.29 -25.53
CA ARG A 17 -15.94 4.24 -26.04
C ARG A 17 -17.11 4.78 -26.87
N ASP A 18 -17.35 6.09 -26.86
CA ASP A 18 -18.32 6.69 -27.77
C ASP A 18 -17.91 6.55 -29.23
N GLY A 19 -16.62 6.30 -29.49
CA GLY A 19 -16.11 6.05 -30.83
C GLY A 19 -15.30 7.14 -31.45
N CYS A 20 -15.18 8.30 -30.82
CA CYS A 20 -14.40 9.42 -31.36
C CYS A 20 -13.01 9.33 -30.72
N GLY A 21 -12.06 8.76 -31.46
CA GLY A 21 -10.78 8.44 -30.87
C GLY A 21 -9.79 9.59 -30.96
N GLY A 22 -8.96 9.69 -29.92
CA GLY A 22 -7.80 10.55 -29.94
C GLY A 22 -6.61 9.86 -30.59
N PRO A 23 -5.49 10.55 -30.54
CA PRO A 23 -4.25 9.97 -31.09
C PRO A 23 -3.92 8.62 -30.47
N THR A 24 -3.50 7.68 -31.33
CA THR A 24 -3.00 6.41 -30.84
C THR A 24 -1.71 6.61 -30.06
N LYS A 25 -1.69 6.08 -28.82
CA LYS A 25 -0.49 6.16 -27.99
C LYS A 25 -0.20 4.86 -27.23
N ALA A 26 -1.07 3.87 -27.32
CA ALA A 26 -0.88 2.60 -26.64
C ALA A 26 -1.27 1.51 -27.61
N GLY A 27 -0.59 0.38 -27.47
CA GLY A 27 -0.80 -0.67 -28.42
C GLY A 27 -1.97 -1.57 -28.11
N GLY A 28 -2.50 -1.49 -26.90
CA GLY A 28 -3.58 -2.40 -26.58
C GLY A 28 -4.93 -1.79 -26.89
N ASN A 29 -5.49 -2.02 -28.10
CA ASN A 29 -6.83 -1.45 -28.38
C ASN A 29 -7.70 -2.50 -29.07
N SER A 30 -8.27 -3.36 -28.24
CA SER A 30 -9.09 -4.48 -28.67
C SER A 30 -9.61 -5.14 -27.41
N GLY A 31 -10.82 -5.71 -27.46
CA GLY A 31 -11.37 -6.41 -26.32
C GLY A 31 -12.20 -5.52 -25.40
N ASP A 32 -12.38 -6.03 -24.18
CA ASP A 32 -13.28 -5.39 -23.22
C ASP A 32 -12.91 -3.94 -22.99
N ASN A 33 -11.62 -3.66 -22.83
CA ASN A 33 -11.19 -2.31 -22.53
C ASN A 33 -10.83 -1.54 -23.79
N LYS A 34 -11.33 -1.95 -24.95
CA LYS A 34 -11.20 -1.10 -26.11
C LYS A 34 -11.83 0.25 -25.79
N GLY A 35 -11.10 1.32 -26.10
CA GLY A 35 -11.58 2.66 -25.89
C GLY A 35 -11.15 3.26 -24.58
N LEU A 36 -10.45 2.52 -23.73
CA LEU A 36 -10.03 2.96 -22.41
C LEU A 36 -8.51 3.03 -22.37
N CYS A 37 -7.95 4.11 -21.76
CA CYS A 37 -6.51 4.25 -21.70
C CYS A 37 -6.19 5.14 -20.50
N VAL A 38 -5.07 4.87 -19.85
CA VAL A 38 -4.53 5.73 -18.81
C VAL A 38 -3.11 6.16 -19.22
N LYS A 39 -2.82 7.44 -19.00
CA LYS A 39 -1.52 8.04 -19.28
C LYS A 39 -0.95 8.61 -17.99
N VAL A 40 0.35 8.44 -17.81
CA VAL A 40 1.07 9.10 -16.72
C VAL A 40 2.33 9.71 -17.28
N ALA A 41 2.55 10.99 -16.97
CA ALA A 41 3.80 11.67 -17.29
C ALA A 41 4.28 12.35 -16.03
N MET A 42 5.58 12.51 -15.89
CA MET A 42 6.16 13.14 -14.70
C MET A 42 6.82 14.43 -15.18
N LYS A 43 6.17 15.56 -14.92
CA LYS A 43 6.67 16.80 -15.49
C LYS A 43 6.40 17.98 -14.56
N LYS A 44 7.11 19.06 -14.83
CA LYS A 44 6.94 20.30 -14.08
C LYS A 44 5.53 20.84 -14.24
N VAL A 45 4.94 21.24 -13.11
CA VAL A 45 3.71 22.01 -13.13
C VAL A 45 4.07 23.47 -13.38
N ALA A 46 3.92 23.91 -14.61
CA ALA A 46 4.34 25.23 -15.03
C ALA A 46 3.23 26.23 -14.86
N TYR A 47 3.58 27.51 -14.82
CA TYR A 47 2.55 28.53 -14.78
C TYR A 47 1.80 28.65 -16.08
N GLY A 48 2.43 28.32 -17.20
CA GLY A 48 1.74 28.37 -18.47
C GLY A 48 2.58 27.63 -19.48
N GLU A 49 2.03 27.49 -20.68
CA GLU A 49 2.72 26.78 -21.73
C GLU A 49 2.01 27.06 -23.04
N GLY A 50 2.79 27.07 -24.12
CA GLY A 50 2.20 27.26 -25.43
C GLY A 50 1.63 28.63 -25.63
N GLY A 51 2.06 29.60 -24.80
CA GLY A 51 1.55 30.94 -24.83
C GLY A 51 0.32 31.14 -23.97
N VAL A 52 -0.15 30.09 -23.31
CA VAL A 52 -1.37 30.16 -22.52
C VAL A 52 -1.01 30.25 -21.05
N ASP A 53 -1.37 31.38 -20.44
CA ASP A 53 -1.01 31.66 -19.05
C ASP A 53 -2.08 31.06 -18.14
N ARG A 54 -2.02 29.73 -17.97
CA ARG A 54 -3.08 29.01 -17.30
C ARG A 54 -3.18 29.40 -15.84
N ILE A 55 -2.07 29.34 -15.11
CA ILE A 55 -2.16 29.56 -13.68
C ILE A 55 -2.27 31.05 -13.40
N GLY A 56 -1.66 31.87 -14.25
CA GLY A 56 -1.80 33.32 -14.10
C GLY A 56 -3.25 33.77 -14.22
N GLU A 57 -4.01 33.14 -15.10
CA GLU A 57 -5.43 33.48 -15.21
C GLU A 57 -6.19 33.04 -13.97
N MET A 58 -5.85 31.87 -13.43
N MET A 58 -5.85 31.87 -13.43
CA MET A 58 -6.50 31.44 -12.19
CA MET A 58 -6.47 31.41 -12.19
C MET A 58 -6.17 32.40 -11.06
C MET A 58 -6.15 32.37 -11.05
N ALA A 59 -4.92 32.89 -11.02
CA ALA A 59 -4.53 33.83 -9.98
C ALA A 59 -5.30 35.14 -10.08
N ARG A 60 -5.41 35.71 -11.30
CA ARG A 60 -6.21 36.91 -11.51
C ARG A 60 -7.62 36.69 -10.98
N ASP A 61 -8.17 35.52 -11.21
CA ASP A 61 -9.54 35.24 -10.82
C ASP A 61 -9.67 35.24 -9.30
N VAL A 62 -8.73 34.63 -8.57
CA VAL A 62 -8.85 34.58 -7.11
C VAL A 62 -8.96 36.00 -6.54
N PHE A 63 -8.10 36.90 -6.99
CA PHE A 63 -8.09 38.22 -6.35
C PHE A 63 -9.45 38.92 -6.40
N VAL A 64 -10.22 38.77 -7.48
N VAL A 64 -10.19 38.74 -7.49
CA VAL A 64 -11.50 39.48 -7.61
CA VAL A 64 -11.45 39.43 -7.72
C VAL A 64 -12.71 38.59 -7.45
C VAL A 64 -12.66 38.60 -7.31
N ASN A 65 -12.55 37.28 -7.28
CA ASN A 65 -13.70 36.40 -7.14
C ASN A 65 -13.62 35.43 -5.97
N TYR A 66 -12.70 35.63 -5.01
CA TYR A 66 -12.61 34.70 -3.90
C TYR A 66 -13.88 34.64 -3.06
N ASP A 67 -14.73 35.65 -3.17
N ASP A 67 -14.75 35.63 -3.13
CA ASP A 67 -15.99 35.68 -2.44
CA ASP A 67 -15.97 35.55 -2.35
C ASP A 67 -17.09 34.89 -3.12
C ASP A 67 -17.10 34.86 -3.11
N LYS A 68 -16.83 34.38 -4.33
CA LYS A 68 -17.79 33.57 -5.07
C LYS A 68 -17.60 32.11 -4.70
N GLN A 69 -18.66 31.34 -4.84
CA GLN A 69 -18.63 29.89 -4.61
C GLN A 69 -19.03 29.19 -5.88
N ARG A 70 -18.04 28.71 -6.65
CA ARG A 70 -18.35 28.06 -7.92
C ARG A 70 -18.92 26.67 -7.72
N GLY A 71 -18.89 26.14 -6.50
CA GLY A 71 -19.45 24.84 -6.23
C GLY A 71 -20.93 24.81 -5.94
N LYS A 72 -21.60 25.95 -5.98
CA LYS A 72 -23.05 25.91 -5.90
C LYS A 72 -23.72 26.95 -6.77
N ASP B 3 3.65 -0.43 -12.59
CA ASP B 3 5.02 -0.70 -13.00
C ASP B 3 5.47 0.14 -14.20
N ALA B 4 4.72 0.08 -15.30
CA ALA B 4 4.97 1.03 -16.38
C ALA B 4 4.92 2.45 -15.85
N PHE B 5 3.98 2.72 -14.95
CA PHE B 5 3.85 4.07 -14.46
C PHE B 5 4.93 4.39 -13.42
N SER B 6 5.29 3.42 -12.56
N SER B 6 5.31 3.42 -12.58
CA SER B 6 6.40 3.64 -11.63
CA SER B 6 6.38 3.68 -11.62
C SER B 6 7.64 4.11 -12.38
C SER B 6 7.71 3.97 -12.30
N LYS B 7 7.89 3.53 -13.55
CA LYS B 7 9.08 3.89 -14.30
C LYS B 7 9.00 5.34 -14.79
N VAL B 8 7.81 5.88 -14.99
CA VAL B 8 7.69 7.28 -15.39
C VAL B 8 8.14 8.19 -14.25
N ILE B 9 7.85 7.78 -13.00
CA ILE B 9 8.22 8.62 -11.86
C ILE B 9 9.73 8.73 -11.76
N THR B 10 10.46 7.66 -12.13
CA THR B 10 11.90 7.56 -11.87
C THR B 10 12.76 7.76 -13.11
N SER B 11 12.15 7.91 -14.29
CA SER B 11 12.93 8.08 -15.51
C SER B 11 13.60 9.46 -15.55
N ALA B 12 14.59 9.55 -16.45
CA ALA B 12 15.36 10.79 -16.52
C ALA B 12 14.52 11.97 -16.98
N ASP B 13 13.51 11.75 -17.82
CA ASP B 13 12.75 12.85 -18.43
C ASP B 13 11.26 12.79 -18.13
N GLY B 14 10.76 11.70 -17.54
CA GLY B 14 9.34 11.60 -17.23
C GLY B 14 8.43 11.50 -18.43
N LYS B 15 8.96 11.05 -19.55
N LYS B 15 8.96 11.14 -19.58
CA LYS B 15 8.18 10.87 -20.76
CA LYS B 15 8.13 11.03 -20.76
C LYS B 15 6.97 10.00 -20.48
C LYS B 15 6.98 10.06 -20.49
N ALA B 16 5.84 10.38 -21.08
CA ALA B 16 4.60 9.69 -20.78
C ALA B 16 4.63 8.22 -21.15
N ALA B 17 4.01 7.42 -20.29
CA ALA B 17 3.64 6.05 -20.56
C ALA B 17 2.12 5.94 -20.65
N TYR B 18 1.67 4.98 -21.44
CA TYR B 18 0.27 4.77 -21.70
C TYR B 18 -0.07 3.29 -21.60
N VAL B 19 -1.23 3.00 -21.02
CA VAL B 19 -1.72 1.64 -20.88
C VAL B 19 -3.17 1.61 -21.33
N GLY B 20 -3.47 0.77 -22.33
CA GLY B 20 -4.83 0.60 -22.79
C GLY B 20 -5.15 -0.86 -22.98
N GLY B 21 -6.41 -1.10 -23.31
CA GLY B 21 -6.84 -2.43 -23.68
C GLY B 21 -6.43 -3.51 -22.69
N ALA B 22 -5.78 -4.54 -23.23
CA ALA B 22 -5.50 -5.72 -22.41
C ALA B 22 -4.45 -5.42 -21.35
N ASP B 23 -3.54 -4.48 -21.60
CA ASP B 23 -2.60 -4.08 -20.57
C ASP B 23 -3.32 -3.36 -19.44
N LEU B 24 -4.33 -2.57 -19.77
CA LEU B 24 -5.07 -1.87 -18.72
C LEU B 24 -5.94 -2.83 -17.94
N GLN B 25 -6.53 -3.81 -18.61
CA GLN B 25 -7.27 -4.85 -17.90
C GLN B 25 -6.36 -5.53 -16.88
N ALA B 26 -5.13 -5.82 -17.28
CA ALA B 26 -4.21 -6.47 -16.36
C ALA B 26 -3.86 -5.54 -15.21
N LEU B 27 -3.65 -4.25 -15.51
CA LEU B 27 -3.30 -3.29 -14.48
C LEU B 27 -4.40 -3.19 -13.43
N LYS B 28 -5.66 -3.16 -13.85
CA LYS B 28 -6.75 -3.00 -12.89
C LYS B 28 -6.86 -4.21 -11.95
N LYS B 29 -6.29 -5.37 -12.32
CA LYS B 29 -6.32 -6.53 -11.44
C LYS B 29 -5.46 -6.34 -10.20
N PHE B 30 -4.54 -5.37 -10.21
CA PHE B 30 -3.59 -5.20 -9.11
C PHE B 30 -4.03 -4.17 -8.07
N VAL B 31 -5.13 -3.46 -8.31
CA VAL B 31 -5.70 -2.51 -7.38
C VAL B 31 -7.14 -2.93 -7.12
N SER B 32 -7.66 -2.50 -5.98
CA SER B 32 -9.04 -2.81 -5.65
C SER B 32 -9.98 -1.92 -6.47
N GLU B 33 -11.14 -2.50 -6.82
CA GLU B 33 -12.20 -1.76 -7.51
C GLU B 33 -11.68 -0.96 -8.68
N GLY B 34 -11.03 -1.65 -9.61
CA GLY B 34 -10.27 -0.98 -10.65
C GLY B 34 -11.07 0.01 -11.48
N ASN B 35 -12.27 -0.36 -11.91
CA ASN B 35 -13.06 0.56 -12.73
C ASN B 35 -13.48 1.79 -11.95
N LYS B 36 -14.04 1.61 -10.75
CA LYS B 36 -14.44 2.75 -9.95
C LYS B 36 -13.23 3.62 -9.63
N ARG B 37 -12.08 2.96 -9.40
CA ARG B 37 -10.84 3.68 -9.13
C ARG B 37 -10.45 4.58 -10.29
N MET B 38 -10.53 4.08 -11.53
CA MET B 38 -10.27 4.95 -12.66
C MET B 38 -11.23 6.13 -12.74
N ASP B 39 -12.51 5.88 -12.49
CA ASP B 39 -13.47 6.98 -12.47
C ASP B 39 -13.14 7.97 -11.35
N SER B 40 -12.66 7.48 -10.20
N SER B 40 -12.67 7.48 -10.20
CA SER B 40 -12.34 8.36 -9.09
CA SER B 40 -12.34 8.39 -9.10
C SER B 40 -11.13 9.22 -9.43
C SER B 40 -11.12 9.23 -9.44
N VAL B 41 -10.11 8.63 -10.06
CA VAL B 41 -8.97 9.40 -10.52
C VAL B 41 -9.40 10.45 -11.54
N ASN B 42 -10.25 10.06 -12.50
N ASN B 42 -10.22 10.07 -12.51
CA ASN B 42 -10.76 10.98 -13.50
CA ASN B 42 -10.70 11.05 -13.49
C ASN B 42 -11.50 12.15 -12.85
C ASN B 42 -11.45 12.18 -12.81
N ALA B 43 -12.24 11.86 -11.79
CA ALA B 43 -12.98 12.90 -11.06
C ALA B 43 -12.03 13.96 -10.49
N ILE B 44 -10.82 13.57 -10.14
CA ILE B 44 -9.84 14.55 -9.67
C ILE B 44 -9.23 15.30 -10.84
N VAL B 45 -8.57 14.57 -11.76
CA VAL B 45 -7.71 15.24 -12.70
C VAL B 45 -8.48 16.04 -13.74
N SER B 46 -9.69 15.60 -14.12
N SER B 46 -9.67 15.56 -14.14
CA SER B 46 -10.49 16.33 -15.08
CA SER B 46 -10.50 16.30 -15.08
C SER B 46 -11.08 17.59 -14.47
C SER B 46 -10.97 17.62 -14.49
N ASN B 47 -10.97 17.75 -13.16
CA ASN B 47 -11.45 18.94 -12.46
C ASN B 47 -10.35 19.68 -11.73
N ALA B 48 -9.09 19.50 -12.17
CA ALA B 48 -7.97 20.05 -11.39
C ALA B 48 -8.05 21.56 -11.19
N SER B 49 -8.37 22.31 -12.23
N SER B 49 -8.38 22.32 -12.24
CA SER B 49 -8.43 23.76 -12.11
CA SER B 49 -8.41 23.77 -12.09
C SER B 49 -9.52 24.17 -11.12
C SER B 49 -9.53 24.19 -11.13
N CYS B 50 -10.71 23.57 -11.26
CA CYS B 50 -11.82 23.87 -10.35
C CYS B 50 -11.46 23.58 -8.90
N ILE B 51 -10.87 22.42 -8.66
CA ILE B 51 -10.60 21.98 -7.30
C ILE B 51 -9.59 22.91 -6.66
N VAL B 52 -8.51 23.21 -7.38
CA VAL B 52 -7.49 24.11 -6.85
C VAL B 52 -8.07 25.50 -6.66
N SER B 53 -8.80 26.02 -7.64
CA SER B 53 -9.33 27.37 -7.53
C SER B 53 -10.24 27.49 -6.31
N ASP B 54 -11.17 26.57 -6.15
CA ASP B 54 -12.13 26.71 -5.05
C ASP B 54 -11.43 26.62 -3.71
N SER B 55 -10.41 25.75 -3.63
CA SER B 55 -9.72 25.49 -2.36
C SER B 55 -8.85 26.68 -1.95
N VAL B 56 -8.02 27.19 -2.86
CA VAL B 56 -7.26 28.40 -2.58
C VAL B 56 -8.18 29.60 -2.36
N SER B 57 -9.28 29.68 -3.10
CA SER B 57 -10.22 30.79 -2.91
C SER B 57 -10.86 30.73 -1.54
N GLY B 58 -11.14 29.53 -1.04
CA GLY B 58 -11.75 29.39 0.29
C GLY B 58 -10.78 29.71 1.40
N MET B 59 -9.51 29.36 1.20
CA MET B 59 -8.46 29.78 2.12
C MET B 59 -8.46 31.32 2.22
N VAL B 60 -8.53 31.99 1.08
CA VAL B 60 -8.49 33.45 1.07
C VAL B 60 -9.78 34.04 1.64
N CYS B 61 -10.94 33.50 1.27
CA CYS B 61 -12.16 34.14 1.72
C CYS B 61 -12.31 34.04 3.23
N GLU B 62 -11.86 32.94 3.81
CA GLU B 62 -11.85 32.78 5.26
C GLU B 62 -10.76 33.58 5.93
N ASN B 63 -9.69 33.93 5.22
CA ASN B 63 -8.61 34.72 5.80
C ASN B 63 -8.08 35.71 4.78
N PRO B 64 -8.80 36.80 4.55
CA PRO B 64 -8.39 37.72 3.48
C PRO B 64 -7.12 38.45 3.79
N SER B 65 -6.61 38.38 5.03
CA SER B 65 -5.29 38.94 5.28
C SER B 65 -4.21 38.31 4.41
N LEU B 66 -4.46 37.12 3.86
CA LEU B 66 -3.50 36.46 2.96
C LEU B 66 -3.25 37.26 1.70
N ILE B 67 -4.16 38.15 1.32
CA ILE B 67 -3.98 39.01 0.14
C ILE B 67 -3.80 40.46 0.51
N ALA B 68 -3.63 40.77 1.78
CA ALA B 68 -3.21 42.09 2.20
C ALA B 68 -1.72 42.21 1.93
N PRO B 69 -1.18 43.43 1.96
CA PRO B 69 0.26 43.59 1.76
C PRO B 69 1.04 42.72 2.73
N ASN B 70 2.08 42.06 2.22
CA ASN B 70 2.92 41.13 2.96
C ASN B 70 2.17 39.87 3.42
N GLY B 71 0.95 39.66 2.94
CA GLY B 71 0.32 38.37 3.09
C GLY B 71 0.95 37.31 2.19
N GLY B 72 0.72 36.07 2.57
CA GLY B 72 1.30 34.94 1.87
C GLY B 72 1.07 34.90 0.38
N VAL B 73 -0.05 35.44 -0.11
CA VAL B 73 -0.35 35.42 -1.55
C VAL B 73 -0.75 36.83 -2.03
N TYR B 74 0.01 37.85 -1.63
CA TYR B 74 -0.38 39.23 -1.94
C TYR B 74 -0.21 39.55 -3.42
N THR B 75 0.85 39.08 -4.04
CA THR B 75 1.15 39.39 -5.44
C THR B 75 0.67 38.26 -6.34
N ASN B 76 0.46 38.58 -7.62
CA ASN B 76 0.07 37.52 -8.54
C ASN B 76 1.12 36.42 -8.57
N ARG B 77 2.39 36.80 -8.57
CA ARG B 77 3.44 35.78 -8.62
C ARG B 77 3.28 34.78 -7.48
N LYS B 78 3.04 35.28 -6.25
CA LYS B 78 2.90 34.38 -5.12
C LYS B 78 1.58 33.59 -5.19
N MET B 79 0.47 34.26 -5.52
CA MET B 79 -0.79 33.55 -5.66
C MET B 79 -0.66 32.40 -6.65
N ALA B 80 0.03 32.62 -7.78
CA ALA B 80 0.21 31.57 -8.78
C ALA B 80 1.08 30.44 -8.23
N ALA B 81 2.13 30.77 -7.49
CA ALA B 81 2.93 29.71 -6.89
C ALA B 81 2.11 28.87 -5.94
N CYS B 82 1.20 29.48 -5.20
CA CYS B 82 0.34 28.75 -4.28
C CYS B 82 -0.63 27.86 -5.03
N LEU B 83 -1.30 28.40 -6.04
CA LEU B 83 -2.16 27.59 -6.89
C LEU B 83 -1.39 26.44 -7.52
N ARG B 84 -0.18 26.70 -8.01
CA ARG B 84 0.68 25.63 -8.51
C ARG B 84 0.93 24.56 -7.46
N ASP B 85 1.34 24.96 -6.24
CA ASP B 85 1.61 23.96 -5.22
C ASP B 85 0.38 23.12 -4.91
N ALA B 86 -0.80 23.77 -4.81
CA ALA B 86 -2.02 23.02 -4.53
C ALA B 86 -2.24 21.99 -5.62
N GLU B 87 -1.98 22.35 -6.89
CA GLU B 87 -2.11 21.42 -7.99
C GLU B 87 -1.07 20.30 -7.90
N ILE B 88 0.17 20.64 -7.57
CA ILE B 88 1.20 19.61 -7.40
C ILE B 88 0.72 18.57 -6.39
N ILE B 89 0.31 19.04 -5.20
CA ILE B 89 -0.17 18.14 -4.15
C ILE B 89 -1.35 17.31 -4.67
N LEU B 90 -2.32 17.97 -5.32
CA LEU B 90 -3.49 17.26 -5.81
C LEU B 90 -3.09 16.18 -6.79
N ARG B 91 -2.12 16.48 -7.65
CA ARG B 91 -1.68 15.50 -8.64
C ARG B 91 -0.97 14.32 -7.99
N TYR B 92 -0.13 14.57 -6.98
CA TYR B 92 0.44 13.44 -6.23
C TYR B 92 -0.64 12.60 -5.55
N VAL B 93 -1.70 13.25 -5.02
CA VAL B 93 -2.81 12.49 -4.46
C VAL B 93 -3.50 11.68 -5.55
N SER B 94 -3.73 12.26 -6.75
CA SER B 94 -4.38 11.50 -7.83
C SER B 94 -3.57 10.25 -8.20
N TYR B 95 -2.23 10.36 -8.23
CA TYR B 95 -1.39 9.21 -8.52
C TYR B 95 -1.42 8.18 -7.39
N SER B 96 -1.55 8.63 -6.15
CA SER B 96 -1.73 7.72 -5.03
C SER B 96 -3.01 6.92 -5.20
N LEU B 97 -4.09 7.58 -5.61
CA LEU B 97 -5.36 6.88 -5.84
C LEU B 97 -5.26 5.94 -7.05
N LEU B 98 -4.57 6.34 -8.12
CA LEU B 98 -4.36 5.43 -9.25
C LEU B 98 -3.64 4.17 -8.82
N SER B 99 -2.55 4.33 -8.04
N SER B 99 -2.56 4.34 -8.02
CA SER B 99 -1.66 3.23 -7.70
CA SER B 99 -1.66 3.24 -7.67
C SER B 99 -2.06 2.46 -6.44
C SER B 99 -2.11 2.43 -6.47
N GLY B 100 -2.98 2.97 -5.63
CA GLY B 100 -3.36 2.31 -4.39
C GLY B 100 -2.39 2.44 -3.24
N ASP B 101 -1.46 3.38 -3.32
CA ASP B 101 -0.63 3.66 -2.15
C ASP B 101 -0.03 5.06 -2.23
N SER B 102 0.60 5.46 -1.14
CA SER B 102 1.03 6.83 -1.00
C SER B 102 2.55 6.98 -1.01
N SER B 103 3.29 5.99 -1.47
CA SER B 103 4.76 6.03 -1.30
C SER B 103 5.41 7.15 -2.12
N VAL B 104 4.93 7.39 -3.35
CA VAL B 104 5.52 8.44 -4.17
C VAL B 104 5.13 9.81 -3.63
N LEU B 105 3.89 9.97 -3.19
CA LEU B 105 3.48 11.19 -2.53
C LEU B 105 4.39 11.50 -1.34
N GLU B 106 4.58 10.50 -0.47
N GLU B 106 4.61 10.50 -0.49
CA GLU B 106 5.39 10.70 0.72
CA GLU B 106 5.39 10.75 0.72
C GLU B 106 6.81 11.10 0.34
C GLU B 106 6.85 11.02 0.42
N ASP B 107 7.40 10.36 -0.60
CA ASP B 107 8.83 10.51 -0.94
C ASP B 107 9.12 11.76 -1.76
N ARG B 108 8.42 11.97 -2.85
CA ARG B 108 8.76 13.03 -3.80
C ARG B 108 7.99 14.32 -3.58
N CYS B 109 6.90 14.31 -2.80
CA CYS B 109 6.15 15.53 -2.53
C CYS B 109 6.24 15.97 -1.07
N LEU B 110 6.12 15.05 -0.12
CA LEU B 110 6.04 15.46 1.29
C LEU B 110 7.38 15.51 2.02
N ASN B 111 8.36 14.67 1.67
CA ASN B 111 9.58 14.56 2.46
C ASN B 111 10.41 15.82 2.25
N GLY B 112 10.48 16.65 3.28
CA GLY B 112 11.17 17.92 3.22
C GLY B 112 10.25 19.10 2.99
N LEU B 113 8.96 18.88 2.75
CA LEU B 113 8.10 19.98 2.32
C LEU B 113 7.79 20.94 3.46
N LYS B 114 7.47 20.43 4.66
CA LYS B 114 7.25 21.33 5.80
C LYS B 114 8.46 22.22 6.05
N GLU B 115 9.66 21.65 5.97
N GLU B 115 9.66 21.65 6.00
CA GLU B 115 10.88 22.42 6.20
CA GLU B 115 10.88 22.43 6.20
C GLU B 115 11.10 23.48 5.12
C GLU B 115 11.05 23.50 5.13
N THR B 116 10.75 23.16 3.87
CA THR B 116 10.84 24.15 2.82
C THR B 116 9.85 25.29 3.07
N TYR B 117 8.60 24.96 3.42
CA TYR B 117 7.64 26.01 3.66
C TYR B 117 8.02 26.87 4.86
N ALA B 118 8.62 26.27 5.92
CA ALA B 118 9.12 27.08 7.04
C ALA B 118 10.20 28.04 6.56
N SER B 119 11.13 27.54 5.74
N SER B 119 11.12 27.54 5.73
N SER B 119 11.13 27.55 5.74
CA SER B 119 12.21 28.37 5.23
CA SER B 119 12.20 28.38 5.23
CA SER B 119 12.20 28.41 5.26
C SER B 119 11.66 29.53 4.40
C SER B 119 11.66 29.52 4.38
C SER B 119 11.64 29.55 4.40
N LEU B 120 10.59 29.29 3.64
CA LEU B 120 10.01 30.31 2.79
C LEU B 120 9.03 31.23 3.50
N GLY B 121 8.58 30.89 4.70
CA GLY B 121 7.54 31.66 5.35
C GLY B 121 6.15 31.42 4.80
N VAL B 122 5.91 30.28 4.17
CA VAL B 122 4.57 29.96 3.68
C VAL B 122 3.72 29.53 4.88
N PRO B 123 2.58 30.18 5.14
CA PRO B 123 1.89 29.93 6.41
C PRO B 123 1.19 28.58 6.46
N ALA B 124 1.42 27.86 7.56
CA ALA B 124 0.89 26.52 7.73
C ALA B 124 -0.63 26.51 7.86
N ALA B 125 -1.22 27.53 8.49
CA ALA B 125 -2.67 27.53 8.67
C ALA B 125 -3.37 27.62 7.31
N GLY B 126 -2.85 28.47 6.42
CA GLY B 126 -3.42 28.60 5.09
C GLY B 126 -3.28 27.33 4.30
N ASN B 127 -2.13 26.67 4.41
N ASN B 127 -2.10 26.70 4.38
CA ASN B 127 -1.97 25.40 3.72
CA ASN B 127 -1.90 25.40 3.73
C ASN B 127 -2.95 24.37 4.23
C ASN B 127 -2.93 24.38 4.22
N ALA B 128 -3.13 24.31 5.55
CA ALA B 128 -4.05 23.33 6.11
C ALA B 128 -5.44 23.53 5.57
N ARG B 129 -5.87 24.79 5.39
CA ARG B 129 -7.22 25.03 4.88
C ARG B 129 -7.33 24.74 3.39
N THR B 130 -6.34 25.11 2.59
CA THR B 130 -6.38 24.69 1.20
C THR B 130 -6.52 23.16 1.11
N ILE B 131 -5.75 22.42 1.92
CA ILE B 131 -5.81 20.96 1.88
C ILE B 131 -7.18 20.45 2.31
N SER B 132 -7.73 20.98 3.41
CA SER B 132 -9.01 20.45 3.87
C SER B 132 -10.13 20.74 2.86
N ILE B 133 -10.10 21.90 2.21
CA ILE B 133 -11.09 22.16 1.15
C ILE B 133 -10.86 21.23 -0.04
N MET B 134 -9.60 21.02 -0.45
N MET B 134 -9.61 21.02 -0.41
CA MET B 134 -9.36 20.09 -1.56
CA MET B 134 -9.32 20.11 -1.51
C MET B 134 -9.87 18.69 -1.23
C MET B 134 -9.88 18.72 -1.22
N LYS B 135 -9.65 18.24 0.00
CA LYS B 135 -10.15 16.94 0.42
C LYS B 135 -11.66 16.87 0.29
N ALA B 136 -12.35 17.89 0.84
CA ALA B 136 -13.82 17.89 0.79
C ALA B 136 -14.32 17.92 -0.64
N THR B 137 -13.67 18.73 -1.48
CA THR B 137 -14.09 18.90 -2.87
C THR B 137 -13.91 17.60 -3.63
N VAL B 138 -12.76 16.96 -3.43
CA VAL B 138 -12.50 15.69 -4.12
C VAL B 138 -13.51 14.63 -3.68
N ILE B 139 -13.79 14.54 -2.37
CA ILE B 139 -14.77 13.55 -1.92
C ILE B 139 -16.14 13.85 -2.53
N GLY B 140 -16.47 15.14 -2.64
CA GLY B 140 -17.72 15.53 -3.29
C GLY B 140 -17.81 15.07 -4.75
N PHE B 141 -16.74 15.30 -5.51
CA PHE B 141 -16.75 14.89 -6.93
C PHE B 141 -16.77 13.38 -7.08
N ILE B 142 -16.00 12.66 -6.25
CA ILE B 142 -15.92 11.20 -6.34
C ILE B 142 -17.28 10.59 -6.11
N THR B 143 -17.99 11.04 -5.07
CA THR B 143 -19.31 10.58 -4.71
C THR B 143 -20.44 11.25 -5.50
N ASN B 144 -20.14 12.10 -6.51
CA ASN B 144 -21.16 12.76 -7.33
C ASN B 144 -22.09 13.63 -6.49
N ASN B 145 -21.56 14.22 -5.39
CA ASN B 145 -22.26 15.20 -4.56
C ASN B 145 -21.81 16.63 -4.83
N SER B 146 -21.14 16.83 -5.94
CA SER B 146 -20.77 18.14 -6.45
C SER B 146 -22.00 18.75 -7.09
N GLN B 147 -22.34 19.97 -6.70
CA GLN B 147 -23.65 20.49 -7.04
C GLN B 147 -23.71 21.21 -8.37
N GLN B 148 -22.59 21.76 -8.83
N GLN B 148 -22.58 21.75 -8.82
CA GLN B 148 -22.55 22.45 -10.11
CA GLN B 148 -22.51 22.46 -10.10
C GLN B 148 -22.01 21.58 -11.25
C GLN B 148 -21.94 21.61 -11.23
N LYS B 149 -21.41 20.44 -10.93
CA LYS B 149 -20.81 19.60 -11.97
CA LYS B 149 -20.81 19.60 -11.97
C LYS B 149 -20.89 18.15 -11.53
N LYS B 150 -21.89 17.45 -12.02
CA LYS B 150 -21.99 16.03 -11.80
C LYS B 150 -21.14 15.33 -12.86
N LEU B 151 -20.86 14.08 -12.58
CA LEU B 151 -20.10 13.24 -13.47
C LEU B 151 -20.94 12.03 -13.80
N SER B 152 -20.89 11.58 -15.05
CA SER B 152 -21.64 10.39 -15.46
C SER B 152 -20.82 9.15 -15.12
N THR B 153 -21.38 8.26 -14.34
CA THR B 153 -20.80 6.97 -14.04
C THR B 153 -21.92 5.98 -13.83
N PRO B 154 -21.66 4.71 -13.99
CA PRO B 154 -22.69 3.71 -13.67
C PRO B 154 -23.11 3.82 -12.22
N ALA B 155 -24.39 3.52 -11.96
CA ALA B 155 -24.93 3.66 -10.61
C ALA B 155 -24.20 2.79 -9.62
N GLY B 156 -23.85 3.36 -8.47
CA GLY B 156 -23.26 2.59 -7.39
C GLY B 156 -22.70 3.45 -6.27
N ASP B 157 -21.70 2.90 -5.61
CA ASP B 157 -21.21 3.37 -4.31
C ASP B 157 -19.69 3.45 -4.41
N CYS B 158 -19.14 4.65 -4.23
CA CYS B 158 -17.70 4.88 -4.22
C CYS B 158 -17.21 5.31 -2.84
N SER B 159 -17.90 4.91 -1.78
CA SER B 159 -17.55 5.38 -0.44
C SER B 159 -16.18 4.89 -0.02
N ALA B 160 -15.80 3.66 -0.39
CA ALA B 160 -14.51 3.13 0.05
C ALA B 160 -13.37 3.91 -0.60
N LEU B 161 -13.50 4.21 -1.89
CA LEU B 161 -12.45 4.98 -2.55
C LEU B 161 -12.41 6.42 -2.05
N ALA B 162 -13.56 6.98 -1.67
CA ALA B 162 -13.54 8.30 -1.06
C ALA B 162 -12.80 8.28 0.27
N SER B 163 -13.03 7.25 1.08
N SER B 163 -13.03 7.25 1.09
CA SER B 163 -12.29 7.14 2.34
CA SER B 163 -12.29 7.13 2.33
C SER B 163 -10.80 6.98 2.07
C SER B 163 -10.80 7.02 2.04
N GLU B 164 -10.43 6.18 1.08
CA GLU B 164 -9.04 5.98 0.75
C GLU B 164 -8.37 7.29 0.35
N VAL B 165 -9.00 8.06 -0.55
CA VAL B 165 -8.39 9.32 -0.96
C VAL B 165 -8.32 10.28 0.20
N GLY B 166 -9.32 10.26 1.09
CA GLY B 166 -9.24 11.12 2.26
C GLY B 166 -8.02 10.82 3.10
N GLY B 167 -7.67 9.54 3.22
CA GLY B 167 -6.47 9.17 3.96
C GLY B 167 -5.20 9.74 3.33
N TYR B 168 -5.15 9.80 1.99
CA TYR B 168 -3.97 10.39 1.34
C TYR B 168 -3.90 11.88 1.63
N PHE B 169 -5.03 12.58 1.61
CA PHE B 169 -5.01 13.99 1.99
C PHE B 169 -4.58 14.15 3.44
N ASP B 170 -5.01 13.22 4.31
CA ASP B 170 -4.62 13.27 5.72
C ASP B 170 -3.12 13.11 5.89
N LYS B 171 -2.47 12.33 5.04
N LYS B 171 -2.48 12.30 5.07
CA LYS B 171 -1.00 12.26 5.09
CA LYS B 171 -1.02 12.25 5.07
C LYS B 171 -0.37 13.61 4.73
C LYS B 171 -0.40 13.60 4.75
N VAL B 172 -0.97 14.34 3.80
CA VAL B 172 -0.45 15.67 3.47
C VAL B 172 -0.64 16.61 4.66
N SER B 173 -1.85 16.63 5.21
N SER B 173 -1.85 16.65 5.22
CA SER B 173 -2.10 17.49 6.37
CA SER B 173 -2.08 17.59 6.32
C SER B 173 -1.14 17.21 7.50
C SER B 173 -1.24 17.25 7.54
N SER B 174 -0.97 15.93 7.87
N SER B 174 -0.97 15.96 7.79
N SER B 174 -0.94 15.89 7.73
CA SER B 174 -0.10 15.59 8.99
CA SER B 174 -0.15 15.60 8.93
CA SER B 174 -0.14 15.49 8.88
C SER B 174 1.33 16.00 8.71
C SER B 174 1.31 15.97 8.69
C SER B 174 1.28 15.97 8.69
N ALA B 175 1.78 15.83 7.46
CA ALA B 175 3.16 16.22 7.15
C ALA B 175 3.36 17.72 7.26
N LEU B 176 2.36 18.53 6.93
CA LEU B 176 2.53 19.97 6.84
C LEU B 176 2.06 20.73 8.07
N ALA B 177 1.43 20.05 9.01
CA ALA B 177 1.06 20.67 10.27
C ALA B 177 2.37 20.91 11.02
N ALA C 1 -14.95 33.84 -48.36
CA ALA C 1 -15.87 32.69 -48.15
C ALA C 1 -15.47 31.94 -46.90
N MET C 2 -16.42 31.22 -46.32
CA MET C 2 -16.13 30.27 -45.26
C MET C 2 -15.49 29.01 -45.84
N ARG C 3 -14.26 28.71 -45.40
CA ARG C 3 -13.41 27.72 -46.08
C ARG C 3 -13.50 26.28 -45.61
N LYZ C 4 -14.31 26.05 -44.59
CA LYZ C 4 -14.51 24.71 -44.07
C LYZ C 4 -13.26 24.10 -43.48
O LYZ C 4 -13.12 22.88 -43.37
CB LYZ C 4 -15.13 23.73 -45.08
CG LYZ C 4 -16.41 24.28 -45.65
CD LYZ C 4 -16.97 23.39 -46.76
CE LYZ C 4 -18.15 24.10 -47.43
NZ LYZ C 4 -18.66 23.47 -48.62
OH LYZ C 4 -17.37 22.13 -46.25
HA LYZ C 4 -15.18 24.81 -43.16
HB2 LYZ C 4 -15.33 22.75 -44.57
HB3 LYZ C 4 -14.39 23.54 -45.91
HG2 LYZ C 4 -16.23 25.31 -46.08
HG3 LYZ C 4 -17.18 24.38 -44.85
HD LYZ C 4 -16.16 23.13 -47.51
HE2 LYZ C 4 -17.82 25.14 -47.71
HE3 LYZ C 4 -18.99 24.18 -46.69
HZ1 LYZ C 4 -18.89 22.51 -48.43
HZ2 LYZ C 4 -19.47 23.94 -48.95
HH LYZ C 4 -17.62 21.58 -47.00
N ASP C 5 -12.31 24.96 -43.03
CA ASP C 5 -11.06 24.49 -42.45
C ASP C 5 -10.97 24.80 -40.97
N ALA C 6 -12.05 25.31 -40.38
CA ALA C 6 -12.15 25.56 -38.96
C ALA C 6 -11.13 26.57 -38.44
N LYS C 7 -10.51 27.36 -39.31
CA LYS C 7 -9.53 28.34 -38.84
C LYS C 7 -10.22 29.62 -38.40
N ALA C 8 -9.80 30.14 -37.27
CA ALA C 8 -10.39 31.35 -36.70
C ALA C 8 -9.30 32.22 -36.12
N PRO C 9 -9.60 33.51 -35.91
CA PRO C 9 -8.58 34.38 -35.29
C PRO C 9 -8.55 34.22 -33.78
N TYR C 10 -7.42 33.73 -33.28
CA TYR C 10 -7.16 33.66 -31.85
C TYR C 10 -6.52 34.97 -31.40
N VAL C 11 -7.27 35.73 -30.62
CA VAL C 11 -6.80 36.99 -30.05
C VAL C 11 -6.50 36.74 -28.59
N THR C 12 -5.32 37.18 -28.14
CA THR C 12 -4.96 37.10 -26.73
C THR C 12 -4.52 38.48 -26.26
N VAL C 13 -5.11 38.94 -25.15
CA VAL C 13 -4.88 40.27 -24.58
C VAL C 13 -4.16 40.07 -23.28
N PHE C 14 -2.93 40.56 -23.19
CA PHE C 14 -2.13 40.36 -22.00
C PHE C 14 -2.12 41.63 -21.15
N ASP C 15 -2.33 41.46 -19.84
CA ASP C 15 -2.21 42.55 -18.86
C ASP C 15 -1.43 41.95 -17.69
N GLU C 16 -0.13 42.22 -17.69
CA GLU C 16 0.82 41.74 -16.70
C GLU C 16 1.32 42.88 -15.83
N ARG C 17 0.47 43.87 -15.58
CA ARG C 17 0.91 45.05 -14.85
C ARG C 17 1.18 44.76 -13.38
N ASP C 18 0.82 43.57 -12.89
CA ASP C 18 1.26 43.13 -11.57
C ASP C 18 2.77 42.99 -11.47
N GLY C 19 3.48 42.83 -12.60
CA GLY C 19 4.93 42.77 -12.61
C GLY C 19 5.53 41.42 -12.97
N CYS C 20 4.74 40.34 -13.00
CA CYS C 20 5.27 39.02 -13.32
C CYS C 20 5.14 38.80 -14.83
N GLY C 21 6.27 38.86 -15.52
CA GLY C 21 6.26 38.91 -16.97
C GLY C 21 6.32 37.53 -17.61
N GLY C 22 5.61 37.40 -18.71
CA GLY C 22 5.79 36.29 -19.60
C GLY C 22 6.95 36.51 -20.56
N PRO C 23 7.12 35.56 -21.47
CA PRO C 23 8.17 35.68 -22.49
C PRO C 23 7.99 36.93 -23.33
N THR C 24 9.11 37.57 -23.68
CA THR C 24 9.09 38.75 -24.53
C THR C 24 8.93 38.37 -25.99
N LYS C 25 7.91 38.96 -26.63
CA LYS C 25 7.62 38.69 -28.02
C LYS C 25 7.48 39.96 -28.84
N ALA C 26 7.57 41.14 -28.22
CA ALA C 26 7.55 42.39 -28.95
C ALA C 26 8.29 43.41 -28.11
N GLY C 27 8.72 44.49 -28.75
CA GLY C 27 9.21 45.61 -28.01
C GLY C 27 8.09 46.30 -27.27
N GLY C 28 8.44 47.00 -26.20
CA GLY C 28 7.53 47.99 -25.63
C GLY C 28 7.12 47.74 -24.21
N ASN C 29 7.55 46.64 -23.61
CA ASN C 29 7.21 46.34 -22.23
C ASN C 29 7.96 47.27 -21.30
N SER C 30 7.61 48.55 -21.35
CA SER C 30 8.33 49.60 -20.65
C SER C 30 7.46 50.87 -20.63
N GLY C 31 7.84 51.80 -19.78
CA GLY C 31 7.15 53.09 -19.77
C GLY C 31 5.66 52.92 -19.58
N ASP C 32 4.88 53.71 -20.32
CA ASP C 32 3.43 53.69 -20.10
C ASP C 32 2.77 52.41 -20.59
N ASN C 33 3.45 51.64 -21.43
CA ASN C 33 2.87 50.40 -21.94
C ASN C 33 3.37 49.17 -21.21
N LYS C 34 4.02 49.35 -20.05
CA LYS C 34 4.48 48.20 -19.28
C LYS C 34 3.35 47.22 -19.08
N GLY C 35 3.62 45.95 -19.39
CA GLY C 35 2.73 44.86 -19.05
C GLY C 35 1.59 44.63 -20.01
N LEU C 36 1.50 45.38 -21.10
CA LEU C 36 0.40 45.27 -22.05
C LEU C 36 0.87 44.76 -23.41
N CYS C 37 0.10 43.84 -23.98
CA CYS C 37 0.44 43.27 -25.28
C CYS C 37 -0.80 42.64 -25.88
N VAL C 38 -0.90 42.66 -27.20
CA VAL C 38 -1.94 41.94 -27.91
C VAL C 38 -1.29 41.00 -28.92
N LYS C 39 -1.85 39.79 -29.01
CA LYS C 39 -1.41 38.78 -29.96
C LYS C 39 -2.61 38.32 -30.78
N VAL C 40 -2.38 38.10 -32.08
CA VAL C 40 -3.35 37.48 -32.98
C VAL C 40 -2.64 36.41 -33.79
N ALA C 41 -3.27 35.23 -33.88
CA ALA C 41 -2.89 34.14 -34.76
C ALA C 41 -4.15 33.67 -35.47
N MET C 42 -3.98 33.04 -36.63
CA MET C 42 -5.11 32.53 -37.42
C MET C 42 -4.89 31.02 -37.54
N LYS C 43 -5.67 30.23 -36.81
CA LYS C 43 -5.38 28.80 -36.79
C LYS C 43 -6.65 28.02 -36.53
N LYS C 44 -6.55 26.72 -36.82
CA LYS C 44 -7.67 25.81 -36.62
C LYS C 44 -8.11 25.77 -35.17
N VAL C 45 -9.42 25.84 -34.94
CA VAL C 45 -9.98 25.53 -33.63
C VAL C 45 -10.07 24.00 -33.54
N ALA C 46 -9.09 23.39 -32.86
CA ALA C 46 -9.00 21.95 -32.72
C ALA C 46 -9.81 21.47 -31.53
N TYR C 47 -10.15 20.17 -31.53
CA TYR C 47 -10.82 19.56 -30.39
C TYR C 47 -9.91 19.40 -29.19
N GLY C 48 -8.62 19.35 -29.40
CA GLY C 48 -7.69 19.28 -28.28
C GLY C 48 -6.29 19.44 -28.82
N GLU C 49 -5.33 19.42 -27.91
CA GLU C 49 -3.94 19.62 -28.32
C GLU C 49 -3.04 19.25 -27.15
N GLY C 50 -1.83 18.81 -27.47
CA GLY C 50 -0.88 18.55 -26.39
C GLY C 50 -1.35 17.48 -25.44
N GLY C 51 -2.25 16.60 -25.91
CA GLY C 51 -2.78 15.52 -25.13
C GLY C 51 -3.96 15.89 -24.27
N VAL C 52 -4.39 17.13 -24.33
CA VAL C 52 -5.51 17.60 -23.51
C VAL C 52 -6.74 17.70 -24.40
N ASP C 53 -7.73 16.87 -24.13
CA ASP C 53 -8.99 16.84 -24.90
C ASP C 53 -9.91 17.93 -24.39
N ARG C 54 -9.62 19.17 -24.81
CA ARG C 54 -10.32 20.33 -24.28
C ARG C 54 -11.80 20.33 -24.65
N ILE C 55 -12.11 20.17 -25.93
CA ILE C 55 -13.49 20.25 -26.30
C ILE C 55 -14.22 18.94 -25.97
N GLY C 56 -13.53 17.79 -26.02
CA GLY C 56 -14.17 16.55 -25.60
C GLY C 56 -14.64 16.61 -24.16
N GLU C 57 -13.84 17.23 -23.29
CA GLU C 57 -14.26 17.36 -21.89
C GLU C 57 -15.44 18.29 -21.76
N MET C 58 -15.45 19.37 -22.54
N MET C 58 -15.44 19.37 -22.54
CA MET C 58 -16.61 20.26 -22.56
CA MET C 58 -16.59 20.26 -22.59
C MET C 58 -17.87 19.54 -23.04
C MET C 58 -17.85 19.50 -23.00
N ALA C 59 -17.73 18.63 -24.01
CA ALA C 59 -18.89 17.89 -24.50
C ALA C 59 -19.40 16.93 -23.43
N ARG C 60 -18.50 16.21 -22.76
N ARG C 60 -18.49 16.24 -22.74
CA ARG C 60 -18.93 15.33 -21.67
CA ARG C 60 -18.91 15.31 -21.68
C ARG C 60 -19.73 16.12 -20.67
C ARG C 60 -19.66 16.07 -20.59
N ASP C 61 -19.23 17.31 -20.32
CA ASP C 61 -19.92 18.11 -19.31
C ASP C 61 -21.31 18.49 -19.75
N VAL C 62 -21.49 18.88 -21.01
CA VAL C 62 -22.83 19.28 -21.45
C VAL C 62 -23.81 18.14 -21.26
N PHE C 63 -23.43 16.92 -21.66
CA PHE C 63 -24.37 15.81 -21.61
C PHE C 63 -24.94 15.63 -20.22
N VAL C 64 -24.13 15.85 -19.18
CA VAL C 64 -24.52 15.56 -17.81
C VAL C 64 -25.04 16.81 -17.13
N ASN C 65 -24.52 17.98 -17.50
CA ASN C 65 -24.74 19.20 -16.70
C ASN C 65 -25.42 20.33 -17.46
N TYR C 66 -26.12 20.03 -18.57
CA TYR C 66 -26.81 21.09 -19.27
C TYR C 66 -27.91 21.76 -18.45
N ASP C 67 -28.43 21.07 -17.44
CA ASP C 67 -29.41 21.61 -16.51
C ASP C 67 -28.82 22.49 -15.42
N LYS C 68 -27.50 22.61 -15.35
N LYS C 68 -27.49 22.59 -15.33
CA LYS C 68 -26.84 23.51 -14.41
CA LYS C 68 -26.85 23.52 -14.42
C LYS C 68 -26.62 24.87 -15.07
C LYS C 68 -26.74 24.88 -15.09
N GLN C 69 -26.64 25.92 -14.25
CA GLN C 69 -26.44 27.29 -14.73
C GLN C 69 -25.18 27.85 -14.09
N ARG C 70 -24.08 27.80 -14.84
CA ARG C 70 -22.80 28.21 -14.28
C ARG C 70 -22.69 29.72 -14.14
N GLY C 71 -23.65 30.48 -14.67
CA GLY C 71 -23.65 31.90 -14.53
C GLY C 71 -24.33 32.46 -13.29
N LYS C 72 -24.85 31.60 -12.41
CA LYS C 72 -25.40 32.02 -11.12
C LYS C 72 -24.85 31.21 -9.96
N ASP D 3 -3.69 46.50 -41.23
CA ASP D 3 -2.54 46.54 -40.32
C ASP D 3 -1.86 45.15 -40.18
N ALA D 4 -0.93 45.03 -39.24
CA ALA D 4 -0.18 43.77 -39.10
C ALA D 4 -1.11 42.62 -38.76
N PHE D 5 -2.14 42.87 -37.96
CA PHE D 5 -3.06 41.79 -37.65
C PHE D 5 -3.89 41.39 -38.87
N SER D 6 -4.25 42.35 -39.74
CA SER D 6 -4.95 41.99 -40.98
C SER D 6 -4.13 41.01 -41.79
N LYS D 7 -2.81 41.20 -41.84
CA LYS D 7 -1.94 40.35 -42.63
C LYS D 7 -1.82 38.95 -42.04
N VAL D 8 -1.95 38.82 -40.71
CA VAL D 8 -2.02 37.49 -40.10
C VAL D 8 -3.24 36.72 -40.60
N ILE D 9 -4.39 37.39 -40.71
CA ILE D 9 -5.60 36.71 -41.16
C ILE D 9 -5.40 36.15 -42.56
N THR D 10 -4.73 36.92 -43.43
CA THR D 10 -4.61 36.57 -44.83
C THR D 10 -3.33 35.82 -45.16
N SER D 11 -2.38 35.70 -44.23
CA SER D 11 -1.14 35.00 -44.49
C SER D 11 -1.40 33.52 -44.76
N ALA D 12 -0.46 32.89 -45.47
CA ALA D 12 -0.63 31.48 -45.78
C ALA D 12 -0.66 30.60 -44.52
N ASP D 13 0.10 30.95 -43.47
CA ASP D 13 0.24 30.08 -42.31
C ASP D 13 -0.39 30.59 -41.02
N GLY D 14 -0.89 31.82 -41.00
CA GLY D 14 -1.54 32.37 -39.82
C GLY D 14 -0.65 32.53 -38.59
N LYS D 15 0.67 32.55 -38.75
CA LYS D 15 1.54 32.56 -37.58
C LYS D 15 1.37 33.86 -36.79
N ALA D 16 1.55 33.77 -35.48
CA ALA D 16 1.14 34.87 -34.62
C ALA D 16 1.96 36.13 -34.84
N ALA D 17 1.30 37.27 -34.69
CA ALA D 17 1.95 38.57 -34.57
C ALA D 17 1.59 39.18 -33.22
N TYR D 18 2.48 40.05 -32.74
CA TYR D 18 2.34 40.66 -31.45
C TYR D 18 2.48 42.17 -31.56
N VAL D 19 1.74 42.90 -30.72
CA VAL D 19 1.81 44.35 -30.66
C VAL D 19 1.95 44.80 -29.21
N GLY D 20 3.02 45.56 -28.94
CA GLY D 20 3.24 46.18 -27.66
C GLY D 20 3.77 47.59 -27.82
N GLY D 21 4.02 48.25 -26.68
CA GLY D 21 4.73 49.52 -26.69
C GLY D 21 4.03 50.55 -27.55
N ALA D 22 4.85 51.31 -28.28
CA ALA D 22 4.35 52.38 -29.13
C ALA D 22 3.36 51.87 -30.16
N ASP D 23 3.61 50.67 -30.71
CA ASP D 23 2.71 50.08 -31.70
C ASP D 23 1.33 49.81 -31.10
N LEU D 24 1.28 49.37 -29.84
CA LEU D 24 0.00 49.18 -29.17
C LEU D 24 -0.70 50.52 -28.91
N GLN D 25 0.08 51.55 -28.58
CA GLN D 25 -0.48 52.93 -28.43
C GLN D 25 -1.09 53.33 -29.78
N ALA D 26 -0.41 53.03 -30.88
CA ALA D 26 -0.92 53.41 -32.20
C ALA D 26 -2.17 52.61 -32.55
N LEU D 27 -2.15 51.30 -32.33
CA LEU D 27 -3.33 50.48 -32.56
C LEU D 27 -4.55 51.04 -31.85
N LYS D 28 -4.40 51.45 -30.60
CA LYS D 28 -5.55 51.92 -29.82
C LYS D 28 -6.11 53.23 -30.34
N LYS D 29 -5.26 54.10 -30.92
CA LYS D 29 -5.75 55.35 -31.46
C LYS D 29 -6.76 55.13 -32.57
N PHE D 30 -6.49 54.19 -33.46
CA PHE D 30 -7.26 54.02 -34.68
C PHE D 30 -8.62 53.37 -34.43
N VAL D 31 -8.90 52.93 -33.21
CA VAL D 31 -10.22 52.45 -32.82
C VAL D 31 -10.73 53.32 -31.67
N SER D 32 -12.04 53.35 -31.51
CA SER D 32 -12.63 54.12 -30.42
C SER D 32 -12.42 53.41 -29.08
N GLU D 33 -12.29 54.21 -28.01
CA GLU D 33 -12.25 53.70 -26.64
C GLU D 33 -11.27 52.54 -26.50
N GLY D 34 -10.04 52.76 -26.98
CA GLY D 34 -9.09 51.67 -27.12
C GLY D 34 -8.94 50.82 -25.88
N ASN D 35 -8.76 51.47 -24.72
CA ASN D 35 -8.48 50.70 -23.50
C ASN D 35 -9.67 49.86 -23.09
N LYS D 36 -10.86 50.47 -23.01
CA LYS D 36 -12.05 49.69 -22.70
C LYS D 36 -12.28 48.61 -23.74
N ARG D 37 -11.89 48.87 -24.99
CA ARG D 37 -12.08 47.88 -26.05
C ARG D 37 -11.18 46.67 -25.83
N MET D 38 -9.92 46.90 -25.47
CA MET D 38 -9.03 45.78 -25.17
C MET D 38 -9.56 44.98 -23.98
N ASP D 39 -10.09 45.68 -22.96
CA ASP D 39 -10.72 44.99 -21.84
C ASP D 39 -11.91 44.15 -22.28
N SER D 40 -12.67 44.66 -23.25
CA SER D 40 -13.86 43.93 -23.73
C SER D 40 -13.46 42.70 -24.52
N VAL D 41 -12.46 42.82 -25.40
CA VAL D 41 -11.95 41.65 -26.10
C VAL D 41 -11.44 40.63 -25.10
N ASN D 42 -10.68 41.08 -24.09
CA ASN D 42 -10.16 40.18 -23.07
C ASN D 42 -11.29 39.44 -22.36
N ALA D 43 -12.36 40.16 -22.02
CA ALA D 43 -13.51 39.52 -21.36
C ALA D 43 -14.04 38.35 -22.19
N ILE D 44 -14.02 38.48 -23.51
CA ILE D 44 -14.54 37.44 -24.38
C ILE D 44 -13.56 36.27 -24.42
N VAL D 45 -12.30 36.54 -24.80
CA VAL D 45 -11.41 35.43 -25.06
C VAL D 45 -10.98 34.72 -23.78
N SER D 46 -10.83 35.45 -22.68
N SER D 46 -10.84 35.45 -22.68
CA SER D 46 -10.43 34.82 -21.43
CA SER D 46 -10.40 34.78 -21.44
C SER D 46 -11.49 33.86 -20.91
C SER D 46 -11.54 34.02 -20.77
N ASN D 47 -12.74 34.08 -21.30
CA ASN D 47 -13.87 33.31 -20.81
C ASN D 47 -14.50 32.49 -21.91
N ALA D 48 -13.71 32.12 -22.91
CA ALA D 48 -14.27 31.46 -24.10
C ALA D 48 -14.89 30.11 -23.79
N SER D 49 -14.25 29.29 -22.96
N SER D 49 -14.25 29.29 -22.95
CA SER D 49 -14.83 28.00 -22.58
CA SER D 49 -14.85 28.00 -22.59
C SER D 49 -16.17 28.21 -21.88
C SER D 49 -16.18 28.21 -21.88
N CYS D 50 -16.22 29.12 -20.91
CA CYS D 50 -17.44 29.41 -20.16
C CYS D 50 -18.54 29.89 -21.09
N ILE D 51 -18.23 30.84 -21.96
CA ILE D 51 -19.25 31.43 -22.80
C ILE D 51 -19.84 30.39 -23.73
N VAL D 52 -18.98 29.63 -24.41
CA VAL D 52 -19.43 28.58 -25.31
C VAL D 52 -20.21 27.51 -24.55
N SER D 53 -19.67 27.05 -23.43
CA SER D 53 -20.35 26.01 -22.64
C SER D 53 -21.76 26.45 -22.22
N ASP D 54 -21.89 27.65 -21.63
CA ASP D 54 -23.20 28.10 -21.18
C ASP D 54 -24.15 28.23 -22.35
N SER D 55 -23.66 28.67 -23.50
CA SER D 55 -24.55 28.92 -24.63
C SER D 55 -25.08 27.62 -25.22
N VAL D 56 -24.19 26.70 -25.54
CA VAL D 56 -24.60 25.39 -26.05
C VAL D 56 -25.40 24.64 -25.00
N SER D 57 -25.03 24.73 -23.72
CA SER D 57 -25.82 24.10 -22.68
C SER D 57 -27.23 24.68 -22.62
N GLY D 58 -27.36 25.99 -22.81
CA GLY D 58 -28.68 26.61 -22.82
C GLY D 58 -29.52 26.10 -23.97
N MET D 59 -28.90 25.93 -25.13
N MET D 59 -28.91 25.95 -25.15
CA MET D 59 -29.62 25.35 -26.26
CA MET D 59 -29.62 25.32 -26.26
C MET D 59 -30.18 23.98 -25.89
C MET D 59 -30.21 24.00 -25.83
N VAL D 60 -29.36 23.14 -25.26
CA VAL D 60 -29.76 21.79 -24.92
C VAL D 60 -30.83 21.79 -23.83
N CYS D 61 -30.65 22.60 -22.78
CA CYS D 61 -31.63 22.56 -21.69
C CYS D 61 -32.99 23.09 -22.14
N GLU D 62 -33.00 23.99 -23.13
CA GLU D 62 -34.28 24.39 -23.71
C GLU D 62 -34.85 23.31 -24.63
N ASN D 63 -34.05 22.32 -25.04
CA ASN D 63 -34.50 21.26 -25.94
C ASN D 63 -33.71 19.96 -25.75
N PRO D 64 -33.99 19.20 -24.68
CA PRO D 64 -33.14 18.03 -24.37
C PRO D 64 -33.22 16.89 -25.37
N SER D 65 -34.15 16.94 -26.32
CA SER D 65 -34.16 15.91 -27.35
C SER D 65 -32.84 15.88 -28.09
N LEU D 66 -32.12 17.01 -28.11
CA LEU D 66 -30.89 17.13 -28.88
C LEU D 66 -29.84 16.11 -28.45
N ILE D 67 -29.90 15.63 -27.22
CA ILE D 67 -28.94 14.64 -26.76
C ILE D 67 -29.57 13.25 -26.60
N ALA D 68 -30.82 13.06 -27.00
CA ALA D 68 -31.36 11.70 -27.01
C ALA D 68 -30.99 11.03 -28.32
N PRO D 69 -31.05 9.70 -28.39
CA PRO D 69 -30.81 9.02 -29.66
C PRO D 69 -31.68 9.66 -30.72
N ASN D 70 -31.12 9.86 -31.89
CA ASN D 70 -31.81 10.55 -32.98
C ASN D 70 -31.70 12.05 -32.81
N GLY D 71 -30.79 12.51 -31.96
CA GLY D 71 -30.62 13.92 -31.68
C GLY D 71 -29.38 14.48 -32.35
N GLY D 72 -29.42 15.79 -32.61
CA GLY D 72 -28.42 16.46 -33.43
C GLY D 72 -27.08 16.65 -32.76
N VAL D 73 -27.03 16.61 -31.45
CA VAL D 73 -25.75 16.55 -30.75
C VAL D 73 -25.74 15.34 -29.82
N TYR D 74 -26.27 14.21 -30.28
CA TYR D 74 -26.37 13.01 -29.46
C TYR D 74 -25.01 12.42 -29.16
N THR D 75 -24.14 12.29 -30.17
CA THR D 75 -22.81 11.70 -29.97
C THR D 75 -21.80 12.74 -29.51
N ASN D 76 -20.77 12.25 -28.80
CA ASN D 76 -19.75 13.17 -28.36
C ASN D 76 -19.12 13.90 -29.55
N ARG D 77 -18.94 13.18 -30.65
CA ARG D 77 -18.30 13.80 -31.80
C ARG D 77 -19.11 14.99 -32.28
N LYS D 78 -20.43 14.84 -32.35
CA LYS D 78 -21.25 15.95 -32.83
C LYS D 78 -21.34 17.08 -31.82
N MET D 79 -21.51 16.76 -30.53
CA MET D 79 -21.53 17.80 -29.51
C MET D 79 -20.27 18.63 -29.57
N ALA D 80 -19.14 17.97 -29.74
CA ALA D 80 -17.87 18.69 -29.79
C ALA D 80 -17.77 19.56 -31.03
N ALA D 81 -18.27 19.07 -32.19
CA ALA D 81 -18.28 19.90 -33.37
C ALA D 81 -19.12 21.14 -33.17
N CYS D 82 -20.24 21.01 -32.44
CA CYS D 82 -21.09 22.16 -32.18
C CYS D 82 -20.40 23.14 -31.24
N LEU D 83 -19.77 22.65 -30.17
CA LEU D 83 -19.02 23.52 -29.27
C LEU D 83 -17.87 24.20 -30.00
N ARG D 84 -17.18 23.47 -30.86
CA ARG D 84 -16.14 24.06 -31.69
C ARG D 84 -16.68 25.20 -32.56
N ASP D 85 -17.79 24.95 -33.27
CA ASP D 85 -18.37 25.99 -34.11
C ASP D 85 -18.76 27.22 -33.30
N ALA D 86 -19.36 27.03 -32.12
CA ALA D 86 -19.71 28.19 -31.29
C ALA D 86 -18.45 28.98 -30.94
N GLU D 87 -17.35 28.29 -30.62
CA GLU D 87 -16.07 28.96 -30.36
C GLU D 87 -15.53 29.67 -31.61
N ILE D 88 -15.60 29.03 -32.79
CA ILE D 88 -15.12 29.71 -33.99
C ILE D 88 -15.85 31.04 -34.16
N ILE D 89 -17.20 31.02 -34.05
CA ILE D 89 -18.01 32.23 -34.23
C ILE D 89 -17.64 33.27 -33.17
N LEU D 90 -17.54 32.84 -31.91
CA LEU D 90 -17.14 33.74 -30.83
C LEU D 90 -15.79 34.38 -31.13
N ARG D 91 -14.85 33.59 -31.63
CA ARG D 91 -13.53 34.12 -31.93
C ARG D 91 -13.57 35.15 -33.07
N TYR D 92 -14.35 34.89 -34.14
CA TYR D 92 -14.50 35.90 -35.17
C TYR D 92 -15.16 37.16 -34.60
N VAL D 93 -16.10 37.00 -33.67
CA VAL D 93 -16.68 38.19 -33.05
C VAL D 93 -15.61 38.93 -32.23
N SER D 94 -14.77 38.20 -31.50
CA SER D 94 -13.72 38.84 -30.72
C SER D 94 -12.78 39.65 -31.59
N TYR D 95 -12.44 39.12 -32.77
CA TYR D 95 -11.59 39.86 -33.70
C TYR D 95 -12.31 41.06 -34.29
N SER D 96 -13.63 40.97 -34.48
CA SER D 96 -14.39 42.11 -34.95
C SER D 96 -14.34 43.25 -33.93
N LEU D 97 -14.46 42.93 -32.64
CA LEU D 97 -14.39 43.96 -31.61
C LEU D 97 -12.97 44.51 -31.47
N LEU D 98 -11.96 43.68 -31.69
CA LEU D 98 -10.59 44.18 -31.64
C LEU D 98 -10.35 45.17 -32.78
N SER D 99 -10.86 44.84 -33.96
CA SER D 99 -10.52 45.58 -35.17
C SER D 99 -11.51 46.70 -35.46
N GLY D 100 -12.68 46.71 -34.82
CA GLY D 100 -13.63 47.77 -35.03
C GLY D 100 -14.57 47.58 -36.20
N ASP D 101 -14.57 46.42 -36.84
CA ASP D 101 -15.49 46.17 -37.95
C ASP D 101 -15.64 44.67 -38.13
N SER D 102 -16.62 44.31 -38.97
CA SER D 102 -17.05 42.91 -39.10
C SER D 102 -16.69 42.29 -40.44
N SER D 103 -15.77 42.90 -41.18
CA SER D 103 -15.53 42.45 -42.56
C SER D 103 -14.98 41.03 -42.58
N VAL D 104 -14.07 40.71 -41.67
CA VAL D 104 -13.48 39.37 -41.65
C VAL D 104 -14.51 38.34 -41.17
N LEU D 105 -15.30 38.70 -40.16
CA LEU D 105 -16.39 37.82 -39.73
C LEU D 105 -17.32 37.50 -40.90
N GLU D 106 -17.74 38.53 -41.65
CA GLU D 106 -18.68 38.31 -42.72
C GLU D 106 -18.05 37.48 -43.84
N ASP D 107 -16.79 37.77 -44.15
CA ASP D 107 -16.13 37.14 -45.28
C ASP D 107 -15.69 35.71 -44.98
N ARG D 108 -15.00 35.50 -43.87
CA ARG D 108 -14.37 34.20 -43.62
C ARG D 108 -15.18 33.29 -42.70
N CYS D 109 -16.17 33.81 -41.98
CA CYS D 109 -17.01 32.98 -41.13
C CYS D 109 -18.43 32.81 -41.66
N LEU D 110 -19.06 33.88 -42.12
CA LEU D 110 -20.49 33.82 -42.41
C LEU D 110 -20.83 33.53 -43.87
N ASN D 111 -20.00 33.96 -44.83
CA ASN D 111 -20.31 33.77 -46.24
C ASN D 111 -20.24 32.29 -46.58
N GLY D 112 -21.40 31.70 -46.89
CA GLY D 112 -21.48 30.29 -47.18
C GLY D 112 -21.91 29.41 -46.03
N LEU D 113 -22.09 29.97 -44.82
CA LEU D 113 -22.28 29.12 -43.65
C LEU D 113 -23.72 28.63 -43.53
N LYS D 114 -24.70 29.48 -43.83
CA LYS D 114 -26.09 29.03 -43.82
C LYS D 114 -26.28 27.85 -44.77
N GLU D 115 -25.78 27.99 -46.00
CA GLU D 115 -25.85 26.90 -46.97
C GLU D 115 -25.16 25.63 -46.47
N THR D 116 -23.99 25.78 -45.82
CA THR D 116 -23.31 24.59 -45.31
C THR D 116 -24.14 23.91 -44.23
N TYR D 117 -24.68 24.68 -43.30
CA TYR D 117 -25.48 24.09 -42.24
C TYR D 117 -26.76 23.45 -42.79
N ALA D 118 -27.36 24.05 -43.82
CA ALA D 118 -28.54 23.42 -44.43
C ALA D 118 -28.18 22.06 -45.01
N SER D 119 -27.05 21.99 -45.71
CA SER D 119 -26.62 20.73 -46.29
C SER D 119 -26.31 19.69 -45.22
N LEU D 120 -25.78 20.14 -44.08
CA LEU D 120 -25.43 19.20 -43.02
C LEU D 120 -26.62 18.83 -42.14
N GLY D 121 -27.70 19.59 -42.18
CA GLY D 121 -28.78 19.38 -41.26
C GLY D 121 -28.55 19.96 -39.89
N VAL D 122 -27.69 20.98 -39.78
CA VAL D 122 -27.48 21.70 -38.52
C VAL D 122 -28.66 22.64 -38.34
N PRO D 123 -29.46 22.47 -37.30
CA PRO D 123 -30.75 23.19 -37.24
C PRO D 123 -30.62 24.67 -36.92
N ALA D 124 -31.32 25.48 -37.69
CA ALA D 124 -31.23 26.93 -37.54
C ALA D 124 -31.75 27.39 -36.18
N ALA D 125 -32.79 26.74 -35.65
CA ALA D 125 -33.35 27.18 -34.37
C ALA D 125 -32.36 26.97 -33.23
N GLY D 126 -31.65 25.86 -33.24
CA GLY D 126 -30.61 25.65 -32.23
C GLY D 126 -29.47 26.62 -32.36
N ASN D 127 -29.06 26.93 -33.59
CA ASN D 127 -28.01 27.93 -33.76
C ASN D 127 -28.48 29.29 -33.28
N ALA D 128 -29.73 29.62 -33.56
CA ALA D 128 -30.24 30.92 -33.16
C ALA D 128 -30.17 31.07 -31.66
N ARG D 129 -30.50 30.01 -30.92
CA ARG D 129 -30.49 30.12 -29.46
C ARG D 129 -29.08 30.19 -28.92
N THR D 130 -28.18 29.34 -29.44
CA THR D 130 -26.78 29.42 -29.02
C THR D 130 -26.24 30.83 -29.25
N ILE D 131 -26.48 31.41 -30.43
N ILE D 131 -26.50 31.41 -30.43
CA ILE D 131 -25.99 32.74 -30.71
CA ILE D 131 -26.01 32.75 -30.73
C ILE D 131 -26.65 33.78 -29.81
C ILE D 131 -26.63 33.78 -29.79
N SER D 132 -27.93 33.69 -29.53
CA SER D 132 -28.59 34.67 -28.66
C SER D 132 -28.09 34.55 -27.22
N ILE D 133 -27.79 33.33 -26.75
CA ILE D 133 -27.22 33.20 -25.42
C ILE D 133 -25.81 33.75 -25.40
N MET D 134 -25.03 33.40 -26.43
N MET D 134 -25.01 33.39 -26.43
CA MET D 134 -23.66 33.89 -26.50
CA MET D 134 -23.64 33.90 -26.48
C MET D 134 -23.64 35.42 -26.49
C MET D 134 -23.64 35.43 -26.48
N LYS D 135 -24.53 36.03 -27.26
CA LYS D 135 -24.64 37.48 -27.28
C LYS D 135 -24.95 38.02 -25.87
N ALA D 136 -25.98 37.48 -25.24
CA ALA D 136 -26.35 37.93 -23.90
C ALA D 136 -25.22 37.71 -22.91
N THR D 137 -24.53 36.56 -23.00
CA THR D 137 -23.43 36.27 -22.08
C THR D 137 -22.29 37.25 -22.27
N VAL D 138 -21.90 37.49 -23.53
CA VAL D 138 -20.81 38.42 -23.81
C VAL D 138 -21.18 39.82 -23.33
N ILE D 139 -22.41 40.25 -23.60
CA ILE D 139 -22.86 41.56 -23.12
C ILE D 139 -22.82 41.61 -21.60
N GLY D 140 -23.22 40.52 -20.96
CA GLY D 140 -23.17 40.45 -19.51
C GLY D 140 -21.75 40.62 -18.98
N PHE D 141 -20.80 39.88 -19.57
CA PHE D 141 -19.41 40.04 -19.18
C PHE D 141 -18.94 41.48 -19.38
N ILE D 142 -19.27 42.07 -20.54
CA ILE D 142 -18.77 43.41 -20.84
C ILE D 142 -19.40 44.47 -19.92
N THR D 143 -20.57 44.22 -19.35
CA THR D 143 -21.33 45.24 -18.64
C THR D 143 -21.49 44.95 -17.14
N ASN D 144 -20.61 44.13 -16.56
CA ASN D 144 -20.62 43.87 -15.12
C ASN D 144 -21.91 43.18 -14.69
N ASN D 145 -22.38 42.25 -15.52
CA ASN D 145 -23.56 41.45 -15.24
C ASN D 145 -23.22 39.96 -15.29
N SER D 146 -22.01 39.60 -14.90
CA SER D 146 -21.58 38.20 -14.81
C SER D 146 -21.47 37.85 -13.32
N GLN D 147 -22.49 37.13 -12.82
CA GLN D 147 -22.64 36.91 -11.38
C GLN D 147 -21.62 35.96 -10.78
N GLN D 148 -21.06 35.04 -11.57
CA GLN D 148 -20.07 34.11 -11.05
C GLN D 148 -18.65 34.48 -11.42
N LYS D 149 -18.44 35.57 -12.14
CA LYS D 149 -17.08 35.99 -12.50
C LYS D 149 -17.09 37.50 -12.73
N LYS D 150 -16.63 38.23 -11.73
CA LYS D 150 -16.40 39.65 -11.88
C LYS D 150 -15.07 39.87 -12.61
N LEU D 151 -15.02 40.91 -13.42
CA LEU D 151 -13.81 41.36 -14.07
C LEU D 151 -13.16 42.47 -13.24
N SER D 152 -11.83 42.51 -13.27
CA SER D 152 -11.08 43.63 -12.70
C SER D 152 -10.93 44.69 -13.79
N THR D 153 -11.70 45.76 -13.69
CA THR D 153 -11.57 46.91 -14.55
C THR D 153 -11.92 48.15 -13.73
N PRO D 154 -11.33 49.29 -14.06
CA PRO D 154 -11.77 50.53 -13.43
C PRO D 154 -13.28 50.70 -13.63
N ALA D 155 -13.95 51.27 -12.64
CA ALA D 155 -15.38 51.51 -12.76
C ALA D 155 -15.65 52.47 -13.92
N GLY D 156 -16.71 52.21 -14.66
CA GLY D 156 -17.10 53.08 -15.76
C GLY D 156 -18.09 52.40 -16.68
N ASP D 157 -18.32 53.06 -17.81
CA ASP D 157 -19.43 52.79 -18.71
C ASP D 157 -18.90 52.14 -19.99
N CYS D 158 -19.13 50.84 -20.14
CA CYS D 158 -18.78 50.14 -21.38
C CYS D 158 -20.00 49.90 -22.27
N SER D 159 -21.02 50.75 -22.15
CA SER D 159 -22.28 50.48 -22.83
C SER D 159 -22.14 50.55 -24.34
N ALA D 160 -21.34 51.47 -24.87
CA ALA D 160 -21.21 51.57 -26.32
C ALA D 160 -20.56 50.32 -26.90
N LEU D 161 -19.54 49.82 -26.22
CA LEU D 161 -18.84 48.63 -26.71
C LEU D 161 -19.74 47.41 -26.65
N ALA D 162 -20.56 47.29 -25.60
CA ALA D 162 -21.55 46.22 -25.55
C ALA D 162 -22.51 46.32 -26.73
N SER D 163 -22.98 47.52 -27.05
CA SER D 163 -23.86 47.70 -28.19
C SER D 163 -23.17 47.31 -29.50
N GLU D 164 -21.92 47.72 -29.66
CA GLU D 164 -21.15 47.34 -30.85
C GLU D 164 -21.05 45.83 -30.98
N VAL D 165 -20.63 45.14 -29.92
CA VAL D 165 -20.46 43.71 -30.07
C VAL D 165 -21.82 43.05 -30.28
N GLY D 166 -22.87 43.60 -29.69
CA GLY D 166 -24.20 43.08 -29.98
C GLY D 166 -24.50 43.10 -31.46
N GLY D 167 -24.10 44.17 -32.15
CA GLY D 167 -24.37 44.25 -33.57
C GLY D 167 -23.63 43.22 -34.38
N TYR D 168 -22.42 42.84 -33.94
CA TYR D 168 -21.68 41.76 -34.61
C TYR D 168 -22.39 40.43 -34.46
N PHE D 169 -22.89 40.13 -33.26
CA PHE D 169 -23.71 38.94 -33.08
C PHE D 169 -24.95 39.00 -33.94
N ASP D 170 -25.60 40.18 -34.02
CA ASP D 170 -26.80 40.29 -34.85
C ASP D 170 -26.50 39.94 -36.30
N LYS D 171 -25.29 40.27 -36.76
CA LYS D 171 -24.87 39.90 -38.11
C LYS D 171 -24.81 38.39 -38.26
N VAL D 172 -24.28 37.68 -37.25
CA VAL D 172 -24.29 36.23 -37.27
C VAL D 172 -25.72 35.70 -37.32
N SER D 173 -26.58 36.19 -36.43
CA SER D 173 -27.96 35.71 -36.37
C SER D 173 -28.67 35.90 -37.71
N SER D 174 -28.53 37.09 -38.28
CA SER D 174 -29.22 37.35 -39.54
C SER D 174 -28.67 36.47 -40.66
N ALA D 175 -27.36 36.24 -40.67
CA ALA D 175 -26.79 35.40 -41.72
C ALA D 175 -27.27 33.96 -41.62
N LEU D 176 -27.53 33.48 -40.41
CA LEU D 176 -27.83 32.08 -40.18
C LEU D 176 -29.31 31.81 -39.98
N ALA D 177 -30.15 32.83 -40.02
CA ALA D 177 -31.58 32.65 -39.80
C ALA D 177 -32.18 32.05 -41.05
N ALA E 1 30.98 -43.08 30.68
CA ALA E 1 31.10 -41.75 31.32
C ALA E 1 30.45 -40.66 30.49
N MET E 2 29.93 -39.67 31.20
CA MET E 2 29.53 -38.42 30.59
C MET E 2 30.75 -37.72 30.02
N ARG E 3 30.72 -37.48 28.72
CA ARG E 3 31.89 -37.02 28.01
C ARG E 3 32.06 -35.53 27.83
N LYZ E 4 31.11 -34.73 28.31
CA LYZ E 4 31.28 -33.28 28.37
C LYZ E 4 31.28 -32.65 26.99
O LYZ E 4 31.65 -31.49 26.76
CB LYZ E 4 32.54 -32.83 29.15
CG LYZ E 4 32.66 -33.48 30.51
CD LYZ E 4 33.92 -32.99 31.24
CE LYZ E 4 34.16 -33.74 32.56
NZ LYZ E 4 35.34 -33.25 33.22
OH LYZ E 4 33.85 -31.60 31.52
HA LYZ E 4 30.36 -32.83 28.86
HB2 LYZ E 4 32.50 -31.71 29.27
HB3 LYZ E 4 33.45 -33.07 28.54
HG2 LYZ E 4 32.72 -34.60 30.42
HG3 LYZ E 4 31.77 -33.24 31.15
HD LYZ E 4 34.80 -33.15 30.55
HE2 LYZ E 4 34.27 -34.84 32.35
HE3 LYZ E 4 33.27 -33.59 33.23
HZ1 LYZ E 4 35.31 -32.26 33.36
HZ2 LYZ E 4 35.48 -33.71 34.10
HH LYZ E 4 34.71 -31.22 31.30
N ASP E 5 30.77 -33.40 26.02
CA ASP E 5 30.70 -32.92 24.64
C ASP E 5 29.28 -32.56 24.18
N ALA E 6 28.32 -32.64 25.10
CA ALA E 6 26.94 -32.26 24.86
C ALA E 6 26.22 -33.14 23.82
N LYS E 7 26.76 -34.31 23.48
CA LYS E 7 26.15 -35.16 22.46
C LYS E 7 25.11 -36.03 23.13
N ALA E 8 23.95 -36.17 22.51
CA ALA E 8 22.83 -36.94 23.03
C ALA E 8 22.17 -37.67 21.88
N PRO E 9 21.42 -38.74 22.17
CA PRO E 9 20.65 -39.41 21.13
C PRO E 9 19.39 -38.63 20.75
N TYR E 10 19.35 -38.19 19.49
CA TYR E 10 18.16 -37.58 18.88
C TYR E 10 17.33 -38.70 18.25
N VAL E 11 16.18 -38.99 18.85
CA VAL E 11 15.23 -39.96 18.32
C VAL E 11 14.15 -39.17 17.62
N THR E 12 13.80 -39.58 16.40
CA THR E 12 12.68 -39.03 15.68
C THR E 12 11.77 -40.18 15.29
N VAL E 13 10.48 -40.01 15.55
CA VAL E 13 9.47 -41.04 15.32
C VAL E 13 8.54 -40.48 14.24
N PHE E 14 8.47 -41.16 13.10
CA PHE E 14 7.68 -40.70 11.98
C PHE E 14 6.41 -41.53 11.87
N ASP E 15 5.29 -40.84 11.73
CA ASP E 15 3.99 -41.44 11.45
C ASP E 15 3.36 -40.63 10.33
N GLU E 16 3.48 -41.16 9.11
CA GLU E 16 3.01 -40.49 7.90
C GLU E 16 1.88 -41.29 7.26
N ARG E 17 1.09 -41.95 8.11
CA ARG E 17 -0.01 -42.79 7.63
C ARG E 17 -1.13 -42.00 6.95
N ASP E 18 -1.15 -40.68 7.09
CA ASP E 18 -2.06 -39.86 6.30
C ASP E 18 -1.77 -39.97 4.81
N GLY E 19 -0.57 -40.35 4.42
CA GLY E 19 -0.22 -40.55 3.01
C GLY E 19 0.78 -39.57 2.43
N CYS E 20 1.09 -38.49 3.12
CA CYS E 20 2.06 -37.52 2.62
C CYS E 20 3.44 -37.93 3.09
N GLY E 21 4.23 -38.53 2.20
CA GLY E 21 5.51 -39.07 2.60
C GLY E 21 6.66 -38.07 2.58
N GLY E 22 7.59 -38.25 3.51
CA GLY E 22 8.86 -37.58 3.49
C GLY E 22 9.84 -38.33 2.61
N PRO E 23 11.08 -37.85 2.62
CA PRO E 23 12.12 -38.51 1.84
C PRO E 23 12.34 -39.94 2.29
N THR E 24 12.58 -40.80 1.30
CA THR E 24 12.88 -42.18 1.60
C THR E 24 14.31 -42.29 2.09
N LYS E 25 14.48 -42.94 3.24
CA LYS E 25 15.79 -43.14 3.82
C LYS E 25 16.10 -44.60 4.08
N ALA E 26 15.11 -45.48 4.00
CA ALA E 26 15.28 -46.91 4.22
C ALA E 26 14.26 -47.66 3.38
N GLY E 27 14.50 -48.95 3.22
CA GLY E 27 13.55 -49.78 2.52
C GLY E 27 12.36 -50.17 3.37
N GLY E 28 11.40 -50.80 2.71
CA GLY E 28 10.30 -51.45 3.38
C GLY E 28 9.10 -50.60 3.70
N ASN E 29 8.99 -49.41 3.12
CA ASN E 29 7.90 -48.49 3.45
C ASN E 29 6.61 -48.95 2.76
N SER E 30 6.11 -50.09 3.22
CA SER E 30 4.96 -50.73 2.60
C SER E 30 4.31 -51.63 3.64
N GLY E 31 3.11 -52.10 3.34
CA GLY E 31 2.49 -53.06 4.22
C GLY E 31 1.95 -52.44 5.50
N ASP E 32 1.85 -53.29 6.53
CA ASP E 32 1.33 -52.85 7.82
C ASP E 32 2.09 -51.67 8.39
N ASN E 33 3.37 -51.54 8.05
CA ASN E 33 4.20 -50.48 8.59
C ASN E 33 4.35 -49.29 7.65
N LYS E 34 3.56 -49.21 6.58
CA LYS E 34 3.67 -48.07 5.69
C LYS E 34 3.52 -46.79 6.50
N GLY E 35 4.37 -45.82 6.19
CA GLY E 35 4.32 -44.54 6.84
C GLY E 35 4.99 -44.46 8.19
N LEU E 36 5.52 -45.57 8.71
CA LEU E 36 6.14 -45.59 10.03
C LEU E 36 7.66 -45.75 9.92
N CYS E 37 8.42 -44.99 10.72
CA CYS E 37 9.87 -45.09 10.67
C CYS E 37 10.42 -44.48 11.95
N VAL E 38 11.51 -45.05 12.45
CA VAL E 38 12.24 -44.49 13.58
C VAL E 38 13.66 -44.15 13.10
N LYS E 39 14.15 -43.00 13.52
CA LYS E 39 15.49 -42.50 13.23
C LYS E 39 16.21 -42.18 14.54
N VAL E 40 17.49 -42.56 14.65
CA VAL E 40 18.31 -42.16 15.79
C VAL E 40 19.65 -41.67 15.25
N ALA E 41 20.08 -40.50 15.74
CA ALA E 41 21.38 -39.91 15.48
C ALA E 41 21.95 -39.47 16.82
N MET E 42 23.27 -39.44 16.93
N MET E 42 23.25 -39.47 16.90
CA MET E 42 23.95 -39.05 18.16
CA MET E 42 23.97 -39.04 18.08
C MET E 42 24.77 -37.81 17.86
C MET E 42 24.67 -37.76 17.71
N LYS E 43 24.32 -36.67 18.39
CA LYS E 43 24.93 -35.39 18.03
C LYS E 43 24.78 -34.37 19.14
N LYS E 44 25.59 -33.32 19.01
CA LYS E 44 25.62 -32.26 20.01
C LYS E 44 24.26 -31.56 20.09
N VAL E 45 23.79 -31.34 21.31
CA VAL E 45 22.67 -30.43 21.54
C VAL E 45 23.27 -29.03 21.53
N ALA E 46 23.09 -28.33 20.43
CA ALA E 46 23.64 -27.00 20.23
C ALA E 46 22.63 -25.94 20.65
N TYR E 47 23.13 -24.74 20.91
CA TYR E 47 22.26 -23.61 21.25
C TYR E 47 21.48 -23.17 20.03
N GLY E 48 22.03 -23.36 18.83
CA GLY E 48 21.28 -23.03 17.64
C GLY E 48 21.94 -23.71 16.47
N GLU E 49 21.28 -23.61 15.32
CA GLU E 49 21.79 -24.24 14.10
C GLU E 49 21.19 -23.53 12.89
N GLY E 50 21.96 -23.49 11.81
CA GLY E 50 21.42 -22.98 10.57
C GLY E 50 20.96 -21.55 10.68
N GLY E 51 21.54 -20.80 11.63
CA GLY E 51 21.19 -19.42 11.86
C GLY E 51 20.09 -19.19 12.87
N VAL E 52 19.41 -20.25 13.33
CA VAL E 52 18.27 -20.12 14.22
C VAL E 52 18.74 -20.34 15.66
N ASP E 53 18.59 -19.31 16.48
CA ASP E 53 19.00 -19.32 17.88
C ASP E 53 17.88 -19.94 18.71
N ARG E 54 17.79 -21.28 18.60
CA ARG E 54 16.68 -22.01 19.22
C ARG E 54 16.73 -21.89 20.74
N ILE E 55 17.86 -22.25 21.36
CA ILE E 55 17.87 -22.23 22.82
C ILE E 55 18.01 -20.80 23.34
N GLY E 56 18.63 -19.90 22.59
CA GLY E 56 18.67 -18.51 23.02
C GLY E 56 17.29 -17.90 23.15
N GLU E 57 16.39 -18.22 22.20
N GLU E 57 16.39 -18.24 22.22
CA GLU E 57 15.04 -17.68 22.29
CA GLU E 57 14.99 -17.81 22.34
C GLU E 57 14.29 -18.31 23.46
C GLU E 57 14.37 -18.40 23.60
N MET E 58 14.57 -19.58 23.76
N MET E 58 14.55 -19.70 23.81
CA MET E 58 13.94 -20.22 24.92
CA MET E 58 13.97 -20.34 24.98
C MET E 58 14.42 -19.57 26.22
C MET E 58 14.44 -19.65 26.26
N ALA E 59 15.69 -19.20 26.29
CA ALA E 59 16.21 -18.54 27.49
C ALA E 59 15.57 -17.18 27.67
N ARG E 60 15.49 -16.38 26.60
CA ARG E 60 14.81 -15.09 26.71
C ARG E 60 13.41 -15.28 27.26
N ASP E 61 12.73 -16.33 26.76
CA ASP E 61 11.35 -16.57 27.20
C ASP E 61 11.27 -16.87 28.69
N VAL E 62 12.20 -17.66 29.22
CA VAL E 62 12.13 -17.99 30.65
C VAL E 62 12.22 -16.72 31.49
N PHE E 63 13.15 -15.84 31.15
CA PHE E 63 13.37 -14.66 31.98
C PHE E 63 12.11 -13.80 32.10
N VAL E 64 11.31 -13.72 31.03
CA VAL E 64 10.13 -12.87 31.01
C VAL E 64 8.87 -13.62 31.41
N ASN E 65 8.83 -14.95 31.22
CA ASN E 65 7.57 -15.69 31.29
C ASN E 65 7.62 -16.88 32.24
N TYR E 66 8.61 -16.95 33.12
CA TYR E 66 8.65 -18.07 34.05
C TYR E 66 7.45 -18.12 34.98
N ASP E 67 6.71 -17.02 35.13
CA ASP E 67 5.50 -16.99 35.95
C ASP E 67 4.27 -17.50 35.20
N LYS E 68 4.40 -17.78 33.92
CA LYS E 68 3.31 -18.30 33.12
CA LYS E 68 3.31 -18.31 33.11
C LYS E 68 3.33 -19.83 33.16
N GLN E 69 2.17 -20.42 32.99
CA GLN E 69 2.04 -21.88 32.98
C GLN E 69 1.47 -22.31 31.63
N ARG E 70 2.36 -22.72 30.73
CA ARG E 70 1.92 -23.10 29.39
C ARG E 70 1.19 -24.43 29.36
N GLY E 71 1.16 -25.16 30.47
CA GLY E 71 0.46 -26.42 30.56
C GLY E 71 -0.98 -26.30 30.93
N LYS E 72 -1.50 -25.08 31.10
CA LYS E 72 -2.97 -24.93 31.20
C LYS E 72 -3.42 -23.67 30.51
N ALA F 4 20.35 -52.41 18.48
CA ALA F 4 19.37 -51.99 17.47
C ALA F 4 19.83 -50.68 16.85
N PHE F 5 19.68 -49.62 17.64
CA PHE F 5 20.30 -48.33 17.38
C PHE F 5 21.59 -48.17 18.17
N SER F 6 22.06 -49.25 18.81
CA SER F 6 23.28 -49.16 19.60
C SER F 6 24.46 -48.72 18.74
N LYS F 7 24.52 -49.16 17.49
CA LYS F 7 25.60 -48.77 16.60
C LYS F 7 25.71 -47.26 16.49
N VAL F 8 24.59 -46.54 16.59
CA VAL F 8 24.62 -45.09 16.49
C VAL F 8 25.25 -44.49 17.73
N ILE F 9 24.99 -45.08 18.90
CA ILE F 9 25.54 -44.54 20.14
C ILE F 9 27.06 -44.65 20.14
N THR F 10 27.61 -45.75 19.58
CA THR F 10 29.03 -46.04 19.66
C THR F 10 29.82 -45.68 18.40
N SER F 11 29.16 -45.22 17.34
CA SER F 11 29.89 -44.95 16.12
C SER F 11 30.74 -43.69 16.27
N ALA F 12 31.77 -43.56 15.43
CA ALA F 12 32.64 -42.41 15.52
C ALA F 12 31.91 -41.12 15.15
N ASP F 13 30.98 -41.17 14.17
CA ASP F 13 30.30 -39.97 13.71
C ASP F 13 28.88 -39.83 14.24
N GLY F 14 28.29 -40.91 14.74
CA GLY F 14 26.92 -40.82 15.22
C GLY F 14 25.90 -40.54 14.13
N LYS F 15 26.25 -40.80 12.86
CA LYS F 15 25.35 -40.58 11.74
C LYS F 15 24.04 -41.32 11.95
N ALA F 16 22.96 -40.71 11.48
CA ALA F 16 21.62 -41.26 11.69
C ALA F 16 21.48 -42.65 11.10
N ALA F 17 20.74 -43.50 11.81
CA ALA F 17 20.27 -44.78 11.30
C ALA F 17 18.75 -44.73 11.28
N TYR F 18 18.16 -45.47 10.35
CA TYR F 18 16.72 -45.45 10.13
C TYR F 18 16.21 -46.88 10.09
N VAL F 19 15.06 -47.12 10.72
CA VAL F 19 14.41 -48.42 10.72
C VAL F 19 12.95 -48.26 10.35
N GLY F 20 12.55 -48.89 9.25
CA GLY F 20 11.15 -48.99 8.83
C GLY F 20 10.81 -50.40 8.35
N GLY F 21 9.61 -50.56 7.80
CA GLY F 21 9.20 -51.85 7.29
C GLY F 21 9.34 -52.99 8.27
N ALA F 22 9.76 -54.15 7.75
CA ALA F 22 9.89 -55.34 8.57
C ALA F 22 10.94 -55.18 9.65
N ASP F 23 11.98 -54.38 9.38
CA ASP F 23 12.96 -54.06 10.40
C ASP F 23 12.27 -53.40 11.60
N LEU F 24 11.33 -52.50 11.34
CA LEU F 24 10.62 -51.84 12.43
C LEU F 24 9.68 -52.81 13.15
N GLN F 25 8.97 -53.66 12.39
CA GLN F 25 8.14 -54.68 13.02
C GLN F 25 8.97 -55.51 13.99
N ALA F 26 10.21 -55.85 13.59
CA ALA F 26 11.04 -56.69 14.43
C ALA F 26 11.56 -55.92 15.64
N LEU F 27 11.94 -54.66 15.46
CA LEU F 27 12.32 -53.87 16.62
C LEU F 27 11.21 -53.91 17.65
N LYS F 28 9.97 -53.67 17.22
CA LYS F 28 8.87 -53.58 18.17
C LYS F 28 8.59 -54.91 18.85
N LYS F 29 8.86 -56.03 18.18
CA LYS F 29 8.63 -57.31 18.80
C LYS F 29 9.55 -57.52 20.01
N PHE F 30 10.72 -56.87 20.05
CA PHE F 30 11.70 -57.10 21.10
C PHE F 30 11.53 -56.21 22.33
N VAL F 31 10.58 -55.29 22.31
CA VAL F 31 10.27 -54.46 23.46
C VAL F 31 8.79 -54.62 23.76
N SER F 32 8.40 -54.29 24.97
CA SER F 32 6.99 -54.44 25.31
C SER F 32 6.15 -53.30 24.73
N GLU F 33 4.92 -53.62 24.37
CA GLU F 33 3.95 -52.62 23.93
C GLU F 33 4.53 -51.71 22.85
N GLY F 34 5.01 -52.33 21.78
CA GLY F 34 5.83 -51.59 20.84
C GLY F 34 5.17 -50.34 20.27
N ASN F 35 3.90 -50.44 19.87
CA ASN F 35 3.25 -49.27 19.28
C ASN F 35 3.09 -48.14 20.27
N LYS F 36 2.51 -48.44 21.44
CA LYS F 36 2.37 -47.39 22.45
C LYS F 36 3.72 -46.85 22.89
N ARG F 37 4.74 -47.71 22.91
CA ARG F 37 6.10 -47.28 23.22
C ARG F 37 6.58 -46.24 22.22
N MET F 38 6.39 -46.50 20.90
CA MET F 38 6.80 -45.47 19.93
C MET F 38 6.03 -44.16 20.10
N ASP F 39 4.73 -44.25 20.40
CA ASP F 39 3.94 -43.05 20.66
C ASP F 39 4.49 -42.30 21.89
N SER F 40 4.89 -43.05 22.91
N SER F 40 4.93 -43.06 22.89
CA SER F 40 5.45 -42.40 24.10
CA SER F 40 5.43 -42.44 24.13
C SER F 40 6.73 -41.66 23.77
C SER F 40 6.77 -41.76 23.90
N VAL F 41 7.63 -42.31 23.03
CA VAL F 41 8.88 -41.66 22.66
C VAL F 41 8.58 -40.42 21.83
N ASN F 42 7.65 -40.54 20.86
CA ASN F 42 7.25 -39.39 20.08
C ASN F 42 6.71 -38.27 20.95
N ALA F 43 5.88 -38.60 21.94
CA ALA F 43 5.37 -37.57 22.84
C ALA F 43 6.50 -36.77 23.47
N ILE F 44 7.59 -37.45 23.84
CA ILE F 44 8.70 -36.75 24.48
C ILE F 44 9.39 -35.86 23.47
N VAL F 45 9.87 -36.47 22.37
CA VAL F 45 10.75 -35.73 21.48
C VAL F 45 10.01 -34.64 20.73
N SER F 46 8.75 -34.88 20.34
N SER F 46 8.75 -34.88 20.35
CA SER F 46 8.02 -33.86 19.59
CA SER F 46 7.98 -33.89 19.61
C SER F 46 7.76 -32.63 20.46
C SER F 46 7.52 -32.71 20.47
N ASN F 47 7.68 -32.82 21.78
CA ASN F 47 7.36 -31.75 22.71
C ASN F 47 8.57 -31.35 23.53
N ALA F 48 9.76 -31.54 22.99
CA ALA F 48 10.97 -31.33 23.79
C ALA F 48 11.12 -29.88 24.25
N SER F 49 10.87 -28.90 23.37
N SER F 49 10.86 -28.91 23.38
CA SER F 49 11.02 -27.51 23.81
CA SER F 49 11.01 -27.52 23.79
C SER F 49 10.04 -27.19 24.92
C SER F 49 10.02 -27.15 24.89
N CYS F 50 8.79 -27.61 24.75
CA CYS F 50 7.74 -27.38 25.77
C CYS F 50 8.13 -27.99 27.11
N ILE F 51 8.59 -29.24 27.07
CA ILE F 51 8.85 -29.97 28.30
C ILE F 51 9.99 -29.32 29.04
N VAL F 52 11.08 -29.02 28.34
CA VAL F 52 12.22 -28.37 28.99
C VAL F 52 11.88 -26.96 29.45
N SER F 53 11.16 -26.20 28.64
CA SER F 53 10.80 -24.84 29.05
C SER F 53 9.96 -24.84 30.30
N ASP F 54 8.93 -25.66 30.36
CA ASP F 54 8.06 -25.66 31.53
C ASP F 54 8.80 -26.12 32.78
N SER F 55 9.75 -27.05 32.62
CA SER F 55 10.44 -27.62 33.78
C SER F 55 11.45 -26.63 34.35
N VAL F 56 12.26 -26.01 33.48
CA VAL F 56 13.23 -25.02 33.95
C VAL F 56 12.50 -23.78 34.44
N SER F 57 11.42 -23.38 33.74
CA SER F 57 10.63 -22.23 34.21
C SER F 57 10.03 -22.50 35.58
N GLY F 58 9.58 -23.73 35.82
CA GLY F 58 9.05 -24.08 37.13
C GLY F 58 10.10 -24.07 38.22
N MET F 59 11.30 -24.58 37.92
CA MET F 59 12.42 -24.40 38.83
C MET F 59 12.54 -22.95 39.27
N VAL F 60 12.54 -22.04 38.28
CA VAL F 60 12.73 -20.63 38.56
C VAL F 60 11.54 -20.06 39.32
N CYS F 61 10.32 -20.38 38.92
CA CYS F 61 9.21 -19.76 39.64
C CYS F 61 9.13 -20.23 41.09
N GLU F 62 9.56 -21.47 41.38
CA GLU F 62 9.61 -21.94 42.75
C GLU F 62 10.79 -21.36 43.51
N ASN F 63 11.86 -20.99 42.83
CA ASN F 63 13.01 -20.38 43.49
C ASN F 63 13.61 -19.28 42.65
N PRO F 64 13.03 -18.08 42.71
CA PRO F 64 13.51 -17.00 41.85
C PRO F 64 14.92 -16.55 42.16
N SER F 65 15.51 -16.96 43.28
N SER F 65 15.48 -16.97 43.30
CA SER F 65 16.89 -16.59 43.53
CA SER F 65 16.89 -16.67 43.59
C SER F 65 17.81 -17.17 42.46
C SER F 65 17.80 -17.17 42.47
N LEU F 66 17.35 -18.18 41.73
CA LEU F 66 18.16 -18.74 40.65
C LEU F 66 18.44 -17.73 39.54
N ILE F 67 17.62 -16.69 39.40
CA ILE F 67 17.85 -15.62 38.42
C ILE F 67 18.22 -14.29 39.06
N ALA F 68 18.44 -14.25 40.37
CA ALA F 68 19.01 -13.08 41.02
C ALA F 68 20.50 -13.03 40.69
N PRO F 69 21.16 -11.91 40.91
CA PRO F 69 22.58 -11.81 40.58
C PRO F 69 23.40 -12.96 41.15
N ASN F 70 24.24 -13.54 40.28
CA ASN F 70 25.09 -14.69 40.60
C ASN F 70 24.33 -15.99 40.84
N GLY F 71 23.03 -16.02 40.55
CA GLY F 71 22.26 -17.24 40.60
C GLY F 71 22.65 -18.23 39.52
N GLY F 72 22.18 -19.46 39.72
CA GLY F 72 22.52 -20.56 38.83
C GLY F 72 22.27 -20.27 37.36
N VAL F 73 21.21 -19.54 37.05
CA VAL F 73 20.84 -19.30 35.64
C VAL F 73 20.54 -17.82 35.36
N TYR F 74 21.32 -16.92 35.95
CA TYR F 74 20.97 -15.50 35.93
C TYR F 74 21.42 -14.75 34.69
N THR F 75 22.21 -15.34 33.80
CA THR F 75 22.52 -14.74 32.50
C THR F 75 21.92 -15.56 31.38
N ASN F 76 21.76 -14.97 30.19
CA ASN F 76 21.25 -15.75 29.09
C ASN F 76 22.16 -16.93 28.81
N ARG F 77 23.48 -16.71 28.88
N ARG F 77 23.48 -16.72 28.86
CA ARG F 77 24.42 -17.78 28.62
CA ARG F 77 24.40 -17.82 28.61
C ARG F 77 24.19 -18.97 29.54
C ARG F 77 24.14 -18.99 29.55
N LYS F 78 24.05 -18.72 30.84
CA LYS F 78 23.84 -19.78 31.81
C LYS F 78 22.47 -20.40 31.66
N MET F 79 21.43 -19.58 31.50
CA MET F 79 20.09 -20.12 31.26
C MET F 79 20.04 -21.06 30.08
N ALA F 80 20.69 -20.69 28.97
CA ALA F 80 20.72 -21.56 27.80
C ALA F 80 21.45 -22.85 28.10
N ALA F 81 22.60 -22.77 28.78
CA ALA F 81 23.30 -24.02 29.12
C ALA F 81 22.42 -24.94 29.96
N CYS F 82 21.64 -24.37 30.87
CA CYS F 82 20.73 -25.18 31.67
C CYS F 82 19.61 -25.81 30.82
N LEU F 83 18.92 -25.01 30.00
CA LEU F 83 17.93 -25.55 29.07
C LEU F 83 18.52 -26.62 28.16
N ARG F 84 19.76 -26.43 27.72
CA ARG F 84 20.46 -27.44 26.94
C ARG F 84 20.62 -28.72 27.74
N ASP F 85 21.13 -28.62 28.97
CA ASP F 85 21.32 -29.82 29.76
C ASP F 85 20.01 -30.55 30.02
N ALA F 86 18.94 -29.81 30.35
CA ALA F 86 17.65 -30.45 30.55
C ALA F 86 17.25 -31.23 29.30
N GLU F 87 17.50 -30.64 28.12
CA GLU F 87 17.19 -31.33 26.87
C GLU F 87 18.07 -32.56 26.68
N ILE F 88 19.37 -32.44 26.96
CA ILE F 88 20.24 -33.62 26.87
C ILE F 88 19.70 -34.76 27.72
N ILE F 89 19.37 -34.46 28.98
CA ILE F 89 18.83 -35.47 29.89
C ILE F 89 17.55 -36.06 29.33
N LEU F 90 16.64 -35.19 28.85
CA LEU F 90 15.36 -35.63 28.32
C LEU F 90 15.58 -36.54 27.14
N ARG F 91 16.55 -36.23 26.28
CA ARG F 91 16.80 -37.07 25.12
C ARG F 91 17.39 -38.42 25.50
N TYR F 92 18.33 -38.47 26.46
CA TYR F 92 18.77 -39.77 26.95
C TYR F 92 17.61 -40.56 27.56
N VAL F 93 16.67 -39.89 28.25
CA VAL F 93 15.48 -40.60 28.73
C VAL F 93 14.64 -41.10 27.55
N SER F 94 14.48 -40.29 26.52
CA SER F 94 13.69 -40.76 25.39
C SER F 94 14.32 -42.00 24.74
N TYR F 95 15.66 -42.04 24.65
CA TYR F 95 16.31 -43.21 24.09
C TYR F 95 16.18 -44.43 24.99
N SER F 96 16.14 -44.22 26.32
CA SER F 96 15.91 -45.32 27.24
C SER F 96 14.52 -45.92 27.05
N LEU F 97 13.51 -45.07 26.84
CA LEU F 97 12.18 -45.58 26.57
C LEU F 97 12.06 -46.24 25.20
N LEU F 98 12.80 -45.74 24.19
CA LEU F 98 12.81 -46.43 22.90
C LEU F 98 13.40 -47.82 23.01
N SER F 99 14.48 -47.97 23.78
N SER F 99 14.50 -47.95 23.77
CA SER F 99 15.22 -49.21 23.85
CA SER F 99 15.24 -49.20 23.87
C SER F 99 14.82 -50.10 25.02
C SER F 99 14.67 -50.15 24.92
N GLY F 100 14.00 -49.59 25.93
CA GLY F 100 13.52 -50.39 27.04
C GLY F 100 14.55 -50.66 28.11
N ASP F 101 15.58 -49.82 28.23
CA ASP F 101 16.52 -49.93 29.35
C ASP F 101 17.32 -48.65 29.45
N SER F 102 18.01 -48.51 30.58
CA SER F 102 18.64 -47.25 30.94
C SER F 102 20.15 -47.30 30.87
N SER F 103 20.73 -48.33 30.23
N SER F 103 20.72 -48.34 30.26
CA SER F 103 22.18 -48.52 30.30
CA SER F 103 22.17 -48.52 30.28
C SER F 103 22.93 -47.35 29.67
C SER F 103 22.89 -47.31 29.69
N VAL F 104 22.44 -46.85 28.53
CA VAL F 104 23.10 -45.73 27.87
C VAL F 104 22.92 -44.45 28.69
N LEU F 105 21.72 -44.21 29.22
CA LEU F 105 21.49 -43.05 30.07
C LEU F 105 22.47 -43.05 31.24
N GLU F 106 22.61 -44.20 31.91
CA GLU F 106 23.49 -44.27 33.07
C GLU F 106 24.94 -44.04 32.69
N ASP F 107 25.40 -44.68 31.61
CA ASP F 107 26.81 -44.64 31.22
C ASP F 107 27.19 -43.30 30.59
N ARG F 108 26.44 -42.85 29.59
CA ARG F 108 26.82 -41.71 28.78
C ARG F 108 26.27 -40.38 29.28
N CYS F 109 25.26 -40.40 30.15
CA CYS F 109 24.69 -39.16 30.66
C CYS F 109 24.91 -38.98 32.15
N LEU F 110 24.71 -40.02 32.96
CA LEU F 110 24.74 -39.81 34.41
C LEU F 110 26.10 -40.04 35.06
N ASN F 111 26.93 -40.93 34.54
N ASN F 111 26.90 -40.97 34.56
CA ASN F 111 28.17 -41.28 35.24
CA ASN F 111 28.19 -41.27 35.17
C ASN F 111 29.18 -40.13 35.12
C ASN F 111 29.11 -40.04 35.09
N GLY F 112 29.47 -39.50 36.25
CA GLY F 112 30.32 -38.34 36.31
C GLY F 112 29.57 -37.01 36.37
N LEU F 113 28.25 -37.02 36.18
CA LEU F 113 27.54 -35.75 36.03
C LEU F 113 27.44 -35.00 37.36
N LYS F 114 27.16 -35.71 38.46
CA LYS F 114 27.05 -35.04 39.75
C LYS F 114 28.35 -34.33 40.06
N GLU F 115 29.47 -34.97 39.76
CA GLU F 115 30.78 -34.42 40.09
C GLU F 115 31.08 -33.21 39.22
N THR F 116 30.71 -33.27 37.95
CA THR F 116 30.83 -32.11 37.08
C THR F 116 30.02 -30.94 37.62
N TYR F 117 28.77 -31.19 38.01
CA TYR F 117 27.95 -30.09 38.51
C TYR F 117 28.52 -29.53 39.81
N ALA F 118 29.05 -30.39 40.68
CA ALA F 118 29.68 -29.87 41.89
C ALA F 118 30.87 -28.98 41.56
N SER F 119 31.69 -29.38 40.57
CA SER F 119 32.83 -28.57 40.17
C SER F 119 32.41 -27.23 39.59
N LEU F 120 31.31 -27.21 38.85
CA LEU F 120 30.81 -25.98 38.25
C LEU F 120 29.97 -25.14 39.21
N GLY F 121 29.55 -25.68 40.34
CA GLY F 121 28.64 -24.96 41.21
C GLY F 121 27.21 -24.91 40.70
N VAL F 122 26.80 -25.87 39.89
CA VAL F 122 25.41 -25.97 39.43
C VAL F 122 24.59 -26.49 40.60
N PRO F 123 23.58 -25.76 41.07
CA PRO F 123 22.93 -26.13 42.34
C PRO F 123 22.07 -27.38 42.24
N ALA F 124 22.32 -28.32 43.15
CA ALA F 124 21.65 -29.60 43.14
C ALA F 124 20.16 -29.45 43.40
N ALA F 125 19.77 -28.54 44.28
CA ALA F 125 18.35 -28.37 44.58
C ALA F 125 17.59 -27.91 43.35
N GLY F 126 18.23 -27.07 42.53
CA GLY F 126 17.58 -26.59 41.34
C GLY F 126 17.44 -27.68 40.30
N ASN F 127 18.50 -28.46 40.11
CA ASN F 127 18.41 -29.61 39.22
C ASN F 127 17.33 -30.57 39.65
N ALA F 128 17.22 -30.85 40.96
CA ALA F 128 16.20 -31.76 41.44
C ALA F 128 14.81 -31.29 41.05
N ARG F 129 14.57 -29.96 41.14
N ARG F 129 14.57 -29.99 41.10
CA ARG F 129 13.28 -29.39 40.79
CA ARG F 129 13.20 -29.57 40.74
C ARG F 129 13.02 -29.59 39.30
C ARG F 129 12.99 -29.63 39.24
N THR F 130 13.99 -29.26 38.45
CA THR F 130 13.83 -29.40 37.01
C THR F 130 13.54 -30.84 36.63
N ILE F 131 14.20 -31.80 37.27
N ILE F 131 14.30 -31.78 37.19
CA ILE F 131 13.96 -33.20 36.94
CA ILE F 131 14.12 -33.18 36.81
C ILE F 131 12.60 -33.66 37.44
C ILE F 131 12.71 -33.65 37.18
N SER F 132 12.23 -33.25 38.66
N SER F 132 12.27 -33.31 38.40
CA SER F 132 10.91 -33.60 39.19
CA SER F 132 10.98 -33.82 38.86
C SER F 132 9.80 -33.12 38.26
C SER F 132 9.84 -33.18 38.08
N ILE F 133 9.95 -31.91 37.71
CA ILE F 133 8.91 -31.34 36.86
C ILE F 133 8.92 -31.99 35.49
N MET F 134 10.11 -32.26 34.94
N MET F 134 10.10 -32.28 34.99
CA MET F 134 10.20 -32.96 33.65
CA MET F 134 10.20 -32.96 33.71
C MET F 134 9.54 -34.33 33.74
C MET F 134 9.54 -34.32 33.77
N LYS F 135 9.80 -35.07 34.84
CA LYS F 135 9.14 -36.36 35.05
C LYS F 135 7.63 -36.18 35.04
N ALA F 136 7.12 -35.26 35.85
CA ALA F 136 5.67 -35.06 35.92
C ALA F 136 5.11 -34.70 34.56
N THR F 137 5.80 -33.83 33.83
CA THR F 137 5.30 -33.36 32.55
C THR F 137 5.23 -34.51 31.56
N VAL F 138 6.33 -35.28 31.46
CA VAL F 138 6.34 -36.42 30.54
C VAL F 138 5.23 -37.40 30.88
N ILE F 139 5.07 -37.71 32.16
CA ILE F 139 3.99 -38.61 32.57
C ILE F 139 2.64 -38.03 32.16
N GLY F 140 2.46 -36.72 32.32
CA GLY F 140 1.22 -36.08 31.89
C GLY F 140 0.94 -36.27 30.40
N PHE F 141 1.95 -36.02 29.56
CA PHE F 141 1.78 -36.23 28.13
C PHE F 141 1.47 -37.68 27.79
N ILE F 142 2.09 -38.64 28.48
CA ILE F 142 1.85 -40.06 28.18
C ILE F 142 0.48 -40.54 28.65
N THR F 143 -0.18 -39.82 29.57
CA THR F 143 -1.39 -40.33 30.21
C THR F 143 -2.63 -39.45 30.00
N ASN F 144 -2.63 -38.63 28.96
N ASN F 144 -2.63 -38.62 28.96
CA ASN F 144 -3.75 -37.73 28.65
CA ASN F 144 -3.76 -37.77 28.60
C ASN F 144 -4.04 -36.77 29.81
C ASN F 144 -4.02 -36.64 29.58
N ASN F 145 -2.99 -36.11 30.25
N ASN F 145 -2.99 -36.20 30.32
CA ASN F 145 -3.09 -35.07 31.27
CA ASN F 145 -3.10 -35.11 31.27
C ASN F 145 -2.29 -33.84 30.84
C ASN F 145 -2.27 -33.89 30.84
N SER F 146 -2.12 -33.67 29.53
CA SER F 146 -1.45 -32.50 28.97
C SER F 146 -2.54 -31.58 28.44
N GLN F 147 -2.91 -30.59 29.25
CA GLN F 147 -4.19 -29.90 29.06
C GLN F 147 -4.18 -28.97 27.85
N GLN F 148 -3.01 -28.50 27.44
N GLN F 148 -3.01 -28.49 27.44
CA GLN F 148 -2.92 -27.62 26.28
CA GLN F 148 -2.91 -27.61 26.28
C GLN F 148 -2.51 -28.34 25.01
C GLN F 148 -2.50 -28.34 25.00
N LYS F 149 -2.22 -29.65 25.06
CA LYS F 149 -1.77 -30.34 23.86
CA LYS F 149 -1.75 -30.34 23.87
C LYS F 149 -2.01 -31.83 24.04
N LYS F 150 -3.09 -32.32 23.43
CA LYS F 150 -3.31 -33.75 23.41
C LYS F 150 -2.53 -34.36 22.25
N LEU F 151 -2.35 -35.66 22.33
CA LEU F 151 -1.57 -36.40 21.36
C LEU F 151 -2.45 -36.91 20.23
N SER F 152 -1.78 -37.23 19.12
N SER F 152 -1.80 -37.28 19.13
CA SER F 152 -2.40 -37.95 18.00
CA SER F 152 -2.48 -37.94 18.02
C SER F 152 -2.18 -39.44 18.24
C SER F 152 -2.31 -39.45 18.13
N THR F 153 -2.95 -39.99 19.14
CA THR F 153 -3.00 -41.42 19.44
C THR F 153 -4.43 -41.86 19.68
N PRO F 154 -4.73 -43.14 19.49
CA PRO F 154 -6.00 -43.68 19.95
C PRO F 154 -6.03 -43.57 21.46
N ALA F 155 -7.19 -43.25 22.01
CA ALA F 155 -7.27 -43.13 23.45
C ALA F 155 -7.15 -44.50 24.11
N GLY F 156 -6.34 -44.57 25.16
CA GLY F 156 -6.13 -45.83 25.85
C GLY F 156 -5.25 -45.62 27.06
N ASP F 157 -4.76 -46.75 27.58
N ASP F 157 -4.74 -46.75 27.56
CA ASP F 157 -4.00 -46.77 28.84
CA ASP F 157 -4.00 -46.81 28.81
C ASP F 157 -2.53 -46.94 28.54
C ASP F 157 -2.52 -46.94 28.50
N CYS F 158 -1.73 -45.97 28.98
CA CYS F 158 -0.28 -45.99 28.83
C CYS F 158 0.39 -45.97 30.20
N SER F 159 -0.32 -46.46 31.22
CA SER F 159 0.17 -46.36 32.59
C SER F 159 1.46 -47.13 32.81
N ALA F 160 1.60 -48.31 32.19
CA ALA F 160 2.84 -49.07 32.36
C ALA F 160 4.04 -48.31 31.79
N LEU F 161 3.88 -47.73 30.60
CA LEU F 161 4.97 -46.98 30.01
C LEU F 161 5.27 -45.72 30.81
N ALA F 162 4.24 -45.07 31.37
CA ALA F 162 4.51 -43.92 32.25
C ALA F 162 5.29 -44.32 33.49
N SER F 163 4.97 -45.49 34.08
N SER F 163 4.97 -45.48 34.10
CA SER F 163 5.73 -45.94 35.24
CA SER F 163 5.74 -45.93 35.24
C SER F 163 7.17 -46.25 34.86
C SER F 163 7.18 -46.22 34.84
N GLU F 164 7.36 -46.83 33.68
CA GLU F 164 8.71 -47.17 33.23
C GLU F 164 9.55 -45.91 33.03
N VAL F 165 8.99 -44.91 32.34
CA VAL F 165 9.77 -43.69 32.10
C VAL F 165 9.98 -42.96 33.42
N GLY F 166 9.02 -43.05 34.33
CA GLY F 166 9.23 -42.47 35.65
C GLY F 166 10.44 -43.07 36.35
N GLY F 167 10.62 -44.39 36.22
CA GLY F 167 11.81 -45.03 36.75
C GLY F 167 13.09 -44.46 36.17
N TYR F 168 13.10 -44.18 34.88
CA TYR F 168 14.30 -43.60 34.26
C TYR F 168 14.58 -42.22 34.82
N PHE F 169 13.55 -41.39 35.02
CA PHE F 169 13.76 -40.10 35.66
C PHE F 169 14.27 -40.25 37.11
N ASP F 170 13.77 -41.24 37.82
CA ASP F 170 14.24 -41.47 39.19
C ASP F 170 15.72 -41.83 39.20
N LYS F 171 16.20 -42.49 38.15
CA LYS F 171 17.64 -42.78 38.09
C LYS F 171 18.42 -41.48 37.94
N VAL F 172 17.88 -40.54 37.16
CA VAL F 172 18.51 -39.23 37.02
C VAL F 172 18.52 -38.50 38.35
N SER F 173 17.35 -38.41 39.00
N SER F 173 17.36 -38.40 39.01
CA SER F 173 17.28 -37.69 40.28
CA SER F 173 17.27 -37.63 40.25
C SER F 173 18.25 -38.29 41.29
C SER F 173 18.14 -38.24 41.35
N SER F 174 18.26 -39.61 41.39
N SER F 174 18.27 -39.57 41.35
CA SER F 174 19.11 -40.27 42.37
CA SER F 174 19.10 -40.21 42.36
C SER F 174 20.58 -39.97 42.12
C SER F 174 20.58 -39.96 42.11
N ALA F 175 20.99 -39.99 40.84
CA ALA F 175 22.38 -39.73 40.50
C ALA F 175 22.79 -38.30 40.83
N LEU F 176 21.87 -37.35 40.74
CA LEU F 176 22.20 -35.94 40.89
C LEU F 176 21.90 -35.38 42.28
N ALA F 177 21.20 -36.13 43.12
CA ALA F 177 20.78 -35.62 44.42
C ALA F 177 21.95 -35.18 45.27
N ALA G 1 4.71 -10.28 -9.70
CA ALA G 1 3.67 -11.34 -9.65
C ALA G 1 3.99 -12.36 -8.56
N MET G 2 2.95 -12.93 -7.96
CA MET G 2 3.10 -14.10 -7.10
C MET G 2 3.53 -15.27 -7.97
N ARG G 3 4.74 -15.77 -7.73
CA ARG G 3 5.37 -16.68 -8.68
C ARG G 3 5.15 -18.16 -8.42
N LYZ G 4 4.35 -18.49 -7.41
CA LYZ G 4 4.02 -19.88 -7.12
C LYZ G 4 5.23 -20.73 -6.73
O LYZ G 4 5.28 -21.96 -6.88
CB LYZ G 4 3.31 -20.61 -8.30
CG LYZ G 4 2.06 -19.87 -8.71
CD LYZ G 4 1.32 -20.50 -9.89
CE LYZ G 4 0.24 -19.52 -10.40
NZ LYZ G 4 -0.56 -19.97 -11.51
OH LYZ G 4 0.69 -21.72 -9.53
HA LYZ G 4 3.39 -19.90 -6.18
HB2 LYZ G 4 3.05 -21.66 -7.99
HB3 LYZ G 4 4.01 -20.69 -9.17
HG2 LYZ G 4 2.32 -18.81 -9.00
HG3 LYZ G 4 1.35 -19.81 -7.85
HD LYZ G 4 2.04 -20.79 -10.70
HE2 LYZ G 4 0.78 -18.57 -10.70
HE3 LYZ G 4 -0.44 -19.27 -9.55
HZ1 LYZ G 4 -1.01 -20.83 -11.29
HZ2 LYZ G 4 -1.26 -19.29 -11.72
HH LYZ G 4 1.39 -22.39 -9.45
N ASP G 5 6.25 -20.05 -6.20
CA ASP G 5 7.49 -20.71 -5.78
C ASP G 5 7.60 -20.85 -4.25
N ALA G 6 6.58 -20.35 -3.57
CA ALA G 6 6.51 -20.38 -2.11
C ALA G 6 7.69 -19.67 -1.43
N LYS G 7 8.36 -18.75 -2.11
CA LYS G 7 9.46 -18.00 -1.50
C LYS G 7 8.91 -16.78 -0.77
N ALA G 8 9.52 -16.47 0.36
CA ALA G 8 9.09 -15.35 1.18
C ALA G 8 10.31 -14.78 1.86
N PRO G 9 10.27 -13.51 2.25
CA PRO G 9 11.41 -12.91 2.97
C PRO G 9 11.41 -13.38 4.41
N TYR G 10 12.47 -14.12 4.79
CA TYR G 10 12.72 -14.47 6.18
C TYR G 10 13.52 -13.33 6.80
N VAL G 11 12.91 -12.66 7.75
CA VAL G 11 13.54 -11.58 8.49
C VAL G 11 13.87 -12.11 9.88
N THR G 12 15.10 -11.90 10.32
CA THR G 12 15.46 -12.22 11.69
C THR G 12 16.06 -10.99 12.34
N VAL G 13 15.61 -10.66 13.54
CA VAL G 13 16.08 -9.50 14.28
C VAL G 13 16.88 -9.99 15.47
N PHE G 14 18.16 -9.66 15.52
CA PHE G 14 19.04 -10.15 16.56
C PHE G 14 19.26 -9.06 17.61
N ASP G 15 19.09 -9.42 18.88
CA ASP G 15 19.44 -8.55 20.01
C ASP G 15 20.23 -9.39 21.00
N GLU G 16 21.55 -9.31 20.92
CA GLU G 16 22.48 -10.07 21.73
C GLU G 16 23.24 -9.15 22.69
N ARG G 17 22.58 -8.06 23.09
CA ARG G 17 23.20 -7.13 24.02
C ARG G 17 23.50 -7.76 25.37
N ASP G 18 22.96 -8.94 25.65
CA ASP G 18 23.32 -9.63 26.88
C ASP G 18 24.78 -10.01 26.88
N GLY G 19 25.40 -10.18 25.73
CA GLY G 19 26.82 -10.46 25.63
C GLY G 19 27.18 -11.80 25.03
N CYS G 20 26.22 -12.69 24.87
CA CYS G 20 26.51 -14.01 24.30
C CYS G 20 26.28 -13.92 22.80
N GLY G 21 27.36 -13.81 22.04
CA GLY G 21 27.26 -13.53 20.62
C GLY G 21 27.11 -14.78 19.77
N GLY G 22 26.31 -14.64 18.72
CA GLY G 22 26.28 -15.60 17.65
C GLY G 22 27.47 -15.42 16.73
N PRO G 23 27.52 -16.23 15.67
CA PRO G 23 28.57 -16.05 14.66
C PRO G 23 28.54 -14.65 14.10
N THR G 24 29.71 -14.07 13.85
CA THR G 24 29.76 -12.75 13.26
C THR G 24 29.60 -12.89 11.76
N LYS G 25 28.58 -12.22 11.23
CA LYS G 25 28.29 -12.26 9.81
C LYS G 25 28.32 -10.89 9.18
N ALA G 26 28.45 -9.83 9.97
CA ALA G 26 28.59 -8.49 9.45
C ALA G 26 29.67 -7.79 10.25
N GLY G 27 30.32 -6.81 9.63
CA GLY G 27 31.05 -5.83 10.39
C GLY G 27 30.04 -4.99 11.16
N GLY G 28 30.47 -4.50 12.31
CA GLY G 28 29.67 -3.55 13.07
C GLY G 28 29.32 -3.95 14.47
N ASN G 29 29.75 -5.11 14.97
CA ASN G 29 29.28 -5.58 16.27
C ASN G 29 29.93 -4.82 17.42
N SER G 30 30.10 -3.51 17.25
CA SER G 30 30.85 -2.66 18.14
C SER G 30 30.07 -1.37 18.34
N GLY G 31 30.34 -0.68 19.44
CA GLY G 31 29.86 0.69 19.51
C GLY G 31 28.36 0.80 19.75
N ASP G 32 27.79 1.87 19.21
CA ASP G 32 26.39 2.19 19.49
C ASP G 32 25.46 1.06 19.08
N ASN G 33 25.89 0.20 18.17
CA ASN G 33 25.07 -0.85 17.61
C ASN G 33 25.52 -2.23 18.07
N LYS G 34 26.30 -2.30 19.13
CA LYS G 34 26.78 -3.58 19.60
C LYS G 34 25.59 -4.48 19.91
N GLY G 35 25.69 -5.72 19.47
CA GLY G 35 24.68 -6.72 19.73
C GLY G 35 23.43 -6.64 18.89
N LEU G 36 23.32 -5.69 17.96
CA LEU G 36 22.13 -5.52 17.14
C LEU G 36 22.43 -5.89 15.69
N CYS G 37 21.52 -6.63 15.07
CA CYS G 37 21.72 -7.01 13.67
C CYS G 37 20.38 -7.43 13.07
N VAL G 38 20.20 -7.14 11.78
CA VAL G 38 19.01 -7.60 11.05
C VAL G 38 19.47 -8.42 9.87
N LYS G 39 18.83 -9.56 9.68
CA LYS G 39 19.11 -10.47 8.57
C LYS G 39 17.85 -10.62 7.72
N VAL G 40 18.02 -10.63 6.40
CA VAL G 40 16.93 -10.94 5.49
C VAL G 40 17.44 -11.93 4.46
N ALA G 41 16.73 -13.05 4.30
CA ALA G 41 16.95 -13.96 3.19
C ALA G 41 15.62 -14.21 2.47
N MET G 42 15.70 -14.53 1.20
CA MET G 42 14.50 -14.81 0.40
C MET G 42 14.53 -16.27 -0.03
N LYS G 43 13.66 -17.09 0.57
CA LYS G 43 13.77 -18.52 0.35
C LYS G 43 12.42 -19.20 0.46
N LYS G 44 12.36 -20.42 -0.05
CA LYS G 44 11.13 -21.17 -0.02
C LYS G 44 10.73 -21.44 1.42
N VAL G 45 9.44 -21.29 1.70
CA VAL G 45 8.84 -21.77 2.95
C VAL G 45 8.52 -23.25 2.74
N ALA G 46 9.38 -24.11 3.25
CA ALA G 46 9.31 -25.55 3.06
C ALA G 46 8.50 -26.20 4.16
N TYR G 47 7.97 -27.38 3.89
CA TYR G 47 7.27 -28.14 4.92
C TYR G 47 8.21 -28.64 6.00
N GLY G 48 9.45 -28.86 5.62
CA GLY G 48 10.43 -29.27 6.61
C GLY G 48 11.79 -29.16 6.01
N GLU G 49 12.79 -29.30 6.89
CA GLU G 49 14.18 -29.20 6.49
C GLU G 49 15.04 -29.95 7.49
N GLY G 50 16.13 -30.54 6.99
CA GLY G 50 17.10 -31.19 7.86
C GLY G 50 16.52 -32.40 8.57
N GLY G 51 15.49 -33.01 7.98
CA GLY G 51 14.82 -34.13 8.60
C GLY G 51 13.80 -33.74 9.64
N VAL G 52 13.57 -32.45 9.85
CA VAL G 52 12.59 -31.97 10.80
C VAL G 52 11.33 -31.56 10.03
N ASP G 53 10.23 -32.27 10.31
CA ASP G 53 8.96 -32.04 9.63
C ASP G 53 8.19 -30.96 10.37
N ARG G 54 8.66 -29.73 10.20
CA ARG G 54 8.17 -28.61 11.01
C ARG G 54 6.70 -28.33 10.74
N ILE G 55 6.32 -28.16 9.48
CA ILE G 55 4.94 -27.81 9.22
C ILE G 55 4.05 -29.03 9.35
N GLY G 56 4.56 -30.22 9.03
CA GLY G 56 3.76 -31.42 9.25
C GLY G 56 3.39 -31.63 10.71
N GLU G 57 4.31 -31.28 11.63
CA GLU G 57 4.00 -31.41 13.04
C GLU G 57 2.94 -30.39 13.45
N MET G 58 3.03 -29.16 12.92
N MET G 58 3.03 -29.18 12.89
CA MET G 58 2.01 -28.16 13.17
CA MET G 58 2.02 -28.17 13.16
C MET G 58 0.64 -28.64 12.67
C MET G 58 0.65 -28.61 12.65
N ALA G 59 0.61 -29.27 11.50
CA ALA G 59 -0.66 -29.77 10.95
C ALA G 59 -1.26 -30.85 11.84
N ARG G 60 -0.44 -31.80 12.28
CA ARG G 60 -0.94 -32.83 13.19
C ARG G 60 -1.53 -32.18 14.43
N ASP G 61 -0.90 -31.12 14.93
CA ASP G 61 -1.42 -30.46 16.12
C ASP G 61 -2.78 -29.83 15.88
N VAL G 62 -2.99 -29.18 14.73
CA VAL G 62 -4.28 -28.54 14.47
C VAL G 62 -5.41 -29.56 14.53
N PHE G 63 -5.23 -30.73 13.90
CA PHE G 63 -6.32 -31.69 13.85
C PHE G 63 -6.79 -32.10 15.25
N VAL G 64 -5.85 -32.26 16.18
N VAL G 64 -5.88 -32.25 16.20
CA VAL G 64 -6.13 -32.72 17.55
CA VAL G 64 -6.30 -32.72 17.52
C VAL G 64 -6.53 -31.57 18.46
C VAL G 64 -6.41 -31.62 18.56
N ASN G 65 -5.88 -30.42 18.29
CA ASN G 65 -5.90 -29.36 19.30
C ASN G 65 -6.49 -28.03 18.85
N TYR G 66 -7.25 -28.00 17.74
CA TYR G 66 -7.82 -26.74 17.30
C TYR G 66 -8.77 -26.13 18.33
N ASP G 67 -9.30 -26.95 19.25
CA ASP G 67 -10.21 -26.47 20.28
C ASP G 67 -9.48 -25.79 21.43
N LYS G 68 -8.16 -25.94 21.50
N LYS G 68 -8.16 -25.90 21.49
CA LYS G 68 -7.36 -25.26 22.50
CA LYS G 68 -7.39 -25.26 22.55
C LYS G 68 -7.23 -23.78 22.13
C LYS G 68 -7.02 -23.84 22.12
N GLN G 69 -6.84 -22.98 23.11
CA GLN G 69 -6.44 -21.59 22.90
C GLN G 69 -5.10 -21.39 23.59
N ARG G 70 -4.04 -21.48 22.81
CA ARG G 70 -2.71 -21.30 23.37
C ARG G 70 -2.45 -19.85 23.79
N GLY G 71 -3.30 -18.89 23.39
CA GLY G 71 -3.13 -17.52 23.77
C GLY G 71 -3.78 -17.13 25.08
N LYS G 72 -4.23 -18.10 25.87
CA LYS G 72 -4.70 -17.80 27.22
C LYS G 72 -4.34 -18.90 28.21
N PHE H 5 18.28 -4.37 1.42
CA PHE H 5 17.50 -5.61 1.46
C PHE H 5 16.67 -5.80 0.19
N SER H 6 16.55 -4.76 -0.63
CA SER H 6 15.78 -4.89 -1.86
C SER H 6 16.44 -5.90 -2.80
N LYS H 7 17.77 -5.93 -2.81
CA LYS H 7 18.47 -6.85 -3.71
C LYS H 7 18.30 -8.29 -3.28
N VAL H 8 18.10 -8.54 -1.98
CA VAL H 8 17.81 -9.90 -1.52
C VAL H 8 16.53 -10.42 -2.19
N ILE H 9 15.50 -9.57 -2.25
CA ILE H 9 14.23 -9.97 -2.87
C ILE H 9 14.43 -10.30 -4.34
N THR H 10 15.33 -9.59 -5.02
CA THR H 10 15.46 -9.71 -6.48
C THR H 10 16.62 -10.60 -6.90
N SER H 11 17.45 -11.07 -5.97
CA SER H 11 18.59 -11.87 -6.36
C SER H 11 18.15 -13.27 -6.81
N ALA H 12 19.06 -13.97 -7.50
CA ALA H 12 18.67 -15.28 -8.03
C ALA H 12 18.52 -16.32 -6.92
N ASP H 13 19.40 -16.29 -5.91
CA ASP H 13 19.37 -17.29 -4.85
C ASP H 13 18.76 -16.78 -3.53
N GLY H 14 18.52 -15.48 -3.40
CA GLY H 14 18.00 -14.97 -2.14
C GLY H 14 18.93 -15.13 -0.95
N LYS H 15 20.24 -15.28 -1.22
CA LYS H 15 21.24 -15.41 -0.17
C LYS H 15 21.12 -14.28 0.83
N ALA H 16 21.30 -14.63 2.10
CA ALA H 16 21.03 -13.67 3.18
C ALA H 16 21.93 -12.43 3.08
N ALA H 17 21.35 -11.29 3.42
CA ALA H 17 22.10 -10.06 3.67
C ALA H 17 21.94 -9.71 5.15
N TYR H 18 22.97 -9.07 5.68
CA TYR H 18 23.02 -8.71 7.09
C TYR H 18 23.28 -7.22 7.20
N VAL H 19 22.54 -6.57 8.08
CA VAL H 19 22.68 -5.15 8.35
C VAL H 19 23.12 -5.01 9.81
N GLY H 20 24.35 -4.50 10.01
CA GLY H 20 24.85 -4.18 11.32
C GLY H 20 25.57 -2.85 11.26
N GLY H 21 25.99 -2.39 12.44
CA GLY H 21 26.79 -1.17 12.51
C GLY H 21 26.13 0.01 11.83
N ALA H 22 26.93 0.75 11.04
CA ALA H 22 26.40 1.94 10.37
C ALA H 22 25.28 1.62 9.39
N ASP H 23 25.26 0.41 8.82
CA ASP H 23 24.17 0.05 7.91
C ASP H 23 22.85 -0.06 8.68
N LEU H 24 22.92 -0.54 9.91
CA LEU H 24 21.73 -0.61 10.75
C LEU H 24 21.27 0.77 11.16
N GLN H 25 22.20 1.66 11.51
CA GLN H 25 21.79 3.03 11.83
C GLN H 25 21.13 3.68 10.63
N ALA H 26 21.63 3.41 9.43
CA ALA H 26 21.06 4.04 8.25
C ALA H 26 19.67 3.48 7.96
N LEU H 27 19.49 2.19 8.13
CA LEU H 27 18.18 1.59 7.89
C LEU H 27 17.15 2.22 8.81
N LYS H 28 17.51 2.36 10.09
CA LYS H 28 16.58 2.92 11.06
C LYS H 28 16.35 4.41 10.82
N LYS H 29 17.30 5.08 10.17
CA LYS H 29 17.22 6.52 9.90
C LYS H 29 16.14 6.85 8.89
N PHE H 30 15.86 5.97 7.94
CA PHE H 30 14.93 6.25 6.85
C PHE H 30 13.55 5.61 7.03
N VAL H 31 13.27 4.99 8.17
CA VAL H 31 11.92 4.55 8.49
C VAL H 31 11.53 5.23 9.80
N SER H 32 10.22 5.37 10.03
CA SER H 32 9.78 6.00 11.27
C SER H 32 9.96 5.04 12.44
N GLU H 33 10.36 5.59 13.59
CA GLU H 33 10.42 4.85 14.84
C GLU H 33 11.29 3.59 14.72
N GLY H 34 12.50 3.79 14.22
CA GLY H 34 13.41 2.71 13.91
C GLY H 34 13.49 1.63 14.98
N ASN H 35 13.83 2.03 16.20
CA ASN H 35 14.03 1.04 17.25
C ASN H 35 12.76 0.29 17.56
N LYS H 36 11.65 1.01 17.80
CA LYS H 36 10.40 0.32 18.09
C LYS H 36 9.98 -0.56 16.91
N ARG H 37 10.32 -0.12 15.70
CA ARG H 37 9.98 -0.89 14.49
C ARG H 37 10.70 -2.23 14.49
N MET H 38 11.99 -2.23 14.85
CA MET H 38 12.73 -3.49 14.94
C MET H 38 12.14 -4.40 16.01
N ASP H 39 11.74 -3.83 17.15
CA ASP H 39 11.08 -4.62 18.18
C ASP H 39 9.76 -5.19 17.67
N SER H 40 9.03 -4.41 16.87
CA SER H 40 7.76 -4.87 16.34
C SER H 40 7.96 -6.01 15.37
N VAL H 41 8.96 -5.90 14.50
CA VAL H 41 9.24 -6.98 13.57
C VAL H 41 9.68 -8.22 14.34
N ASN H 42 10.52 -8.03 15.35
CA ASN H 42 10.94 -9.14 16.19
C ASN H 42 9.74 -9.84 16.82
N ALA H 43 8.76 -9.07 17.29
CA ALA H 43 7.60 -9.66 17.93
C ALA H 43 6.86 -10.57 16.97
N ILE H 44 6.92 -10.28 15.67
CA ILE H 44 6.26 -11.13 14.68
C ILE H 44 7.10 -12.38 14.41
N VAL H 45 8.34 -12.18 13.97
CA VAL H 45 9.08 -13.31 13.42
C VAL H 45 9.46 -14.30 14.51
N SER H 46 9.73 -13.81 15.73
N SER H 46 9.74 -13.81 15.71
CA SER H 46 10.10 -14.69 16.83
CA SER H 46 10.12 -14.71 16.81
C SER H 46 8.94 -15.57 17.28
C SER H 46 8.94 -15.56 17.29
N ASN H 47 7.73 -15.24 16.86
CA ASN H 47 6.53 -15.96 17.24
C ASN H 47 5.75 -16.51 16.05
N ALA H 48 6.46 -16.75 14.95
CA ALA H 48 5.77 -17.10 13.69
C ALA H 48 4.97 -18.39 13.80
N SER H 49 5.56 -19.43 14.40
N SER H 49 5.55 -19.44 14.39
CA SER H 49 4.84 -20.70 14.54
CA SER H 49 4.81 -20.69 14.52
C SER H 49 3.57 -20.52 15.36
C SER H 49 3.54 -20.51 15.35
N CYS H 50 3.67 -19.82 16.48
CA CYS H 50 2.51 -19.56 17.33
C CYS H 50 1.44 -18.80 16.58
N ILE H 51 1.82 -17.71 15.92
CA ILE H 51 0.84 -16.86 15.23
C ILE H 51 0.09 -17.65 14.19
N VAL H 52 0.83 -18.41 13.36
CA VAL H 52 0.21 -19.16 12.29
C VAL H 52 -0.66 -20.27 12.85
N SER H 53 -0.16 -20.98 13.86
CA SER H 53 -0.94 -22.07 14.44
C SER H 53 -2.24 -21.58 15.03
N ASP H 54 -2.18 -20.49 15.82
CA ASP H 54 -3.39 -19.98 16.45
C ASP H 54 -4.40 -19.47 15.41
N SER H 55 -3.89 -18.85 14.33
CA SER H 55 -4.77 -18.28 13.30
C SER H 55 -5.49 -19.37 12.52
N VAL H 56 -4.75 -20.37 12.03
CA VAL H 56 -5.36 -21.45 11.27
C VAL H 56 -6.23 -22.31 12.20
N SER H 57 -5.78 -22.50 13.44
CA SER H 57 -6.57 -23.27 14.40
C SER H 57 -7.90 -22.58 14.68
N GLY H 58 -7.89 -21.25 14.76
CA GLY H 58 -9.11 -20.50 15.02
C GLY H 58 -10.06 -20.54 13.84
N MET H 59 -9.51 -20.51 12.63
CA MET H 59 -10.35 -20.67 11.45
C MET H 59 -11.08 -22.01 11.51
N VAL H 60 -10.37 -23.05 11.95
CA VAL H 60 -10.96 -24.39 12.04
C VAL H 60 -11.94 -24.47 13.19
N CYS H 61 -11.59 -23.93 14.36
CA CYS H 61 -12.52 -24.07 15.48
C CYS H 61 -13.82 -23.32 15.24
N GLU H 62 -13.78 -22.19 14.52
CA GLU H 62 -15.00 -21.49 14.21
C GLU H 62 -15.78 -22.15 13.09
N ASN H 63 -15.12 -22.91 12.22
CA ASN H 63 -15.79 -23.63 11.13
C ASN H 63 -15.19 -25.01 10.94
N PRO H 64 -15.60 -26.00 11.74
CA PRO H 64 -14.93 -27.31 11.69
C PRO H 64 -15.22 -28.11 10.45
N SER H 65 -16.18 -27.68 9.62
CA SER H 65 -16.38 -28.34 8.34
C SER H 65 -15.14 -28.23 7.47
N LEU H 66 -14.23 -27.33 7.80
CA LEU H 66 -12.98 -27.25 7.05
C LEU H 66 -12.16 -28.53 7.16
N ILE H 67 -12.34 -29.33 8.21
CA ILE H 67 -11.60 -30.58 8.36
C ILE H 67 -12.50 -31.78 8.18
N ALA H 68 -13.75 -31.57 7.70
CA ALA H 68 -14.60 -32.66 7.27
C ALA H 68 -14.17 -33.10 5.86
N PRO H 69 -14.61 -34.28 5.42
CA PRO H 69 -14.20 -34.77 4.09
C PRO H 69 -14.50 -33.72 3.04
N ASN H 70 -13.57 -33.52 2.11
CA ASN H 70 -13.74 -32.47 1.12
C ASN H 70 -13.78 -31.07 1.71
N GLY H 71 -13.40 -30.92 2.98
CA GLY H 71 -13.10 -29.60 3.50
C GLY H 71 -11.78 -29.07 2.98
N GLY H 72 -11.60 -27.74 3.06
CA GLY H 72 -10.42 -27.10 2.51
C GLY H 72 -9.10 -27.60 3.08
N VAL H 73 -9.10 -28.06 4.33
CA VAL H 73 -7.88 -28.58 4.98
C VAL H 73 -8.14 -29.98 5.58
N TYR H 74 -8.85 -30.82 4.85
CA TYR H 74 -9.25 -32.12 5.37
C TYR H 74 -8.06 -33.04 5.60
N THR H 75 -7.08 -33.02 4.71
CA THR H 75 -5.95 -33.93 4.75
C THR H 75 -4.75 -33.21 5.35
N ASN H 76 -3.79 -34.00 5.85
CA ASN H 76 -2.58 -33.38 6.37
C ASN H 76 -1.87 -32.56 5.29
N ARG H 77 -1.79 -33.08 4.07
N ARG H 77 -1.79 -33.09 4.07
CA ARG H 77 -1.10 -32.33 3.01
CA ARG H 77 -1.14 -32.38 2.97
C ARG H 77 -1.73 -30.96 2.82
C ARG H 77 -1.74 -30.97 2.80
N LYS H 78 -3.06 -30.90 2.81
CA LYS H 78 -3.74 -29.62 2.64
C LYS H 78 -3.60 -28.73 3.87
N MET H 79 -3.75 -29.29 5.07
CA MET H 79 -3.55 -28.49 6.28
C MET H 79 -2.15 -27.87 6.30
N ALA H 80 -1.13 -28.65 5.93
CA ALA H 80 0.23 -28.13 5.89
C ALA H 80 0.39 -27.03 4.82
N ALA H 81 -0.18 -27.21 3.63
CA ALA H 81 -0.15 -26.16 2.61
C ALA H 81 -0.79 -24.87 3.12
N CYS H 82 -1.87 -24.99 3.89
CA CYS H 82 -2.54 -23.82 4.43
C CYS H 82 -1.68 -23.12 5.46
N LEU H 83 -1.12 -23.89 6.40
CA LEU H 83 -0.21 -23.34 7.40
C LEU H 83 1.00 -22.70 6.73
N ARG H 84 1.49 -23.30 5.65
CA ARG H 84 2.59 -22.70 4.91
C ARG H 84 2.19 -21.36 4.35
N ASP H 85 1.03 -21.30 3.68
CA ASP H 85 0.61 -20.06 3.06
C ASP H 85 0.40 -18.99 4.11
N ALA H 86 -0.17 -19.36 5.27
CA ALA H 86 -0.34 -18.39 6.33
C ALA H 86 1.02 -17.83 6.77
N GLU H 87 2.04 -18.69 6.86
CA GLU H 87 3.39 -18.26 7.17
C GLU H 87 3.96 -17.38 6.06
N ILE H 88 3.76 -17.76 4.80
CA ILE H 88 4.25 -16.92 3.70
C ILE H 88 3.72 -15.51 3.84
N ILE H 89 2.39 -15.40 4.01
CA ILE H 89 1.77 -14.08 4.12
C ILE H 89 2.34 -13.33 5.33
N LEU H 90 2.42 -14.00 6.49
CA LEU H 90 2.96 -13.35 7.70
C LEU H 90 4.36 -12.80 7.45
N ARG H 91 5.18 -13.58 6.75
CA ARG H 91 6.55 -13.18 6.49
C ARG H 91 6.61 -11.99 5.55
N TYR H 92 5.76 -11.95 4.52
CA TYR H 92 5.69 -10.76 3.68
C TYR H 92 5.21 -9.54 4.47
N VAL H 93 4.27 -9.73 5.41
CA VAL H 93 3.85 -8.62 6.27
C VAL H 93 4.99 -8.16 7.16
N SER H 94 5.78 -9.11 7.67
CA SER H 94 6.91 -8.75 8.53
C SER H 94 7.94 -7.95 7.76
N TYR H 95 8.18 -8.31 6.50
CA TYR H 95 9.10 -7.52 5.69
C TYR H 95 8.54 -6.12 5.39
N SER H 96 7.22 -6.03 5.19
CA SER H 96 6.59 -4.73 4.97
C SER H 96 6.77 -3.83 6.18
N LEU H 97 6.68 -4.40 7.37
CA LEU H 97 6.88 -3.59 8.58
C LEU H 97 8.34 -3.21 8.73
N LEU H 98 9.25 -4.11 8.34
CA LEU H 98 10.66 -3.76 8.39
C LEU H 98 10.96 -2.63 7.45
N SER H 99 10.40 -2.68 6.24
N SER H 99 10.42 -2.67 6.24
CA SER H 99 10.70 -1.72 5.18
CA SER H 99 10.74 -1.70 5.20
C SER H 99 9.85 -0.47 5.25
C SER H 99 9.83 -0.48 5.21
N GLY H 100 8.72 -0.51 5.95
CA GLY H 100 7.80 0.60 5.95
C GLY H 100 7.02 0.77 4.67
N ASP H 101 6.90 -0.29 3.88
N ASP H 101 6.85 -0.32 3.92
CA ASP H 101 6.08 -0.19 2.68
CA ASP H 101 6.29 -0.28 2.59
C ASP H 101 5.70 -1.58 2.23
C ASP H 101 5.63 -1.63 2.31
N SER H 102 4.65 -1.65 1.42
CA SER H 102 4.00 -2.91 1.07
C SER H 102 4.26 -3.33 -0.37
N SER H 103 5.23 -2.70 -1.03
CA SER H 103 5.38 -2.94 -2.46
C SER H 103 5.74 -4.39 -2.76
N VAL H 104 6.63 -4.98 -1.97
CA VAL H 104 7.04 -6.36 -2.21
C VAL H 104 5.90 -7.31 -1.86
N LEU H 105 5.18 -7.04 -0.77
CA LEU H 105 4.00 -7.82 -0.42
C LEU H 105 3.02 -7.86 -1.58
N GLU H 106 2.70 -6.70 -2.14
CA GLU H 106 1.76 -6.65 -3.24
C GLU H 106 2.31 -7.35 -4.47
N ASP H 107 3.59 -7.13 -4.77
CA ASP H 107 4.12 -7.58 -6.05
C ASP H 107 4.36 -9.09 -6.06
N ARG H 108 4.98 -9.61 -4.99
CA ARG H 108 5.44 -10.98 -4.97
C ARG H 108 4.54 -11.93 -4.18
N CYS H 109 3.57 -11.42 -3.42
CA CYS H 109 2.67 -12.26 -2.65
C CYS H 109 1.21 -12.14 -3.09
N LEU H 110 0.70 -10.91 -3.25
CA LEU H 110 -0.74 -10.73 -3.44
C LEU H 110 -1.18 -10.71 -4.90
N ASN H 111 -0.34 -10.27 -5.83
CA ASN H 111 -0.76 -10.13 -7.22
C ASN H 111 -0.86 -11.50 -7.87
N GLY H 112 -2.09 -11.89 -8.23
CA GLY H 112 -2.35 -13.20 -8.77
C GLY H 112 -2.80 -14.24 -7.76
N LEU H 113 -2.74 -13.94 -6.46
CA LEU H 113 -3.04 -14.97 -5.46
C LEU H 113 -4.52 -15.33 -5.43
N LYS H 114 -5.40 -14.33 -5.41
CA LYS H 114 -6.84 -14.59 -5.44
C LYS H 114 -7.22 -15.51 -6.60
N GLU H 115 -6.73 -15.21 -7.80
CA GLU H 115 -7.08 -16.08 -8.93
C GLU H 115 -6.48 -17.47 -8.77
N THR H 116 -5.30 -17.60 -8.16
CA THR H 116 -4.75 -18.92 -7.88
C THR H 116 -5.63 -19.67 -6.89
N TYR H 117 -6.06 -19.01 -5.83
CA TYR H 117 -6.91 -19.68 -4.87
C TYR H 117 -8.25 -20.06 -5.47
N ALA H 118 -8.79 -19.21 -6.36
CA ALA H 118 -10.04 -19.54 -7.04
C ALA H 118 -9.89 -20.83 -7.84
N SER H 119 -8.77 -20.99 -8.53
CA SER H 119 -8.60 -22.16 -9.38
C SER H 119 -8.33 -23.42 -8.55
N LEU H 120 -7.76 -23.27 -7.36
CA LEU H 120 -7.50 -24.41 -6.49
C LEU H 120 -8.70 -24.78 -5.63
N GLY H 121 -9.67 -23.89 -5.50
CA GLY H 121 -10.78 -24.14 -4.60
C GLY H 121 -10.52 -23.80 -3.16
N VAL H 122 -9.52 -22.97 -2.89
CA VAL H 122 -9.22 -22.55 -1.52
C VAL H 122 -10.31 -21.57 -1.09
N PRO H 123 -11.06 -21.87 -0.03
CA PRO H 123 -12.23 -21.04 0.31
C PRO H 123 -11.84 -19.66 0.84
N ALA H 124 -12.52 -18.63 0.32
CA ALA H 124 -12.22 -17.25 0.70
C ALA H 124 -12.62 -16.95 2.13
N ALA H 125 -13.72 -17.52 2.61
CA ALA H 125 -14.16 -17.25 3.97
C ALA H 125 -13.14 -17.73 4.99
N GLY H 126 -12.57 -18.90 4.76
CA GLY H 126 -11.54 -19.40 5.66
C GLY H 126 -10.29 -18.54 5.63
N ASN H 127 -9.83 -18.20 4.43
CA ASN H 127 -8.67 -17.32 4.29
C ASN H 127 -8.92 -15.99 5.02
N ALA H 128 -10.11 -15.45 4.88
CA ALA H 128 -10.42 -14.18 5.53
C ALA H 128 -10.34 -14.29 7.05
N ARG H 129 -10.81 -15.39 7.62
CA ARG H 129 -10.74 -15.53 9.07
C ARG H 129 -9.31 -15.79 9.54
N THR H 130 -8.55 -16.60 8.81
CA THR H 130 -7.15 -16.77 9.18
C THR H 130 -6.43 -15.42 9.20
N ILE H 131 -6.71 -14.56 8.22
CA ILE H 131 -6.01 -13.29 8.14
C ILE H 131 -6.46 -12.33 9.25
N SER H 132 -7.75 -12.35 9.58
N SER H 132 -7.74 -12.36 9.59
N SER H 132 -7.76 -12.34 9.56
CA SER H 132 -8.21 -11.44 10.63
CA SER H 132 -8.21 -11.45 10.63
CA SER H 132 -8.28 -11.50 10.63
C SER H 132 -7.71 -11.87 12.01
C SER H 132 -7.71 -11.87 12.01
C SER H 132 -7.68 -11.87 11.97
N ILE H 133 -7.57 -13.17 12.25
CA ILE H 133 -7.00 -13.62 13.51
C ILE H 133 -5.52 -13.30 13.55
N MET H 134 -4.83 -13.52 12.43
N MET H 134 -4.82 -13.51 12.41
CA MET H 134 -3.43 -13.19 12.37
CA MET H 134 -3.40 -13.20 12.34
C MET H 134 -3.20 -11.72 12.68
C MET H 134 -3.15 -11.71 12.62
N LYS H 135 -4.04 -10.84 12.12
CA LYS H 135 -3.90 -9.41 12.37
C LYS H 135 -4.06 -9.12 13.85
N ALA H 136 -5.10 -9.68 14.47
CA ALA H 136 -5.33 -9.46 15.90
C ALA H 136 -4.15 -9.98 16.73
N THR H 137 -3.64 -11.16 16.38
N THR H 137 -3.63 -11.15 16.38
CA THR H 137 -2.57 -11.78 17.13
CA THR H 137 -2.56 -11.75 17.19
C THR H 137 -1.28 -10.97 16.99
C THR H 137 -1.24 -11.01 16.99
N VAL H 138 -0.98 -10.50 15.79
CA VAL H 138 0.23 -9.71 15.60
C VAL H 138 0.14 -8.40 16.38
N ILE H 139 -1.01 -7.71 16.31
CA ILE H 139 -1.21 -6.51 17.11
C ILE H 139 -1.02 -6.82 18.60
N GLY H 140 -1.57 -7.94 19.06
CA GLY H 140 -1.38 -8.32 20.44
C GLY H 140 0.10 -8.47 20.79
N PHE H 141 0.85 -9.19 19.95
CA PHE H 141 2.27 -9.37 20.24
C PHE H 141 3.02 -8.04 20.17
N ILE H 142 2.74 -7.21 19.16
CA ILE H 142 3.44 -5.94 19.06
C ILE H 142 3.17 -5.07 20.28
N THR H 143 1.91 -5.04 20.76
CA THR H 143 1.52 -4.14 21.84
C THR H 143 1.62 -4.81 23.22
N ASN H 144 2.32 -5.95 23.30
CA ASN H 144 2.54 -6.71 24.53
C ASN H 144 1.24 -7.00 25.28
N ASN H 145 0.24 -7.44 24.52
CA ASN H 145 -1.05 -7.90 25.00
C ASN H 145 -1.23 -9.37 24.68
N SER H 146 -0.16 -10.12 24.78
N SER H 146 -0.14 -10.12 24.76
CA SER H 146 -0.16 -11.56 24.54
CA SER H 146 -0.16 -11.56 24.56
C SER H 146 -0.03 -12.24 25.90
C SER H 146 -0.03 -12.22 25.93
N GLN H 147 -1.12 -12.82 26.39
CA GLN H 147 -1.20 -13.23 27.80
C GLN H 147 -0.28 -14.38 28.15
N GLN H 148 0.01 -15.28 27.23
N GLN H 148 0.00 -15.27 27.20
CA GLN H 148 0.85 -16.42 27.55
CA GLN H 148 0.82 -16.44 27.45
C GLN H 148 2.31 -16.18 27.21
C GLN H 148 2.26 -16.27 26.95
N LYS H 149 2.64 -15.07 26.57
CA LYS H 149 4.02 -14.81 26.18
C LYS H 149 4.32 -13.33 26.09
N LYS H 150 4.85 -12.77 27.17
CA LYS H 150 5.28 -11.38 27.18
C LYS H 150 6.63 -11.25 26.51
N LEU H 151 6.90 -10.06 26.01
CA LEU H 151 8.16 -9.73 25.35
C LEU H 151 8.75 -8.54 26.10
N SER H 152 10.05 -8.60 26.37
CA SER H 152 10.72 -7.52 27.11
C SER H 152 11.02 -6.34 26.20
N THR H 153 10.45 -5.18 26.49
CA THR H 153 10.81 -3.94 25.82
C THR H 153 10.74 -2.79 26.81
N PRO H 154 11.39 -1.66 26.51
CA PRO H 154 11.24 -0.48 27.37
C PRO H 154 9.81 0.01 27.38
N ALA H 155 9.39 0.55 28.51
CA ALA H 155 8.01 1.00 28.66
C ALA H 155 7.68 2.07 27.63
N GLY H 156 6.51 1.92 27.01
CA GLY H 156 6.05 2.93 26.07
C GLY H 156 4.82 2.46 25.32
N ASP H 157 4.75 2.87 24.07
CA ASP H 157 3.56 2.56 23.29
C ASP H 157 3.96 2.38 21.83
N CYS H 158 3.38 1.36 21.18
CA CYS H 158 3.68 1.04 19.79
C CYS H 158 2.41 1.04 18.94
N SER H 159 1.44 1.89 19.33
CA SER H 159 0.13 1.89 18.68
C SER H 159 0.19 2.36 17.23
N ALA H 160 1.10 3.29 16.90
CA ALA H 160 1.25 3.68 15.50
C ALA H 160 1.82 2.55 14.63
N LEU H 161 2.83 1.83 15.13
CA LEU H 161 3.34 0.68 14.39
C LEU H 161 2.29 -0.43 14.30
N ALA H 162 1.49 -0.60 15.37
CA ALA H 162 0.40 -1.58 15.32
C ALA H 162 -0.63 -1.21 14.25
N SER H 163 -1.01 0.07 14.17
N SER H 163 -1.00 0.07 14.18
CA SER H 163 -1.93 0.49 13.13
CA SER H 163 -1.93 0.49 13.14
C SER H 163 -1.32 0.32 11.75
C SER H 163 -1.32 0.30 11.76
N GLU H 164 -0.01 0.56 11.62
CA GLU H 164 0.65 0.37 10.33
C GLU H 164 0.57 -1.08 9.88
N VAL H 165 0.92 -2.01 10.77
CA VAL H 165 0.90 -3.41 10.36
C VAL H 165 -0.52 -3.86 10.09
N GLY H 166 -1.50 -3.32 10.84
CA GLY H 166 -2.89 -3.63 10.55
C GLY H 166 -3.28 -3.23 9.14
N GLY H 167 -2.80 -2.09 8.68
CA GLY H 167 -3.09 -1.68 7.32
C GLY H 167 -2.53 -2.65 6.29
N TYR H 168 -1.35 -3.20 6.56
CA TYR H 168 -0.79 -4.20 5.65
C TYR H 168 -1.66 -5.46 5.62
N PHE H 169 -2.14 -5.91 6.77
CA PHE H 169 -3.07 -7.04 6.78
C PHE H 169 -4.34 -6.70 6.00
N ASP H 170 -4.80 -5.46 6.09
CA ASP H 170 -6.01 -5.10 5.36
C ASP H 170 -5.80 -5.20 3.86
N LYS H 171 -4.60 -4.88 3.38
CA LYS H 171 -4.29 -5.07 1.97
C LYS H 171 -4.35 -6.55 1.58
N VAL H 172 -3.97 -7.45 2.50
CA VAL H 172 -4.10 -8.89 2.24
C VAL H 172 -5.57 -9.29 2.20
N SER H 173 -6.35 -8.87 3.19
N SER H 173 -6.36 -8.87 3.19
CA SER H 173 -7.77 -9.22 3.22
CA SER H 173 -7.76 -9.24 3.21
C SER H 173 -8.45 -8.74 1.96
C SER H 173 -8.48 -8.74 1.97
N SER H 174 -8.16 -7.51 1.54
CA SER H 174 -8.79 -6.95 0.35
C SER H 174 -8.48 -7.78 -0.88
N ALA H 175 -7.21 -8.13 -1.07
CA ALA H 175 -6.81 -8.85 -2.28
C ALA H 175 -7.47 -10.23 -2.36
N LEU H 176 -7.70 -10.86 -1.23
CA LEU H 176 -8.21 -12.23 -1.20
C LEU H 176 -9.71 -12.30 -0.97
N ALA H 177 -10.39 -11.16 -0.86
CA ALA H 177 -11.81 -11.13 -0.59
C ALA H 177 -12.53 -11.76 -1.79
CHC PEB I . -6.86 7.62 -25.72
NC PEB I . -7.02 10.17 -26.35
C1C PEB I . -6.19 11.28 -26.24
C2C PEB I . -4.87 10.85 -25.83
C3C PEB I . -4.94 9.49 -25.58
C4C PEB I . -6.28 9.05 -25.92
CMC PEB I . -3.78 8.60 -25.06
CAC PEB I . -3.63 11.84 -25.51
CBC PEB I . -2.69 11.89 -26.76
CGC PEB I . -1.29 12.37 -26.18
O1C PEB I . -0.85 12.01 -24.99
O2C PEB I . -0.63 13.19 -26.95
ND PEB I . -5.43 6.69 -27.46
C1D PEB I . -6.81 6.83 -26.97
C2D PEB I . -7.14 5.38 -26.53
C3D PEB I . -6.12 4.52 -26.73
C4D PEB I . -5.06 5.32 -27.35
CMD PEB I . -8.51 4.97 -25.83
CAD PEB I . -6.10 3.06 -26.28
CBD PEB I . -5.05 2.21 -26.67
OD PEB I . -3.93 4.87 -27.75
NA PEB I . -12.17 15.03 -28.61
C1A PEB I . -13.54 15.48 -28.97
C2A PEB I . -14.26 14.32 -29.76
C3A PEB I . -13.28 13.09 -29.78
C4A PEB I . -12.03 13.65 -28.98
CMA PEB I . -15.63 13.99 -29.07
CBA PEB I . -12.29 13.70 -32.09
OA PEB I . -13.95 16.61 -28.79
CHA PEB I . -10.94 12.83 -28.78
CAA PEB I . -12.85 12.54 -31.21
NB PEB I . -8.80 12.42 -27.52
C1B PEB I . -9.55 13.37 -28.25
C2B PEB I . -8.93 14.66 -28.44
C3B PEB I . -7.67 14.51 -27.78
C4B PEB I . -7.62 13.17 -27.23
CHB PEB I . -6.43 12.75 -26.62
CMB PEB I . -9.41 15.97 -29.21
CAB PEB I . -6.54 15.61 -27.70
CBB PEB I . -5.77 15.39 -29.04
CGB PEB I . -4.31 15.96 -28.92
O1B PEB I . -3.89 16.31 -27.73
O2B PEB I . -3.63 16.07 -30.03
HHC1 PEB I . -7.86 7.70 -25.41
HHC2 PEB I . -6.31 7.14 -24.99
HNC PEB I . -7.93 10.17 -26.67
HMC1 PEB I . -3.36 8.10 -25.84
HMC2 PEB I . -4.14 7.94 -24.36
HMC3 PEB I . -3.07 9.20 -24.61
HAC1 PEB I . -3.11 11.48 -24.70
HAC2 PEB I . -3.98 12.78 -25.31
HBC1 PEB I . -2.60 10.95 -27.19
HBC2 PEB I . -3.04 12.55 -27.46
HND PEB I . -4.89 7.39 -27.78
H1D1 PEB I . -7.43 7.32 -27.61
HMD1 PEB I . -9.23 5.68 -26.06
HMD2 PEB I . -8.38 4.93 -24.81
HMD3 PEB I . -8.81 4.05 -26.17
HAD1 PEB I . -6.86 2.70 -25.70
HBD1 PEB I . -5.07 1.24 -26.37
HBD2 PEB I . -4.27 2.57 -27.26
HNA PEB I . -11.51 15.57 -28.21
H2A1 PEB I . -14.43 14.59 -30.73
H3A1 PEB I . -13.76 12.28 -29.37
HMA1 PEB I . -16.23 14.81 -29.08
HMA2 PEB I . -15.47 13.70 -28.11
HMA3 PEB I . -16.09 13.23 -29.58
HBA1 PEB I . -12.00 13.31 -33.01
HBA2 PEB I . -13.02 14.41 -32.24
HBA3 PEB I . -11.47 14.13 -31.62
HHA1 PEB I . -11.03 11.83 -28.99
HAA1 PEB I . -12.13 11.82 -31.07
HHB1 PEB I . -5.71 13.44 -26.41
HMB1 PEB I . -9.82 16.62 -28.53
HMB2 PEB I . -10.12 15.71 -29.91
HMB3 PEB I . -8.61 16.41 -29.67
HAB1 PEB I . -6.95 16.56 -27.65
HAB2 PEB I . -5.93 15.46 -26.89
HBB1 PEB I . -6.26 15.87 -29.80
HBB2 PEB I . -5.73 14.38 -29.25
NB AX9 J . -16.50 22.67 -3.07
NB AX9 J . -16.39 22.81 -2.96
ND AX9 J . -16.74 28.17 0.54
ND AX9 J . -16.39 28.44 0.77
OD AX9 J . -17.07 29.93 2.02
OD AX9 J . -16.56 30.28 2.15
C1A AX9 J . -18.71 21.91 -8.17
C1A AX9 J . -18.72 21.62 -8.02
C1B AX9 J . -16.76 21.95 -4.18
C1B AX9 J . -16.77 22.12 -4.07
C1C AX9 J . -16.07 23.58 -0.11
C1C AX9 J . -15.89 23.66 -0.04
C1D AX9 J . -16.01 28.00 -0.68
C1D AX9 J . -15.85 28.17 -0.51
C2A AX9 J . -17.81 22.79 -8.78
C2A AX9 J . -17.91 22.53 -8.70
C2B AX9 J . -17.23 20.70 -3.79
C2B AX9 J . -17.25 20.88 -3.65
C2C AX9 J . -15.85 23.93 1.23
C2C AX9 J . -15.75 24.02 1.29
C2D AX9 J . -15.50 29.39 -0.97
C2D AX9 J . -15.33 29.51 -0.95
C3A AX9 J . -16.85 23.14 -7.85
C3A AX9 J . -17.01 23.06 -7.82
C3B AX9 J . -17.24 20.69 -2.43
C3B AX9 J . -17.16 20.84 -2.28
C3C AX9 J . -15.40 25.22 1.26
C3C AX9 J . -15.35 25.31 1.34
C3D AX9 J . -15.78 30.22 0.04
C3D AX9 J . -15.50 30.42 0.03
C4A AX9 J . -17.17 22.47 -6.68
C4A AX9 J . -17.26 22.48 -6.57
C4B AX9 J . -16.77 21.91 -1.97
C4B AX9 J . -16.63 22.04 -1.87
C4C AX9 J . -15.33 25.69 -0.04
C4C AX9 J . -15.21 25.79 0.04
C4D AX9 J . -16.58 29.48 0.98
C4D AX9 J . -16.20 29.76 1.10
CAA AX9 J . -15.67 24.11 -7.96
CAA AX9 J . -15.94 24.13 -8.08
CAB AX9 J . -17.66 19.54 -1.55
CAB AX9 J . -17.56 19.68 -1.39
CAC AX9 J . -16.06 23.05 2.48
CAC AX9 J . -16.04 23.09 2.48
CAD AX9 J . -15.39 31.68 0.16
CAD AX9 J . -15.09 31.87 0.00
CBA AX9 J . -14.93 24.26 -9.27
CBA AX9 J . -15.25 24.02 -9.42
CBB AX9 J . -19.16 19.24 -1.71
CBB AX9 J . -19.03 19.34 -1.51
CBC AX9 J . -14.80 22.70 3.26
CBC AX9 J . -17.53 23.03 2.76
CBD AX9 J . -16.63 32.49 -0.22
CBD AX9 J . -16.28 32.73 0.33
CGB AX9 J . -20.05 20.42 -1.39
CGB AX9 J . -19.88 20.55 -1.21
CGC AX9 J . -15.14 21.90 4.52
CGC AX9 J . -17.88 22.19 3.97
CHA AX9 J . -16.48 22.58 -5.53
CHA AX9 J . -16.59 22.76 -5.44
CHB AX9 J . -16.57 22.36 -0.55
CHB AX9 J . -16.31 22.43 -0.45
CHC AX9 J . -14.89 27.06 -0.49
CHC AX9 J . -14.76 27.18 -0.39
CMA AX9 J . -17.92 23.28 -10.21
CMA AX9 J . -18.04 22.84 -10.17
CMB AX9 J . -17.64 19.53 -4.67
CMB AX9 J . -17.78 19.72 -4.47
CMC AX9 J . -15.01 25.99 2.51
CMC AX9 J . -15.07 26.08 2.61
CMD AX9 J . -14.68 29.73 -2.20
CMD AX9 J . -14.53 29.66 -2.22
NA AX9 J . -18.27 21.71 -6.89
NA AX9 J . -18.28 21.61 -6.73
NC AX9 J . -15.74 24.68 -0.86
NC AX9 J . -15.54 24.76 -0.79
O1B AX9 J . -20.73 20.96 -2.30
O1B AX9 J . -20.67 21.00 -2.11
O1C AX9 J . -14.38 21.84 5.53
O1C AX9 J . -17.22 22.24 5.07
O2B AX9 J . -20.11 20.88 -0.20
O2B AX9 J . -19.80 21.09 -0.08
O2C AX9 J . -16.22 21.27 4.56
O2C AX9 J . -18.86 21.43 3.88
OA AX9 J . -19.73 21.38 -8.63
OA AX9 J . -19.65 20.95 -8.45
HNB AX9 J . -16.18 23.53 -3.06
HNB AX9 J . -16.04 23.66 -2.95
HND AX9 J . -17.21 27.52 0.96
HND AX9 J . -16.80 27.83 1.31
H1D1 AX9 J . -16.50 27.57 -1.41
H1D1 AX9 J . -16.43 27.71 -1.15
HAA1 AX9 J . -16.01 25.01 -7.72
HAA1 AX9 J . -16.38 25.01 -8.04
HAA2 AX9 J . -15.01 23.84 -7.29
HAA2 AX9 J . -15.26 24.08 -7.38
HAB2 AX9 J . -17.15 18.73 -1.80
HAB2 AX9 J . -17.04 18.89 -1.64
HAB1 AX9 J . -17.48 19.76 -0.61
HAB1 AX9 J . -17.37 19.92 -0.46
HAC1 AX9 J . -16.48 22.22 2.18
HAC1 AX9 J . -15.57 23.44 3.28
HAC2 AX9 J . -16.67 23.52 3.08
HAC2 AX9 J . -15.71 22.20 2.28
HAD2 AX9 J . -14.74 32.10 -0.89
HAD1 AX9 J . -14.66 31.89 -0.44
HBA2 AX9 J . -15.43 24.85 -9.88
HBA2 AX9 J . -15.77 24.48 -10.10
HBA1 AX9 J . -14.04 24.65 -9.12
HBA1 AX9 J . -14.35 24.42 -9.37
HBB2 AX9 J . -19.32 18.98 -2.63
HBB2 AX9 J . -19.23 19.03 -2.42
HBB1 AX9 J . -19.39 18.50 -1.12
HBB1 AX9 J . -19.26 18.63 -0.87
HBC1 AX9 J . -14.34 23.52 3.51
HBC1 AX9 J . -17.98 22.65 1.98
HBC2 AX9 J . -14.21 22.17 2.69
HBC2 AX9 J . -17.86 23.94 2.90
HBD3 AX9 J . -17.32 32.36 0.46
HBD3 AX9 J . -17.02 32.51 -0.27
HBD2 AX9 J . -16.96 32.17 -1.09
HBD2 AX9 J . -16.04 33.67 0.22
HBD1 AX9 J . -16.40 33.43 -0.29
HBD1 AX9 J . -16.55 32.57 1.26
HHA1 AX9 J . -15.69 23.17 -5.56
HHA1 AX9 J . -15.92 23.46 -5.49
HHB1 AX9 J . -16.81 21.72 0.14
HHB1 AX9 J . -16.41 21.74 0.24
HHC2 AX9 J . -14.29 27.43 0.19
HHC2 AX9 J . -14.12 27.51 0.27
HHC1 AX9 J . -14.41 26.98 -1.33
HHC1 AX9 J . -14.32 27.10 -1.25
HMA2 AX9 J . -18.84 23.12 -10.52
HMA2 AX9 J . -18.92 22.55 -10.48
HMA1 AX9 J . -17.30 22.77 -10.77
HMA1 AX9 J . -17.34 22.38 -10.67
HMA3 AX9 J . -17.72 24.23 -10.25
HMA3 AX9 J . -17.96 23.81 -10.31
HMB1 AX9 J . -17.34 19.70 -5.59
HMB1 AX9 J . -17.37 19.74 -5.37
HMB3 AX9 J . -18.61 19.45 -4.66
HMB3 AX9 J . -18.76 19.81 -4.56
HMB2 AX9 J . -17.23 18.71 -4.33
HMB2 AX9 J . -17.56 18.88 -4.03
HMC2 AX9 J . -15.29 26.93 2.41
HMC2 AX9 J . -14.56 25.51 3.23
HMC1 AX9 J . -14.05 25.95 2.64
HMC1 AX9 J . -15.92 26.33 3.02
HMC3 AX9 J . -15.47 25.61 3.28
HMC3 AX9 J . -14.55 26.88 2.40
HMD2 AX9 J . -14.77 29.01 -2.87
HMD2 AX9 J . -14.92 30.38 -2.77
HMD3 AX9 J . -13.74 29.81 -1.95
HMD3 AX9 J . -14.55 28.82 -2.72
HMD1 AX9 J . -14.99 30.56 -2.59
HMD1 AX9 J . -13.60 29.89 -1.99
HNA AX9 J . -18.66 21.15 -6.28
HNA AX9 J . -18.63 21.08 -6.07
CHC PEB K . 7.09 23.28 -3.06
NC PEB K . 6.74 25.86 -3.18
C1C PEB K . 7.52 27.03 -3.36
C2C PEB K . 8.87 26.61 -3.54
C3C PEB K . 8.96 25.21 -3.42
C4C PEB K . 7.61 24.74 -3.22
CMC PEB K . 10.26 24.34 -3.54
CAC PEB K . 10.09 27.63 -3.75
CBC PEB K . 10.69 27.48 -5.19
CGC PEB K . 9.57 27.82 -6.26
O1C PEB K . 8.95 28.97 -6.19
O2C PEB K . 9.34 27.03 -7.25
ND PEB K . 7.89 22.56 -5.31
C1D PEB K . 6.69 22.81 -4.47
C2D PEB K . 6.14 21.37 -4.29
C3D PEB K . 6.94 20.46 -4.92
C4D PEB K . 8.09 21.18 -5.52
CMD PEB K . 4.75 21.12 -3.61
CAD PEB K . 6.79 18.94 -4.86
CBD PEB K . 7.47 18.17 -5.77
OD PEB K . 9.04 20.71 -6.15
NA PEB K . 1.68 30.42 -0.15
C1A PEB K . 0.55 30.63 0.74
C2A PEB K . -0.46 29.43 0.71
C3A PEB K . 0.23 28.35 -0.19
C4A PEB K . 1.49 29.11 -0.76
CMA PEB K . -0.73 28.93 2.18
CBA PEB K . -1.84 26.91 -0.68
OA PEB K . 0.43 31.66 1.42
CHA PEB K . 2.36 28.42 -1.60
CAA PEB K . -0.71 27.80 -1.33
NB PEB K . 4.68 28.07 -2.46
C1B PEB K . 3.67 29.02 -2.12
C2B PEB K . 4.10 30.38 -2.38
C3B PEB K . 5.39 30.29 -2.91
C4B PEB K . 5.76 28.88 -2.93
CHB PEB K . 7.04 28.50 -3.42
CMB PEB K . 3.35 31.75 -2.25
CAB PEB K . 6.35 31.47 -3.32
CBB PEB K . 7.09 31.77 -1.95
CGB PEB K . 7.98 33.05 -2.22
O1B PEB K . 8.05 33.92 -1.21
O2B PEB K . 8.60 33.19 -3.39
HHC1 PEB K . 6.27 23.25 -2.42
HHC2 PEB K . 7.85 22.67 -2.69
HNC PEB K . 5.79 25.83 -3.05
HMC1 PEB K . 10.36 24.00 -4.50
HMC2 PEB K . 10.20 23.55 -2.90
HMC3 PEB K . 11.07 24.92 -3.30
HAC1 PEB K . 9.76 28.59 -3.63
HAC2 PEB K . 10.82 27.44 -3.05
HBC1 PEB K . 11.02 26.51 -5.33
HBC2 PEB K . 11.50 28.11 -5.31
HND PEB K . 8.44 23.24 -5.66
H1D1 PEB K . 6.08 23.54 -4.83
HMD1 PEB K . 4.35 20.24 -3.97
HMD2 PEB K . 4.87 21.05 -2.59
HMD3 PEB K . 4.11 21.91 -3.84
HAD1 PEB K . 6.18 18.50 -4.16
HBD1 PEB K . 8.05 18.59 -6.49
HBD2 PEB K . 7.37 17.13 -5.72
HNA PEB K . 2.41 31.02 -0.31
H2A1 PEB K . -1.37 29.68 0.30
H3A1 PEB K . 0.50 27.52 0.36
HMA1 PEB K . -1.05 29.72 2.75
HMA2 PEB K . 0.12 28.56 2.58
HMA3 PEB K . -1.45 28.21 2.17
HBA1 PEB K . -2.38 27.47 0.01
HBA2 PEB K . -1.41 26.09 -0.20
HBA3 PEB K . -2.48 26.57 -1.42
HHA1 PEB K . 2.11 27.47 -1.87
HAA1 PEB K . -0.16 27.24 -1.98
HHB1 PEB K . 7.65 29.21 -3.82
HMB1 PEB K . 2.33 31.58 -2.21
HMB2 PEB K . 3.56 32.34 -3.05
HMB3 PEB K . 3.64 32.22 -1.38
HAB1 PEB K . 5.82 32.29 -3.65
HAB2 PEB K . 7.01 31.19 -4.06
HBB1 PEB K . 7.68 30.97 -1.67
HBB2 PEB K . 6.42 31.96 -1.20
CHC PEB L . -14.82 3.42 -16.67
NC PEB L . -16.47 2.52 -14.87
C1C PEB L . -17.16 1.29 -14.68
C2C PEB L . -16.87 0.36 -15.70
C3C PEB L . -15.95 1.00 -16.57
C4C PEB L . -15.72 2.33 -16.06
CMC PEB L . -15.36 0.33 -17.83
CAC PEB L . -17.49 -1.15 -15.76
CBC PEB L . -19.05 -1.06 -16.22
CGC PEB L . -19.26 -0.10 -17.51
O1C PEB L . -18.64 -0.37 -18.64
O2C PEB L . -20.09 0.90 -17.41
ND PEB L . -12.70 2.18 -16.17
C1D PEB L . -13.46 3.41 -16.00
C2D PEB L . -12.64 4.48 -16.80
C3D PEB L . -11.49 3.87 -17.26
C4D PEB L . -11.47 2.44 -16.91
CMD PEB L . -13.04 5.99 -16.95
CAD PEB L . -10.50 4.60 -18.20
CBD PEB L . -9.22 4.10 -18.27
OD PEB L . -10.63 1.59 -17.20
NA PEB L . -20.58 5.29 -9.65
C1A PEB L . -21.22 6.24 -8.79
C2A PEB L . -20.15 7.11 -8.01
C3A PEB L . -18.83 6.89 -8.84
C4A PEB L . -19.13 5.53 -9.57
CMA PEB L . -20.52 8.66 -7.95
CBA PEB L . -16.19 7.01 -8.56
OA PEB L . -22.48 6.25 -8.72
CHA PEB L . -18.19 4.81 -10.27
CAA PEB L . -17.61 6.81 -7.87
NB PEB L . -17.92 3.03 -12.10
C1B PEB L . -18.59 3.45 -10.92
C2B PEB L . -19.53 2.42 -10.50
C3B PEB L . -19.46 1.38 -11.46
C4B PEB L . -18.44 1.75 -12.43
CHB PEB L . -18.14 0.88 -13.53
CMB PEB L . -20.49 2.45 -9.23
CAB PEB L . -20.29 0.02 -11.46
CBB PEB L . -19.76 -0.96 -10.34
CGB PEB L . -18.36 -1.56 -10.79
O1B PEB L . -17.48 -1.80 -9.82
O2B PEB L . -18.12 -1.85 -12.04
HHC1 PEB L . -15.26 4.35 -16.55
HHC2 PEB L . -14.69 3.24 -17.69
HNC PEB L . -16.51 3.30 -14.32
HMC1 PEB L . -16.09 0.23 -18.55
HMC2 PEB L . -14.99 -0.61 -17.58
HMC3 PEB L . -14.59 0.90 -18.19
HAC1 PEB L . -17.44 -1.58 -14.83
HAC2 PEB L . -16.96 -1.72 -16.43
HBC1 PEB L . -19.37 -2.01 -16.46
HBC2 PEB L . -19.60 -0.69 -15.44
HND PEB L . -12.97 1.34 -15.85
H1D1 PEB L . -13.68 3.57 -15.02
HMD1 PEB L . -12.22 6.54 -17.25
HMD2 PEB L . -13.38 6.35 -16.05
HMD3 PEB L . -13.79 6.08 -17.66
HAD1 PEB L . -10.80 5.42 -18.76
HBD1 PEB L . -8.94 3.29 -17.73
HBD2 PEB L . -8.53 4.58 -18.89
HNA PEB L . -21.01 4.63 -10.19
H2A1 PEB L . -20.08 6.81 -7.04
H3A1 PEB L . -18.61 7.63 -9.52
HMA1 PEB L . -19.71 9.21 -8.23
HMA2 PEB L . -20.78 8.90 -6.99
HMA3 PEB L . -21.30 8.84 -8.58
HBA1 PEB L . -15.85 6.11 -8.93
HBA2 PEB L . -15.50 7.38 -7.86
HBA3 PEB L . -16.28 7.70 -9.34
HHA1 PEB L . -17.25 5.17 -10.37
HAA1 PEB L . -17.72 7.54 -7.16
HHB1 PEB L . -18.59 -0.04 -13.56
HMB1 PEB L . -21.44 2.75 -9.51
HMB2 PEB L . -20.12 3.10 -8.52
HMB3 PEB L . -20.54 1.50 -8.81
HAB1 PEB L . -20.20 -0.43 -12.37
HAB2 PEB L . -21.28 0.23 -11.28
HBB1 PEB L . -19.64 -0.43 -9.45
HBB2 PEB L . -20.43 -1.72 -10.19
C TRS M . -1.71 42.88 -6.83
C1 TRS M . -2.51 41.57 -6.84
C2 TRS M . -1.27 43.24 -5.42
C3 TRS M . -0.50 42.75 -7.75
N TRS M . -2.73 43.90 -7.36
O1 TRS M . -3.23 41.51 -8.06
O2 TRS M . -2.47 43.45 -4.70
O3 TRS M . 0.37 41.72 -7.33
H11 TRS M . -3.20 41.54 -6.00
H12 TRS M . -1.84 40.72 -6.75
H21 TRS M . -0.65 44.13 -5.41
H22 TRS M . -0.70 42.43 -4.97
H31 TRS M . -0.85 42.54 -8.77
H32 TRS M . 0.04 43.70 -7.78
HN1 TRS M . -3.59 44.08 -6.84
HN2 TRS M . -3.16 43.77 -8.27
HN3 TRS M . -2.46 44.88 -7.48
HO1 TRS M . -3.78 40.70 -8.08
HO2 TRS M . -2.26 43.77 -3.79
HO3 TRS M . 1.14 41.66 -7.95
CHC PEB N . 3.03 39.46 -22.63
NC PEB N . 2.78 37.01 -21.75
C1C PEB N . 2.67 35.73 -22.33
C2C PEB N . 2.78 35.83 -23.76
C3C PEB N . 2.95 37.22 -24.07
C4C PEB N . 2.95 37.93 -22.83
CMC PEB N . 3.10 37.85 -25.50
CAC PEB N . 2.63 34.59 -24.78
CBC PEB N . 4.07 34.16 -25.20
CGC PEB N . 3.75 33.33 -26.54
O1C PEB N . 2.94 33.78 -27.49
O2C PEB N . 4.29 32.13 -26.62
ND PEB N . 5.26 39.61 -23.54
C1D PEB N . 4.39 39.98 -22.43
C2D PEB N . 4.16 41.54 -22.60
C3D PEB N . 4.95 42.00 -23.65
C4D PEB N . 5.60 40.80 -24.27
CMD PEB N . 3.20 42.43 -21.70
CAD PEB N . 5.02 43.48 -24.12
CBD PEB N . 5.74 43.77 -25.32
OD PEB N . 6.39 40.80 -25.28
NA PEB N . 1.92 33.56 -15.17
C1A PEB N . 1.82 33.44 -13.73
C2A PEB N . 2.65 34.54 -13.01
C3A PEB N . 3.29 35.42 -14.14
C4A PEB N . 2.77 34.71 -15.45
CMA PEB N . 1.70 35.41 -12.05
CBA PEB N . 5.56 34.18 -14.19
OA PEB N . 1.13 32.59 -13.17
CHA PEB N . 3.04 35.27 -16.69
CAA PEB N . 4.83 35.58 -14.20
NB PEB N . 2.70 35.18 -19.23
C1B PEB N . 2.89 34.44 -18.03
C2B PEB N . 2.92 33.01 -18.27
C3B PEB N . 2.76 32.87 -19.65
C4B PEB N . 2.62 34.18 -20.23
CHB PEB N . 2.44 34.33 -21.63
CMB PEB N . 3.14 31.77 -17.26
CAB PEB N . 2.73 31.55 -20.48
CBB PEB N . 4.27 31.25 -20.67
CGB PEB N . 4.40 30.25 -21.89
O1B PEB N . 3.29 29.89 -22.51
O2B PEB N . 5.58 29.82 -22.22
HHC1 PEB N . 2.46 39.71 -21.79
HHC2 PEB N . 2.62 39.92 -23.47
HNC PEB N . 2.75 37.22 -20.81
HMC1 PEB N . 2.17 37.89 -25.94
HMC2 PEB N . 3.72 37.27 -26.06
HMC3 PEB N . 3.49 38.80 -25.42
HAC1 PEB N . 2.09 34.88 -25.60
HAC2 PEB N . 2.16 33.82 -24.31
HBC1 PEB N . 4.67 34.96 -25.41
HBC2 PEB N . 4.52 33.56 -24.49
HND PEB N . 5.54 38.73 -23.75
H1D1 PEB N . 4.74 39.62 -21.54
HMD1 PEB N . 2.28 42.54 -22.15
HMD2 PEB N . 3.63 43.36 -21.56
HMD3 PEB N . 3.08 41.98 -20.78
HAD1 PEB N . 4.58 44.24 -23.59
HBD1 PEB N . 5.81 44.74 -25.65
HBD2 PEB N . 6.19 43.01 -25.86
HNA PEB N . 1.52 33.00 -15.82
H2A1 PEB N . 3.40 34.14 -12.44
H3A1 PEB N . 2.98 36.39 -13.99
HMA1 PEB N . 1.41 34.83 -11.26
HMA2 PEB N . 0.89 35.71 -12.57
HMA3 PEB N . 2.21 36.21 -11.70
HBA1 PEB N . 5.34 33.68 -13.31
HBA2 PEB N . 5.24 33.61 -15.00
HBA3 PEB N . 6.59 34.33 -14.26
HHA1 PEB N . 3.34 36.25 -16.75
HAA1 PEB N . 5.09 36.08 -15.06
HHB1 PEB N . 2.17 33.52 -22.19
HMB1 PEB N . 2.23 31.39 -16.99
HMB2 PEB N . 3.64 32.10 -16.43
HMB3 PEB N . 3.69 31.04 -17.74
HAB1 PEB N . 2.26 31.69 -21.38
HAB2 PEB N . 2.27 30.79 -19.96
HBB1 PEB N . 4.78 32.12 -20.87
HBB2 PEB N . 4.66 30.82 -19.82
NB AX9 O . -25.15 33.49 -18.95
ND AX9 O . -30.05 29.19 -18.72
OD AX9 O . -32.02 27.89 -18.60
C1A AX9 O . -20.85 34.10 -15.31
C1B AX9 O . -24.02 34.07 -18.44
C1C AX9 O . -27.95 33.14 -20.18
C1D AX9 O . -28.66 28.91 -19.00
C2A AX9 O . -20.26 32.87 -15.70
C2B AX9 O . -24.15 35.46 -18.48
C2C AX9 O . -29.23 32.98 -20.71
C2D AX9 O . -28.66 27.40 -19.04
C3A AX9 O . -21.00 32.38 -16.74
C3B AX9 O . -25.39 35.71 -19.02
C3C AX9 O . -29.48 31.66 -20.82
C3D AX9 O . -29.91 26.90 -19.01
C4A AX9 O . -22.01 33.33 -17.01
C4B AX9 O . -26.00 34.50 -19.32
C4C AX9 O . -28.37 30.96 -20.40
C4D AX9 O . -30.80 28.01 -18.75
CAA AX9 O . -20.91 31.05 -17.51
CAB AX9 O . -25.98 37.07 -19.29
CAC AX9 O . -30.19 34.13 -21.05
CAD AX9 O . -30.18 25.44 -18.88
CBA AX9 O . -19.53 30.41 -17.63
CBB AX9 O . -26.42 37.76 -18.01
CBC AX9 O . -30.07 34.58 -22.47
CBD AX9 O . -31.18 25.09 -17.80
CGB AX9 O . -27.58 37.01 -17.41
CGC AX9 O . -31.08 35.68 -22.73
CHA AX9 O . -22.91 33.15 -17.99
CHB AX9 O . -27.37 34.34 -19.93
CHC AX9 O . -28.26 29.45 -20.34
CMA AX9 O . -19.10 32.23 -14.99
CMB AX9 O . -23.14 36.48 -18.08
CMC AX9 O . -30.74 31.00 -21.35
CMD AX9 O . -27.38 26.59 -19.31
NA AX9 O . -21.88 34.36 -16.15
NC AX9 O . -27.46 31.87 -20.01
O1B AX9 O . -27.54 36.65 -16.21
O1C AX9 O . -31.86 35.59 -23.71
O2B AX9 O . -28.59 36.72 -18.11
O2C AX9 O . -31.11 36.70 -21.99
OA AX9 O . -20.50 34.86 -14.42
HNB AX9 O . -25.31 32.60 -19.03
HND AX9 O . -30.41 30.02 -18.55
H1D1 AX9 O . -28.02 29.36 -18.42
HAA1 AX9 O . -21.50 30.41 -17.06
HAA2 AX9 O . -21.24 31.21 -18.42
HAB2 AX9 O . -25.31 37.63 -19.74
HAB1 AX9 O . -26.76 36.98 -19.88
HAC1 AX9 O . -29.99 34.88 -20.45
HAC2 AX9 O . -31.10 33.81 -20.88
HAD1 AX9 O . -29.34 24.98 -18.69
HBA2 AX9 O . -19.57 29.53 -17.94
HBA1 AX9 O . -19.13 30.47 -16.70
HBB2 AX9 O . -25.67 37.75 -17.37
HBB1 AX9 O . -26.69 38.68 -18.20
HBC1 AX9 O . -30.26 33.82 -23.06
HBC2 AX9 O . -29.17 34.91 -22.63
HBD3 AX9 O . -30.83 25.37 -16.93
HBD2 AX9 O . -31.33 24.12 -17.80
HBD1 AX9 O . -32.03 25.55 -17.98
HHA1 AX9 O . -22.83 32.31 -18.48
HHB1 AX9 O . -27.86 35.15 -20.16
HHC2 AX9 O . -28.84 29.06 -21.02
HHC1 AX9 O . -27.33 29.19 -20.51
HMA2 AX9 O . -18.93 32.69 -14.15
HMA1 AX9 O . -18.30 32.28 -15.56
HMA3 AX9 O . -19.30 31.29 -14.81
HMB1 AX9 O . -23.24 36.70 -17.14
HMB3 AX9 O . -23.27 37.29 -18.61
HMB2 AX9 O . -22.23 36.14 -18.23
HMC2 AX9 O . -31.19 31.61 -21.97
HMC1 AX9 O . -31.34 30.80 -20.59
HMC3 AX9 O . -30.50 30.17 -21.81
HMD2 AX9 O . -26.61 27.19 -19.29
HMD3 AX9 O . -27.45 26.16 -20.17
HMD1 AX9 O . -27.28 25.92 -18.60
HNA AX9 O . -22.40 35.10 -16.14
CHC PEB P . -18.59 25.35 -39.96
NC PEB P . -19.39 23.04 -38.98
C1C PEB P . -19.36 21.67 -39.36
C2C PEB P . -18.69 21.55 -40.65
C3C PEB P . -18.30 22.86 -41.05
C4C PEB P . -18.75 23.80 -40.00
CMC PEB P . -17.56 23.23 -42.39
CAC PEB P . -18.49 20.11 -41.41
CBC PEB P . -16.93 19.83 -41.51
CGC PEB P . -16.41 19.68 -39.99
O1C PEB P . -15.42 20.43 -39.65
O2C PEB P . -16.95 18.79 -39.21
ND PEB P . -16.16 25.18 -40.12
C1D PEB P . -17.28 25.58 -39.25
C2D PEB P . -17.17 27.14 -39.11
C3D PEB P . -16.12 27.57 -39.90
C4D PEB P . -15.49 26.39 -40.50
CMD PEB P . -18.21 28.01 -38.26
CAD PEB P . -15.67 29.03 -40.02
CBD PEB P . -14.43 29.40 -40.60
OD PEB P . -14.46 26.43 -41.25
NA PEB P . -24.99 21.17 -34.42
C1A PEB P . -26.22 21.56 -33.68
C2A PEB P . -26.10 23.06 -33.16
C3A PEB P . -24.72 23.61 -33.66
C4A PEB P . -24.12 22.37 -34.44
CMA PEB P . -27.32 23.98 -33.70
CBA PEB P . -24.29 25.47 -31.94
OA PEB P . -27.14 20.71 -33.51
CHA PEB P . -22.86 22.53 -35.03
CAA PEB P . -23.75 24.12 -32.53
NB PEB P . -21.31 21.80 -36.95
C1B PEB P . -22.19 21.38 -35.90
C2B PEB P . -22.29 19.92 -35.82
C3B PEB P . -21.44 19.41 -36.86
C4B PEB P . -20.86 20.56 -37.53
CHB PEB P . -19.94 20.36 -38.63
CMB PEB P . -23.07 18.90 -34.87
CAB PEB P . -21.18 17.90 -37.26
CBB PEB P . -22.35 17.61 -38.32
CGB PEB P . -22.06 16.14 -38.87
O1B PEB P . -23.08 15.37 -39.27
O2B PEB P . -20.82 15.71 -38.93
HHC1 PEB P . -18.55 25.74 -40.94
HHC2 PEB P . -19.37 25.79 -39.45
HNC PEB P . -19.78 23.39 -38.18
HMC1 PEB P . -16.55 23.28 -42.22
HMC2 PEB P . -17.76 22.52 -43.09
HMC3 PEB P . -17.90 24.14 -42.72
HAC1 PEB P . -18.90 20.15 -42.35
HAC2 PEB P . -18.94 19.36 -40.87
HBC1 PEB P . -16.47 20.63 -41.97
HBC2 PEB P . -16.76 18.97 -42.04
HND PEB P . -15.93 24.30 -40.38
H1D1 PEB P . -17.32 25.03 -38.39
HMD1 PEB P . -17.72 28.81 -37.82
HMD2 PEB P . -18.96 28.37 -38.89
HMD3 PEB P . -18.65 27.42 -37.53
HAD1 PEB P . -16.30 29.78 -39.66
HBD1 PEB P . -14.17 30.38 -40.65
HBD2 PEB P . -13.79 28.66 -40.96
HNA PEB P . -24.80 20.32 -34.80
H2A1 PEB P . -26.15 23.06 -32.14
H3A1 PEB P . -24.85 24.46 -34.22
HMA1 PEB P . -27.43 23.86 -34.70
HMA2 PEB P . -27.11 24.96 -33.50
HMA3 PEB P . -28.17 23.73 -33.21
HBA1 PEB P . -23.86 26.26 -32.46
HBA2 PEB P . -24.03 25.54 -30.94
HBA3 PEB P . -25.32 25.50 -32.04
HHA1 PEB P . -22.36 23.42 -34.91
HAA1 PEB P . -22.81 24.26 -32.92
HHB1 PEB P . -19.67 19.43 -38.94
HMB1 PEB P . -22.51 18.05 -34.74
HMB2 PEB P . -23.97 18.66 -35.30
HMB3 PEB P . -23.23 19.36 -33.96
HAB1 PEB P . -21.26 17.28 -36.44
HAB2 PEB P . -20.26 17.78 -37.68
HBB1 PEB P . -23.27 17.65 -37.86
HBB2 PEB P . -22.32 18.29 -39.08
CHC PEB Q . -6.29 47.77 -19.87
NC PEB Q . -8.18 49.56 -19.21
C1C PEB Q . -8.18 50.98 -18.93
C2C PEB Q . -6.85 51.52 -19.07
C3C PEB Q . -5.98 50.43 -19.42
C4C PEB Q . -6.80 49.23 -19.50
CMC PEB Q . -4.44 50.52 -19.64
CAC PEB Q . -6.49 53.12 -18.82
CBC PEB Q . -6.68 53.27 -17.23
CGC PEB Q . -5.45 52.50 -16.53
O1C PEB Q . -4.23 52.98 -16.71
O2C PEB Q . -5.67 51.41 -15.78
ND PEB Q . -5.75 48.44 -22.21
C1D PEB Q . -6.53 47.53 -21.34
C2D PEB Q . -5.90 46.11 -21.67
C3D PEB Q . -4.85 46.27 -22.58
C4D PEB Q . -4.74 47.71 -22.95
CMD PEB Q . -6.25 44.78 -20.86
CAD PEB Q . -3.89 45.16 -23.09
CBD PEB Q . -3.32 45.26 -24.37
OD PEB Q . -3.94 48.22 -23.79
NA PEB Q . -15.12 49.18 -16.53
C1A PEB Q . -16.45 48.65 -16.13
C2A PEB Q . -17.00 47.63 -17.22
C3A PEB Q . -15.76 47.39 -18.19
C4A PEB Q . -14.76 48.60 -17.84
CMA PEB Q . -17.53 46.29 -16.50
CBA PEB Q . -15.33 46.77 -20.96
OA PEB Q . -17.05 48.95 -15.05
CHA PEB Q . -13.50 48.74 -18.48
CAA PEB Q . -16.15 47.41 -19.73
NB PEB Q . -11.21 50.09 -18.62
C1B PEB Q . -12.62 50.07 -18.30
C2B PEB Q . -13.03 51.42 -17.84
C3B PEB Q . -11.85 52.26 -17.88
C4B PEB Q . -10.76 51.42 -18.37
CHB PEB Q . -9.42 51.95 -18.55
CMB PEB Q . -14.51 51.90 -17.38
CAB PEB Q . -11.69 53.83 -17.51
CBB PEB Q . -12.24 54.70 -18.73
CGB PEB Q . -11.19 54.73 -19.95
O1B PEB Q . -11.66 54.70 -21.19
O2B PEB Q . -9.87 54.80 -19.74
HHC1 PEB Q . -6.81 47.07 -19.31
HHC2 PEB Q . -5.27 47.68 -19.66
HNC PEB Q . -8.92 48.95 -19.20
HMC1 PEB Q . -3.97 50.63 -18.74
HMC2 PEB Q . -4.11 49.66 -20.11
HMC3 PEB Q . -4.23 51.33 -20.23
HAC1 PEB Q . -7.13 53.72 -19.33
HAC2 PEB Q . -5.52 53.32 -19.09
HBC1 PEB Q . -7.57 52.86 -16.93
HBC2 PEB Q . -6.66 54.27 -16.97
HND PEB Q . -5.89 49.37 -22.27
H1D1 PEB Q . -7.54 47.66 -21.41
HMD1 PEB Q . -7.26 44.73 -20.69
HMD2 PEB Q . -5.96 43.96 -21.41
HMD3 PEB Q . -5.75 44.78 -19.96
HAD1 PEB Q . -3.67 44.36 -22.48
HBD1 PEB Q . -2.70 44.54 -24.70
HBD2 PEB Q . -3.56 46.07 -24.98
HNA PEB Q . -14.58 49.80 -16.03
H2A1 PEB Q . -17.80 48.00 -17.77
H3A1 PEB Q . -15.34 46.46 -18.01
HMA1 PEB Q . -17.31 46.33 -15.51
HMA2 PEB Q . -17.08 45.48 -16.91
HMA3 PEB Q . -18.53 46.22 -16.60
HBA1 PEB Q . -14.98 45.83 -20.69
HBA2 PEB Q . -15.96 46.68 -21.79
HBA3 PEB Q . -14.54 47.39 -21.20
HHA1 PEB Q . -13.14 47.98 -19.07
HAA1 PEB Q . -17.07 46.97 -19.77
HHB1 PEB Q . -9.26 52.96 -18.43
HMB1 PEB Q . -14.65 52.89 -17.63
HMB2 PEB Q . -14.62 51.78 -16.37
HMB3 PEB Q . -15.22 51.32 -17.87
HAB1 PEB Q . -10.70 54.04 -17.35
HAB2 PEB Q . -12.22 54.03 -16.66
HBB1 PEB Q . -13.12 54.29 -19.06
HBB2 PEB Q . -12.41 55.65 -18.41
CHC PEB R . 9.72 -41.19 7.11
NC PEB R . 9.92 -38.59 6.92
C1C PEB R . 10.94 -37.62 7.14
C2C PEB R . 12.15 -38.34 7.43
C3C PEB R . 11.91 -39.75 7.44
C4C PEB R . 10.50 -39.85 7.15
CMC PEB R . 12.90 -40.92 7.77
CAC PEB R . 13.54 -37.62 7.79
CBC PEB R . 14.38 -37.41 6.47
CGC PEB R . 15.83 -37.12 7.06
O1C PEB R . 16.24 -37.83 8.11
O2C PEB R . 16.46 -36.21 6.39
ND PEB R . 10.96 -42.04 5.15
C1D PEB R . 9.65 -41.84 5.78
C2D PEB R . 9.19 -43.29 6.16
C3D PEB R . 10.12 -44.21 5.73
C4D PEB R . 11.23 -43.44 5.10
CMD PEB R . 7.77 -43.62 6.79
CAD PEB R . 9.99 -45.74 5.91
CBD PEB R . 11.04 -46.59 5.45
OD PEB R . 12.29 -43.92 4.59
NA PEB R . 5.32 -32.75 5.91
C1A PEB R . 4.08 -32.05 5.72
C2A PEB R . 3.17 -32.91 4.77
C3A PEB R . 3.90 -34.27 4.50
C4A PEB R . 5.29 -34.02 5.20
CMA PEB R . 1.74 -33.16 5.42
CBA PEB R . 4.89 -33.47 2.19
OA PEB R . 3.77 -30.96 6.19
CHA PEB R . 6.21 -35.05 5.34
CAA PEB R . 4.25 -34.66 3.02
NB PEB R . 8.39 -35.93 6.32
C1B PEB R . 7.69 -34.81 5.80
C2B PEB R . 8.49 -33.56 5.72
C3B PEB R . 9.74 -33.98 6.22
C4B PEB R . 9.71 -35.39 6.55
CHB PEB R . 10.87 -36.06 7.04
CMB PEB R . 8.15 -32.10 5.18
CAB PEB R . 11.04 -33.11 6.37
CBB PEB R . 11.77 -33.37 5.00
CGB PEB R . 13.21 -32.73 5.09
O1B PEB R . 13.56 -32.23 6.27
O2B PEB R . 13.95 -32.69 4.01
HHC1 PEB R . 8.74 -40.99 7.42
HHC2 PEB R . 10.17 -41.85 7.77
HNC PEB R . 9.01 -38.41 6.67
HMC1 PEB R . 13.22 -41.34 6.89
HMC2 PEB R . 12.42 -41.62 8.34
HMC3 PEB R . 13.71 -40.55 8.29
HAC1 PEB R . 13.36 -36.71 8.22
HAC2 PEB R . 14.07 -38.21 8.44
HBC1 PEB R . 14.37 -38.27 5.89
HBC2 PEB R . 14.03 -36.62 5.92
HND PEB R . 11.53 -41.36 4.84
H1D1 PEB R . 9.07 -41.22 5.21
HMD1 PEB R . 7.86 -43.66 7.82
HMD2 PEB R . 7.10 -42.88 6.53
HMD3 PEB R . 7.44 -44.52 6.43
HAD1 PEB R . 9.16 -46.13 6.36
HBD1 PEB R . 10.94 -47.59 5.58
HBD2 PEB R . 11.88 -46.18 5.01
HNA PEB R . 6.06 -32.43 6.42
H2A1 PEB R . 3.05 -32.42 3.88
H3A1 PEB R . 3.27 -35.01 4.85
HMA1 PEB R . 1.86 -33.57 6.35
HMA2 PEB R . 1.21 -33.79 4.83
HMA3 PEB R . 1.25 -32.28 5.51
HBA1 PEB R . 5.77 -33.16 2.65
HBA2 PEB R . 4.22 -32.68 2.15
HBA3 PEB R . 5.10 -33.80 1.23
HHA1 PEB R . 5.91 -36.00 5.13
HAA1 PEB R . 4.93 -35.43 3.04
HHB1 PEB R . 11.67 -35.50 7.35
HMB1 PEB R . 7.39 -32.15 4.50
HMB2 PEB R . 8.99 -31.70 4.73
HMB3 PEB R . 7.88 -31.50 5.97
HAB1 PEB R . 10.81 -32.12 6.48
HAB2 PEB R . 11.62 -33.42 7.16
HBB1 PEB R . 11.85 -34.38 4.83
HBB2 PEB R . 11.25 -32.94 4.23
NB AX9 S . 3.39 -29.33 33.15
NB AX9 S . 3.42 -29.41 33.25
ND AX9 S . 4.22 -24.55 37.71
ND AX9 S . 3.95 -24.61 37.45
OD AX9 S . 4.30 -23.03 39.47
OD AX9 S . 3.63 -23.11 39.19
C1A AX9 S . 0.72 -29.17 28.14
C1A AX9 S . 0.90 -29.10 28.19
C1B AX9 S . 2.88 -29.78 31.98
C1B AX9 S . 2.96 -29.88 32.06
C1C AX9 S . 4.12 -29.07 36.18
C1C AX9 S . 4.09 -29.05 36.21
C1D AX9 S . 4.80 -24.67 36.41
C1D AX9 S . 4.69 -24.63 36.23
C2A AX9 S . 1.67 -28.32 27.57
C2A AX9 S . 1.86 -28.20 27.72
C2B AX9 S . 2.30 -31.03 32.20
C2B AX9 S . 2.37 -31.12 32.27
C2C AX9 S . 4.27 -28.96 37.55
C2C AX9 S . 4.39 -28.90 37.56
C2D AX9 S . 5.51 -23.34 36.24
C2D AX9 S . 5.39 -23.27 36.23
C3A AX9 S . 2.66 -28.15 28.49
C3A AX9 S . 2.84 -28.11 28.66
C3B AX9 S . 2.43 -31.30 33.54
C3B AX9 S . 2.46 -31.37 33.62
C3C AX9 S . 4.92 -27.78 37.81
C3C AX9 S . 5.03 -27.71 37.75
C3D AX9 S . 5.49 -22.67 37.41
C3D AX9 S . 5.03 -22.58 37.33
C4A AX9 S . 2.33 -28.89 29.61
C4A AX9 S . 2.47 -28.96 29.71
C4B AX9 S . 3.12 -30.23 34.12
C4B AX9 S . 3.12 -30.30 34.22
C4C AX9 S . 5.14 -27.13 36.60
C4C AX9 S . 5.10 -27.07 36.52
C4D AX9 S . 4.63 -23.38 38.32
C4D AX9 S . 4.14 -23.40 38.12
CAA AX9 S . 3.92 -27.30 28.38
CAA AX9 S . 4.11 -27.25 28.67
CAB AX9 S . 1.98 -32.54 34.29
CAB AX9 S . 1.95 -32.62 34.31
CAC AX9 S . 3.84 -30.00 38.55
CAC AX9 S . 4.10 -29.94 38.64
CAD AX9 S . 5.99 -21.27 37.58
CAD AX9 S . 5.59 -21.25 37.78
CBA AX9 S . 4.38 -26.99 26.98
CBA AX9 S . 4.75 -26.95 27.33
CBB AX9 S . 0.47 -32.56 34.60
CBB AX9 S . 0.43 -32.68 34.34
CBC AX9 S . 4.97 -30.92 38.95
CBC AX9 S . 2.70 -29.74 39.20
CBD AX9 S . 4.82 -20.32 37.73
CBD AX9 S . 4.44 -20.36 38.22
CGB AX9 S . 0.06 -31.54 35.66
CGB AX9 S . -0.13 -31.38 34.88
CGC AX9 S . 4.53 -32.05 39.84
CGC AX9 S . 2.41 -30.75 40.29
CHA AX9 S . 3.09 -28.95 30.73
CHA AX9 S . 3.22 -29.08 30.81
CHB AX9 S . 3.48 -30.12 35.58
CHB AX9 S . 3.43 -30.12 35.68
CHC AX9 S . 5.78 -25.77 36.36
CHC AX9 S . 5.71 -25.70 36.23
CMA AX9 S . 1.54 -27.73 26.17
CMA AX9 S . 1.74 -27.50 26.37
CMB AX9 S . 1.65 -31.95 31.17
CMB AX9 S . 1.78 -32.06 31.23
CMC AX9 S . 5.33 -27.24 39.19
CMC AX9 S . 5.55 -27.16 39.07
CMD AX9 S . 6.22 -22.93 34.97
CMD AX9 S . 6.22 -22.78 35.07
NA AX9 S . 1.15 -29.52 29.37
NA AX9 S . 1.30 -29.56 29.39
NC AX9 S . 4.64 -27.92 35.63
NC AX9 S . 4.52 -27.90 35.60
O1B AX9 S . 0.64 -31.44 36.79
O1B AX9 S . 0.11 -31.02 36.06
O1C AX9 S . 5.34 -32.53 40.69
O1C AX9 S . 1.28 -30.79 40.86
O2B AX9 S . -0.90 -30.77 35.36
O2B AX9 S . -0.80 -30.62 34.13
O2C AX9 S . 3.36 -32.54 39.74
O2C AX9 S . 3.31 -31.55 40.62
OA AX9 S . -0.33 -29.57 27.64
OA AX9 S . -0.14 -29.43 27.62
HNB AX9 S . 3.83 -28.54 33.27
HNB AX9 S . 3.86 -28.62 33.37
HND AX9 S . 3.66 -25.17 38.10
HND AX9 S . 3.42 -25.28 37.76
H1D1 AX9 S . 4.18 -24.94 35.69
H1D1 AX9 S . 4.18 -24.87 35.44
HAA1 AX9 S . 3.75 -26.45 28.83
HAA1 AX9 S . 3.89 -26.39 29.08
HAA2 AX9 S . 4.65 -27.77 28.84
HAA2 AX9 S . 4.78 -27.71 29.22
HAB2 AX9 S . 2.18 -33.33 33.74
HAB2 AX9 S . 2.27 -33.41 33.83
HAB1 AX9 S . 2.46 -32.60 35.13
HAB1 AX9 S . 2.27 -32.64 35.23
HAC1 AX9 S . 3.11 -30.54 38.17
HAC1 AX9 S . 4.75 -29.84 39.35
HAC2 AX9 S . 3.51 -29.55 39.36
HAC2 AX9 S . 4.16 -30.83 38.24
HAD2 AX9 S . 6.52 -21.01 36.81
HAD1 AX9 S . 6.06 -20.83 37.04
HBA2 AX9 S . 5.05 -26.31 26.95
HBA2 AX9 S . 5.41 -26.29 27.38
HBA1 AX9 S . 3.58 -26.69 26.46
HBA1 AX9 S . 4.00 -26.69 26.72
HBB2 AX9 S . -0.02 -32.35 33.77
HBB2 AX9 S . 0.09 -32.82 33.43
HBB1 AX9 S . 0.23 -33.45 34.92
HBB1 AX9 S . 0.14 -33.41 34.92
HBC1 AX9 S . 5.65 -30.40 39.42
HBC1 AX9 S . 2.04 -29.84 38.48
HBC2 AX9 S . 5.37 -31.30 38.13
HBC2 AX9 S . 2.63 -28.83 39.57
HBD3 AX9 S . 4.26 -20.58 38.49
HBD3 AX9 S . 3.65 -20.56 37.70
HBD2 AX9 S . 4.27 -20.34 36.92
HBD2 AX9 S . 4.70 -19.42 38.10
HBD1 AX9 S . 5.15 -19.41 37.86
HBD1 AX9 S . 4.25 -20.51 39.18
HHA1 AX9 S . 3.88 -28.38 30.72
HHA1 AX9 S . 4.07 -28.60 30.80
HHB1 AX9 S . 3.22 -30.86 36.15
HHB1 AX9 S . 3.14 -30.81 36.31
HHC2 AX9 S . 6.47 -25.62 37.06
HHC2 AX9 S . 6.38 -25.51 36.91
HHC1 AX9 S . 6.22 -25.78 35.48
HHC1 AX9 S . 6.13 -25.73 35.35
HMA2 AX9 S . 0.64 -27.90 25.83
HMA2 AX9 S . 0.81 -27.55 26.06
HMA1 AX9 S . 2.19 -28.14 25.58
HMA1 AX9 S . 2.33 -27.94 25.73
HMA3 AX9 S . 1.70 -26.76 26.21
HMA3 AX9 S . 2.01 -26.56 26.48
HMB1 AX9 S . 1.86 -32.88 31.40
HMB1 AX9 S . 2.00 -32.98 31.45
HMB3 AX9 S . 2.01 -31.73 30.28
HMB3 AX9 S . 2.13 -31.82 30.35
HMB2 AX9 S . 0.68 -31.82 31.18
HMB2 AX9 S . 0.80 -31.95 31.23
HMC2 AX9 S . 5.71 -27.96 39.73
HMC2 AX9 S . 6.35 -27.68 39.34
HMC1 AX9 S . 4.53 -26.90 39.65
HMC1 AX9 S . 4.87 -27.24 39.76
HMC3 AX9 S . 5.98 -26.52 39.09
HMC3 AX9 S . 5.80 -26.22 38.96
HMD2 AX9 S . 7.18 -22.95 35.11
HMD2 AX9 S . 5.96 -21.86 34.84
HMD3 AX9 S . 5.93 -22.02 34.72
HMD3 AX9 S . 6.08 -23.36 34.30
HMD1 AX9 S . 5.99 -23.56 34.25
HMD1 AX9 S . 7.17 -22.80 35.32
HNA AX9 S . 0.72 -30.10 29.94
HNA AX9 S . 0.85 -30.18 29.90
CHC PEB T . 26.81 -31.50 31.33
NC PEB T . 26.77 -28.90 31.76
C1C PEB T . 27.68 -27.83 31.78
C2C PEB T . 28.95 -28.32 31.41
C3C PEB T . 28.87 -29.72 31.22
C4C PEB T . 27.48 -30.07 31.43
CMC PEB T . 30.00 -30.70 30.85
CAC PEB T . 30.29 -27.39 31.38
CBC PEB T . 30.76 -27.30 29.85
CGC PEB T . 29.58 -26.68 28.99
O1C PEB T . 29.08 -25.51 29.28
O2C PEB T . 29.15 -27.38 27.96
ND PEB T . 27.33 -31.85 28.94
C1D PEB T . 26.25 -31.62 29.93
C2D PEB T . 25.53 -33.02 29.93
C3D PEB T . 26.14 -33.90 29.06
C4D PEB T . 27.29 -33.18 28.46
CMD PEB T . 24.21 -33.28 30.76
CAD PEB T . 25.68 -35.35 28.80
CBD PEB T . 26.30 -36.08 27.76
OD PEB T . 28.10 -33.61 27.58
NA PEB T . 22.38 -24.59 35.95
C1A PEB T . 21.37 -24.36 36.96
C2A PEB T . 20.19 -25.39 36.79
C3A PEB T . 20.68 -26.36 35.64
C4A PEB T . 22.03 -25.73 35.11
CMA PEB T . 19.95 -26.19 38.14
CBA PEB T . 18.49 -27.50 35.04
OA PEB T . 21.42 -23.48 37.83
CHA PEB T . 22.78 -26.34 34.13
CAA PEB T . 19.65 -26.56 34.47
NB PEB T . 25.04 -26.71 33.07
C1B PEB T . 24.16 -25.75 33.60
C2B PEB T . 24.69 -24.40 33.57
C3B PEB T . 25.96 -24.54 32.96
C4B PEB T . 26.18 -25.92 32.69
CHB PEB T . 27.38 -26.34 32.07
CMB PEB T . 24.07 -23.01 33.97
CAB PEB T . 27.01 -23.38 32.67
CBB PEB T . 27.88 -23.41 34.00
CGB PEB T . 28.80 -22.13 33.95
O1B PEB T . 28.90 -21.40 35.06
O2B PEB T . 29.43 -21.93 32.79
HHC1 PEB T . 26.04 -31.58 32.04
HHC2 PEB T . 27.52 -32.24 31.50
HNC PEB T . 25.82 -28.85 31.92
HMC1 PEB T . 30.00 -30.85 29.83
HMC2 PEB T . 29.86 -31.60 31.32
HMC3 PEB T . 30.91 -30.31 31.13
HAC1 PEB T . 30.07 -26.45 31.73
HAC2 PEB T . 31.03 -27.81 31.95
HBC1 PEB T . 30.98 -28.25 29.51
HBC2 PEB T . 31.59 -26.71 29.79
HND PEB T . 27.96 -31.20 28.67
H1D1 PEB T . 25.72 -30.76 29.78
HMD1 PEB T . 24.44 -33.73 31.66
HMD2 PEB T . 23.59 -33.91 30.21
HMD3 PEB T . 23.72 -32.39 30.93
HAD1 PEB T . 24.94 -35.77 29.36
HBD1 PEB T . 26.00 -37.04 27.59
HBD2 PEB T . 27.03 -35.65 27.16
HNA PEB T . 23.17 -24.07 35.85
H2A1 PEB T . 19.32 -24.92 36.55
H3A1 PEB T . 20.80 -27.30 36.04
HMA1 PEB T . 19.38 -25.64 38.77
HMA2 PEB T . 20.84 -26.40 38.59
HMA3 PEB T . 19.48 -27.06 37.93
HBA1 PEB T . 17.74 -27.58 34.34
HBA2 PEB T . 18.12 -27.08 35.90
HBA3 PEB T . 18.88 -28.44 35.26
HHA1 PEB T . 22.45 -27.22 33.73
HAA1 PEB T . 20.11 -27.02 33.67
HHB1 PEB T . 28.07 -25.62 31.79
HMB1 PEB T . 23.05 -23.10 34.03
HMB2 PEB T . 24.31 -22.31 33.26
HMB3 PEB T . 24.45 -22.71 34.88
HAB1 PEB T . 26.54 -22.47 32.54
HAB2 PEB T . 27.58 -23.58 31.84
HBB1 PEB T . 28.44 -24.26 34.03
HBB2 PEB T . 27.27 -23.37 34.82
CHC PEB U . 1.83 -45.56 15.74
CHC PEB U . 1.86 -45.71 16.06
NC PEB U . -0.01 -46.32 17.53
NC PEB U . 0.17 -46.58 17.87
C1C PEB U . -0.91 -47.44 17.67
C1C PEB U . -0.79 -47.63 17.96
C2C PEB U . -0.75 -48.34 16.55
C2C PEB U . -0.76 -48.41 16.75
C3C PEB U . 0.27 -47.79 15.68
C3C PEB U . 0.21 -47.85 15.88
C4C PEB U . 0.72 -46.55 16.30
C4C PEB U . 0.77 -46.71 16.58
CMC PEB U . 0.78 -48.45 14.34
CMC PEB U . 0.54 -48.39 14.45
CAC PEB U . -1.61 -49.73 16.37
CAC PEB U . -1.71 -49.70 16.47
CBC PEB U . -3.14 -49.28 16.12
CBC PEB U . -2.72 -49.28 15.30
CGC PEB U . -3.17 -48.41 14.75
CGC PEB U . -3.77 -48.17 15.88
O1C PEB U . -3.26 -47.08 14.81
O1C PEB U . -4.43 -48.46 16.99
O2C PEB U . -3.11 -49.02 13.58
O2C PEB U . -3.93 -47.01 15.26
ND PEB U . 3.64 -47.18 16.14
ND PEB U . 3.70 -47.32 16.19
C1D PEB U . 3.13 -45.84 16.47
C1D PEB U . 3.22 -46.01 16.65
C2D PEB U . 4.21 -44.84 15.86
C2D PEB U . 4.17 -44.95 15.97
C3D PEB U . 5.21 -45.60 15.27
C3D PEB U . 5.12 -45.67 15.25
C4D PEB U . 4.90 -47.05 15.43
C4D PEB U . 4.85 -47.13 15.34
CMD PEB U . 4.11 -43.24 15.97
CMD PEB U . 3.91 -43.38 15.97
CAD PEB U . 6.27 -45.02 14.27
CAD PEB U . 6.35 -45.08 14.49
CBD PEB U . 7.58 -45.58 14.23
CBD PEB U . 7.48 -45.93 14.31
OD PEB U . 5.60 -48.05 15.03
OD PEB U . 5.50 -48.07 14.81
NA PEB U . -3.06 -43.68 23.81
NA PEB U . -3.06 -43.64 23.97
C1A PEB U . -3.38 -42.59 24.75
C1A PEB U . -3.31 -42.70 25.03
C2A PEB U . -2.03 -42.13 25.48
C2A PEB U . -1.93 -42.10 25.55
C3A PEB U . -0.87 -42.82 24.66
C3A PEB U . -0.82 -42.77 24.66
C4A PEB U . -1.61 -43.97 23.84
C4A PEB U . -1.64 -43.73 23.70
CMA PEB U . -1.94 -40.52 25.59
CMA PEB U . -1.96 -40.50 25.46
CBA PEB U . 1.41 -44.20 24.84
CBA PEB U . 1.65 -43.54 24.79
OA PEB U . -4.53 -42.12 24.93
OA PEB U . -4.42 -42.38 25.49
CHA PEB U . -0.98 -44.48 22.70
CHA PEB U . -1.02 -44.52 22.77
CAA PEB U . 0.25 -43.40 25.62
CAA PEB U . 0.24 -43.56 25.52
NB PEB U . -1.23 -45.94 20.52
NB PEB U . -1.12 -46.08 20.76
C1B PEB U . -1.66 -45.66 21.87
C1B PEB U . -1.71 -45.71 22.00
C2B PEB U . -2.74 -46.58 22.29
C2B PEB U . -2.86 -46.57 22.32
C3B PEB U . -2.95 -47.44 21.18
C3B PEB U . -2.95 -47.46 21.26
C4B PEB U . -2.03 -47.06 20.10
C4B PEB U . -1.90 -47.16 20.31
CHB PEB U . -1.99 -47.76 18.84
CHB PEB U . -1.76 -47.98 19.16
CMB PEB U . -3.52 -46.61 23.70
CMB PEB U . -3.83 -46.51 23.58
CAB PEB U . -4.03 -48.63 21.09
CAB PEB U . -4.05 -48.60 21.08
CBB PEB U . -3.49 -49.91 21.88
CBB PEB U . -3.65 -49.80 22.02
CGB PEB U . -2.34 -50.63 21.04
CGB PEB U . -2.37 -50.64 21.52
O1B PEB U . -1.29 -51.12 21.68
O1B PEB U . -1.55 -51.18 22.41
O2B PEB U . -2.43 -50.75 19.72
O2B PEB U . -2.20 -50.81 20.23
HHC1 PEB U . 1.54 -44.57 15.92
HHC1 PEB U . 1.59 -44.74 16.33
HHC2 PEB U . 1.95 -45.70 14.73
HHC2 PEB U . 1.92 -45.77 15.02
HNC PEB U . 0.08 -45.58 18.13
HNC PEB U . 0.38 -45.92 18.54
HMC1 PEB U . 0.08 -48.32 13.61
HMC1 PEB U . -0.20 -48.11 13.80
HMC2 PEB U . 0.94 -49.45 14.48
HMC2 PEB U . 0.60 -49.41 14.49
HMC3 PEB U . 1.66 -48.00 14.05
HMC3 PEB U . 1.43 -48.00 14.14
HAC1 PEB U . -1.54 -50.30 17.22
HAC1 PEB U . -2.24 -49.95 17.32
HAC2 PEB U . -1.26 -50.26 15.56
HAC2 PEB U . -1.15 -50.51 16.18
HBC1 PEB U . -3.48 -48.71 16.91
HBC1 PEB U . -3.25 -50.10 14.96
HBC2 PEB U . -3.73 -50.12 16.02
HBC2 PEB U . -2.20 -48.86 14.51
HND PEB U . 3.22 -48.00 16.36
HND PEB U . 3.32 -48.15 16.42
H1D1 PEB U . 2.89 -45.73 17.45
H1D1 PEB U . 3.09 -45.98 17.66
HMD1 PEB U . 4.89 -42.82 15.45
HMD1 PEB U . 4.72 -42.89 15.55
HMD2 PEB U . 4.17 -42.97 16.97
HMD2 PEB U . 3.77 -43.05 16.93
HMD3 PEB U . 3.22 -42.92 15.57
HMD3 PEB U . 3.07 -43.18 15.41
HAD1 PEB U . 6.02 -44.23 13.64
HAD1 PEB U . 6.34 -44.11 14.14
HBD1 PEB U . 7.81 -46.36 14.86
HBD1 PEB U . 7.48 -46.87 14.68
HBD2 PEB U . 8.29 -45.21 13.58
HBD2 PEB U . 8.31 -45.57 13.82
HNA PEB U . -3.70 -44.13 23.26
HNA PEB U . -3.74 -44.14 23.50
H2A1 PEB U . -1.96 -42.44 26.45
H2A1 PEB U . -1.74 -42.35 26.52
H3A1 PEB U . -0.38 -42.16 24.03
H3A1 PEB U . -0.29 -42.07 24.14
HMA1 PEB U . -2.62 -40.19 26.27
HMA1 PEB U . -2.63 -40.14 26.14
HMA2 PEB U . -2.15 -40.10 24.69
HMA2 PEB U . -2.24 -40.21 24.53
HMA3 PEB U . -1.01 -40.25 25.90
HMA3 PEB U . -1.04 -40.13 25.68
HBA1 PEB U . 1.01 -45.08 24.46
HBA1 PEB U . 1.63 -44.20 23.98
HBA2 PEB U . 1.77 -43.62 24.07
HBA2 PEB U . 1.84 -42.58 24.43
HBA3 PEB U . 2.17 -44.43 25.50
HBA3 PEB U . 2.39 -43.82 25.45
HHA1 PEB U . -0.08 -44.10 22.40
HHA1 PEB U . -0.04 -44.34 22.57
HAA1 PEB U . 0.69 -42.63 26.13
HAA1 PEB U . 0.33 -43.11 26.43
HHB1 PEB U . -2.70 -48.48 18.67
HHB1 PEB U . -2.33 -48.83 19.09
HMB1 PEB U . -2.91 -46.20 24.42
HMB1 PEB U . -3.33 -46.10 24.38
HMB2 PEB U . -3.74 -47.58 23.95
HMB2 PEB U . -4.14 -47.47 23.81
HMB3 PEB U . -4.38 -46.06 23.62
HMB3 PEB U . -4.66 -45.94 23.36
HAB1 PEB U . -4.18 -48.88 20.11
HAB1 PEB U . -4.06 -48.91 20.10
HAB2 PEB U . -4.92 -48.32 21.51
HAB2 PEB U . -4.97 -48.24 21.34
HBB1 PEB U . -3.11 -49.61 22.79
HBB1 PEB U . -3.45 -49.43 22.95
HBB2 PEB U . -4.26 -50.56 22.03
HBB2 PEB U . -4.45 -50.44 22.07
C TRS V . 8.20 -30.01 42.86
C1 TRS V . 8.03 -31.12 43.92
C2 TRS V . 9.69 -29.96 42.53
C3 TRS V . 7.38 -30.27 41.61
N TRS V . 7.71 -28.70 43.49
O1 TRS V . 6.71 -31.12 44.44
O2 TRS V . 9.95 -28.92 41.62
O3 TRS V . 7.65 -31.54 41.06
H11 TRS V . 8.74 -30.95 44.74
H12 TRS V . 8.24 -32.09 43.47
H21 TRS V . 10.00 -30.91 42.09
H22 TRS V . 10.26 -29.81 43.45
HN1 TRS V . 8.17 -28.33 44.30
HN2 TRS V . 6.75 -28.64 43.84
HN3 TRS V . 7.69 -27.86 42.94
HO1 TRS V . 6.72 -30.79 45.36
CL CL W . 16.35 -24.63 44.15
CHC PEB X . 23.97 -11.58 15.63
NC PEB X . 23.39 -14.12 15.93
C1C PEB X . 23.09 -15.24 15.10
C2C PEB X . 23.16 -14.82 13.73
C3C PEB X . 23.51 -13.42 13.69
C4C PEB X . 23.65 -12.99 15.08
CMC PEB X . 23.67 -12.56 12.38
CAC PEB X . 22.84 -15.82 12.49
CBC PEB X . 24.20 -16.48 12.02
CGC PEB X . 23.76 -17.01 10.58
O1C PEB X . 22.98 -16.22 9.85
O2C PEB X . 24.16 -18.21 10.24
ND PEB X . 26.11 -11.64 14.49
C1D PEB X . 25.44 -11.30 15.73
C2D PEB X . 25.40 -9.71 15.81
C3D PEB X . 26.16 -9.23 14.74
C4D PEB X . 26.56 -10.39 13.89
CMD PEB X . 24.57 -8.82 16.85
CAD PEB X . 26.26 -7.72 14.38
CBD PEB X . 27.12 -7.30 13.32
OD PEB X . 27.21 -10.36 12.80
NA PEB X . 22.29 -18.50 21.82
C1A PEB X . 22.21 -18.89 23.22
C2A PEB X . 23.25 -18.03 24.07
C3A PEB X . 23.94 -17.05 23.06
C4A PEB X . 23.30 -17.45 21.66
CMA PEB X . 22.51 -17.24 25.26
CBA PEB X . 26.03 -18.63 22.70
OA PEB X . 21.45 -19.75 23.66
CHA PEB X . 23.60 -16.70 20.51
CAA PEB X . 25.51 -17.16 22.89
NB PEB X . 23.17 -16.30 18.01
C1B PEB X . 23.29 -17.28 19.07
C2B PEB X . 23.08 -18.67 18.62
C3B PEB X . 22.83 -18.51 17.23
C4B PEB X . 22.89 -17.12 16.87
CHB PEB X . 22.71 -16.72 15.52
CMB PEB X . 23.14 -20.05 19.39
CAB PEB X . 22.58 -19.67 16.21
CBB PEB X . 24.05 -20.08 15.80
CGB PEB X . 23.98 -20.87 14.43
O1B PEB X . 22.83 -20.91 13.80
O2B PEB X . 25.05 -21.47 13.98
HHC1 PEB X . 23.56 -11.50 16.58
HHC2 PEB X . 23.54 -10.88 15.00
HNC PEB X . 23.43 -14.12 16.89
HMC1 PEB X . 24.67 -12.44 12.17
HMC2 PEB X . 23.23 -11.65 12.51
HMC3 PEB X . 23.22 -13.04 11.59
HAC1 PEB X . 22.42 -15.28 11.71
HAC2 PEB X . 22.18 -16.55 12.78
HBC1 PEB X . 24.49 -17.26 12.64
HBC2 PEB X . 24.97 -15.80 11.96
HND PEB X . 26.23 -12.51 14.14
H1D1 PEB X . 25.84 -11.83 16.50
HMD1 PEB X . 24.37 -9.37 17.69
HMD2 PEB X . 25.14 -8.00 17.13
HMD3 PEB X . 23.70 -8.50 16.43
HAD1 PEB X . 25.69 -7.02 14.90
HBD1 PEB X . 27.18 -6.31 13.09
HBD2 PEB X . 27.69 -8.00 12.80
HNA PEB X . 21.77 -18.87 21.11
H2A1 PEB X . 23.95 -18.63 24.52
H3A1 PEB X . 23.77 -16.10 23.41
HMA1 PEB X . 22.15 -17.89 25.95
HMA2 PEB X . 21.73 -16.70 24.87
HMA3 PEB X . 23.16 -16.60 25.71
HBA1 PEB X . 25.72 -19.21 23.50
HBA2 PEB X . 27.07 -18.63 22.66
HBA3 PEB X . 25.65 -19.02 21.82
HHA1 PEB X . 24.02 -15.77 20.61
HAA1 PEB X . 25.78 -16.61 22.07
HHB1 PEB X . 22.34 -17.38 14.82
HMB1 PEB X . 23.47 -20.79 18.75
HMB2 PEB X . 22.21 -20.30 19.75
HMB3 PEB X . 23.80 -19.98 20.18
HAB1 PEB X . 22.04 -19.34 15.40
HAB2 PEB X . 22.08 -20.46 16.63
HBB1 PEB X . 24.46 -20.68 16.52
HBB2 PEB X . 24.63 -19.24 15.68
NB AX9 Y . -4.47 -14.90 19.86
ND AX9 Y . -9.92 -18.46 19.47
OD AX9 Y . -11.98 -19.51 19.60
C1A AX9 Y . -0.04 -15.67 23.28
C1B AX9 Y . -3.26 -14.66 20.41
C1C AX9 Y . -7.33 -14.59 18.73
C1D AX9 Y . -8.60 -18.83 19.06
C2A AX9 Y . 0.33 -16.86 22.66
C2B AX9 Y . -3.14 -13.29 20.64
C2C AX9 Y . -8.64 -14.43 18.26
C2D AX9 Y . -8.75 -20.30 18.75
C3A AX9 Y . -0.49 -17.05 21.57
C3B AX9 Y . -4.33 -12.72 20.24
C3C AX9 Y . -9.12 -15.66 17.90
C3D AX9 Y . -10.02 -20.68 18.88
C4A AX9 Y . -1.34 -15.95 21.52
C4B AX9 Y . -5.13 -13.74 19.75
C4C AX9 Y . -8.12 -16.60 18.11
C4D AX9 Y . -10.76 -19.55 19.35
CAA AX9 Y . -0.57 -18.20 20.55
CAB AX9 Y . -4.70 -11.24 20.28
CAC AX9 Y . -9.44 -13.12 18.19
CAD AX9 Y . -10.55 -22.07 18.67
CBA AX9 Y . 0.73 -18.89 20.19
CBB AX9 Y . -4.73 -10.72 21.70
CBC AX9 Y . -9.52 -12.63 16.76
CBD AX9 Y . -11.38 -22.51 19.84
CGB AX9 Y . -5.75 -11.50 22.48
CGC AX9 Y . -10.34 -11.35 16.64
CHA AX9 Y . -2.30 -15.82 20.59
CHB AX9 Y . -6.53 -13.59 19.20
CHC AX9 Y . -8.20 -18.09 17.85
CMA AX9 Y . 1.45 -17.75 23.17
CMB AX9 Y . -1.97 -12.52 21.21
CMC AX9 Y . -10.50 -15.92 17.33
CMD AX9 Y . -7.57 -21.21 18.41
NA AX9 Y . -1.05 -15.11 22.56
NC AX9 Y . -7.06 -15.93 18.63
O1B AX9 Y . -6.93 -11.51 22.07
O1C AX9 Y . -10.41 -10.56 17.63
O2B AX9 Y . -5.41 -12.14 23.51
O2C AX9 Y . -10.94 -11.07 15.57
OA AX9 Y . 0.45 -15.18 24.30
HNB AX9 Y . -4.77 -15.72 19.59
HND AX9 Y . -10.17 -17.63 19.77
H1D1 AX9 Y . -7.88 -18.57 19.68
HAA1 AX9 Y . -0.95 -17.83 19.73
HAA2 AX9 Y . -1.18 -18.87 20.91
HAB2 AX9 Y . -4.05 -10.74 19.77
HAB1 AX9 Y . -5.59 -11.14 19.89
HAC1 AX9 Y . -8.99 -12.44 18.73
HAC2 AX9 Y . -10.34 -13.27 18.53
HAD1 AX9 Y . -9.80 -22.69 18.57
HBA2 AX9 Y . 0.59 -19.67 19.70
HBA1 AX9 Y . 1.19 -19.06 21.05
HBB2 AX9 Y . -3.85 -10.82 22.12
HBB1 AX9 Y . -4.97 -9.77 21.70
HBC1 AX9 Y . -9.95 -13.33 16.21
HBC2 AX9 Y . -8.62 -12.46 16.42
HBD3 AX9 Y . -10.82 -22.53 20.65
HBD2 AX9 Y . -11.73 -23.42 19.67
HBD1 AX9 Y . -12.12 -21.89 19.97
HHA1 AX9 Y . -2.39 -16.55 19.96
HHB1 AX9 Y . -6.91 -12.68 19.18
HHC2 AX9 Y . -8.86 -18.25 17.15
HHC1 AX9 Y . -7.32 -18.41 17.56
HMA2 AX9 Y . 1.68 -17.50 24.08
HMA1 AX9 Y . 2.25 -17.65 22.59
HMA3 AX9 Y . 1.16 -18.69 23.14
HMB1 AX9 Y . -1.16 -13.05 21.10
HMB3 AX9 Y . -2.14 -12.34 22.15
HMB2 AX9 Y . -1.88 -11.67 20.73
HMC2 AX9 Y . -10.83 -16.78 17.67
HMC1 AX9 Y . -10.45 -15.95 16.36
HMC3 AX9 Y . -11.11 -15.21 17.61
HMD2 AX9 Y . -6.73 -20.74 18.58
HMD3 AX9 Y . -7.62 -21.45 17.46
HMD1 AX9 Y . -7.62 -22.03 18.95
HNA AX9 Y . -1.46 -14.32 22.74
CHC PEB Z . 0.19 -19.58 -2.90
NC PEB Z . -0.97 -21.91 -2.26
C1C PEB Z . -1.14 -23.19 -2.91
C2C PEB Z . -0.53 -23.15 -4.23
C3C PEB Z . 0.02 -21.83 -4.41
C4C PEB Z . -0.25 -21.08 -3.18
CMC PEB Z . 0.78 -21.30 -5.67
CAC PEB Z . -0.53 -24.42 -5.27
CBC PEB Z . 0.96 -24.95 -5.46
CGC PEB Z . 1.51 -25.40 -4.02
O1C PEB Z . 2.66 -24.87 -3.62
O2C PEB Z . 0.80 -26.28 -3.32
ND PEB Z . 2.60 -20.02 -3.02
C1D PEB Z . 1.51 -19.70 -2.13
C2D PEB Z . 1.84 -18.23 -1.64
C3D PEB Z . 2.81 -17.73 -2.47
C4D PEB Z . 3.37 -18.85 -3.29
CMD PEB Z . 0.96 -17.40 -0.59
CAD PEB Z . 3.50 -16.35 -2.29
CBD PEB Z . 4.83 -16.17 -2.79
OD PEB Z . 4.38 -18.88 -4.05
NA PEB Z . -6.58 -23.91 2.19
C1A PEB Z . -7.70 -23.60 3.08
C2A PEB Z . -7.39 -22.33 3.99
C3A PEB Z . -6.02 -21.80 3.45
C4A PEB Z . -5.52 -22.91 2.44
CMA PEB Z . -8.56 -21.24 3.83
CBA PEB Z . -5.40 -20.37 5.48
OA PEB Z . -8.79 -24.22 3.14
CHA PEB Z . -4.32 -22.74 1.78
CAA PEB Z . -4.92 -21.58 4.58
NB PEB Z . -2.93 -23.25 -0.35
C1B PEB Z . -3.82 -23.74 0.65
C2B PEB Z . -4.12 -25.17 0.45
C3B PEB Z . -3.39 -25.54 -0.70
C4B PEB Z . -2.67 -24.38 -1.18
CHB PEB Z . -1.86 -24.49 -2.35
CMB PEB Z . -5.00 -26.27 1.23
CAB PEB Z . -3.38 -26.98 -1.36
CBB PEB Z . -4.71 -26.94 -2.24
CGB PEB Z . -4.73 -28.29 -3.08
O1B PEB Z . -5.91 -28.82 -3.35
O2B PEB Z . -3.60 -28.83 -3.51
HHC1 PEB Z . -0.53 -19.09 -2.33
HHC2 PEB Z . 0.33 -19.06 -3.79
HNC PEB Z . -1.29 -21.66 -1.37
HMC1 PEB Z . 1.79 -21.42 -5.53
HMC2 PEB Z . 0.56 -20.31 -5.81
HMC3 PEB Z . 0.49 -21.83 -6.50
HAC1 PEB Z . -1.13 -25.17 -4.88
HAC2 PEB Z . -0.92 -24.11 -6.17
HBC1 PEB Z . 0.95 -25.76 -6.10
HBC2 PEB Z . 1.54 -24.20 -5.84
HND PEB Z . 2.78 -20.88 -3.39
H1D1 PEB Z . 1.34 -20.41 -1.42
HMD1 PEB Z . 0.42 -18.06 -0.01
HMD2 PEB Z . 1.58 -16.84 0.01
HMD3 PEB Z . 0.32 -16.77 -1.10
HAD1 PEB Z . 3.01 -15.58 -1.82
HBD1 PEB Z . 5.28 -15.26 -2.69
HBD2 PEB Z . 5.33 -16.94 -3.26
HNA PEB Z . -6.54 -24.64 1.57
H2A1 PEB Z . -7.33 -22.55 4.98
H3A1 PEB Z . -6.16 -20.88 3.01
HMA1 PEB Z . -8.46 -20.75 2.95
HMA2 PEB Z . -9.47 -21.71 3.86
HMA3 PEB Z . -8.50 -20.57 4.59
HBA1 PEB Z . -5.45 -19.51 4.91
HBA2 PEB Z . -4.73 -20.23 6.25
HBA3 PEB Z . -6.34 -20.57 5.87
HHA1 PEB Z . -3.73 -21.94 2.01
HAA1 PEB Z . -4.03 -21.36 4.14
HHB1 PEB Z . -1.72 -25.40 -2.82
HMB1 PEB Z . -5.15 -25.95 2.21
HMB2 PEB Z . -5.91 -26.38 0.76
HMB3 PEB Z . -4.50 -27.17 1.24
HAB1 PEB Z . -2.54 -27.12 -1.95
HAB2 PEB Z . -3.42 -27.72 -0.65
HBB1 PEB Z . -4.70 -26.13 -2.87
HBB2 PEB Z . -5.53 -26.89 -1.62
CHC PEB AA . 16.04 -2.65 20.10
NC PEB AA . 14.45 -0.82 21.28
C1C PEB AA . 14.66 0.49 21.89
C2C PEB AA . 16.07 0.84 21.74
C3C PEB AA . 16.74 -0.25 21.09
C4C PEB AA . 15.73 -1.27 20.81
CMC PEB AA . 18.28 -0.32 20.74
CAC PEB AA . 16.75 2.25 22.28
CBC PEB AA . 17.94 1.88 23.31
CGC PEB AA . 17.28 0.98 24.47
O1C PEB AA . 17.83 -0.17 24.83
O2C PEB AA . 16.16 1.40 25.05
ND PEB AA . 16.48 -1.67 17.88
C1D PEB AA . 15.66 -2.62 18.64
C2D PEB AA . 16.17 -4.05 18.18
C3D PEB AA . 17.08 -3.91 17.14
C4D PEB AA . 17.35 -2.43 16.99
CMD PEB AA . 15.61 -5.43 18.77
CAD PEB AA . 17.86 -5.08 16.49
CBD PEB AA . 18.44 -4.95 15.21
OD PEB AA . 18.19 -1.96 16.18
NA PEB AA . 7.64 -0.75 24.24
C1A PEB AA . 6.24 -1.08 24.62
C2A PEB AA . 5.48 -1.70 23.36
C3A PEB AA . 6.68 -2.16 22.44
C4A PEB AA . 7.82 -1.12 22.80
CMA PEB AA . 4.50 -2.91 23.70
CBA PEB AA . 7.23 -2.76 19.94
OA PEB AA . 5.68 -0.90 25.75
CHA PEB AA . 9.05 -1.06 22.08
CAA PEB AA . 6.16 -2.14 20.95
NB PEB AA . 11.52 -0.07 22.17
C1B PEB AA . 10.12 0.09 22.45
C2B PEB AA . 9.85 1.43 23.05
C3B PEB AA . 11.12 2.08 23.14
C4B PEB AA . 12.16 1.16 22.62
CHB PEB AA . 13.58 1.48 22.56
CMB PEB AA . 8.44 2.08 23.51
CAB PEB AA . 11.32 3.56 23.75
CBB PEB AA . 12.46 4.43 23.04
CGB PEB AA . 12.33 4.65 21.45
O1B PEB AA . 11.19 5.03 20.86
O2B PEB AA . 13.42 4.47 20.71
HHC1 PEB AA . 17.06 -2.86 20.17
HHC2 PEB AA . 15.50 -3.41 20.57
HNC PEB AA . 13.61 -1.30 21.21
HMC1 PEB AA . 18.81 -0.56 21.59
HMC2 PEB AA . 18.44 -1.03 20.03
HMC3 PEB AA . 18.59 0.59 20.39
HAC1 PEB AA . 16.05 2.83 22.75
HAC2 PEB AA . 17.14 2.77 21.47
HBC1 PEB AA . 18.33 2.74 23.71
HBC2 PEB AA . 18.68 1.35 22.83
HND PEB AA . 16.46 -0.74 17.96
H1D1 PEB AA . 14.66 -2.38 18.58
HMD1 PEB AA . 15.76 -6.19 18.08
HMD2 PEB AA . 16.10 -5.65 19.64
HMD3 PEB AA . 14.60 -5.33 18.96
HAD1 PEB AA . 17.97 -5.97 17.01
HBD1 PEB AA . 18.95 -5.72 14.79
HBD2 PEB AA . 18.33 -4.06 14.68
HNA PEB AA . 8.31 -0.36 24.81
H2A1 PEB AA . 4.87 -1.00 22.92
H3A1 PEB AA . 7.04 -3.11 22.60
HMA1 PEB AA . 3.53 -2.61 23.56
HMA2 PEB AA . 4.62 -3.19 24.66
HMA3 PEB AA . 4.69 -3.70 23.08
HBA1 PEB AA . 8.03 -2.11 19.84
HBA2 PEB AA . 7.57 -3.66 20.32
HBA3 PEB AA . 6.78 -2.91 19.03
HHA1 PEB AA . 9.24 -1.74 21.35
HAA1 PEB AA . 5.30 -2.68 20.89
HHB1 PEB AA . 13.91 2.36 22.97
HMB1 PEB AA . 8.50 3.10 23.45
HMB2 PEB AA . 8.24 1.81 24.48
HMB3 PEB AA . 7.68 1.74 22.89
HAB1 PEB AA . 11.56 3.47 24.74
HAB2 PEB AA . 10.44 4.07 23.66
HBB1 PEB AA . 12.46 5.36 23.48
HBB2 PEB AA . 13.36 3.98 23.22
C TRS BA . -6.66 -37.22 8.06
C1 TRS BA . -6.25 -35.96 8.84
C2 TRS BA . -7.86 -36.90 7.17
C3 TRS BA . -5.53 -37.72 7.15
N TRS BA . -7.06 -38.28 9.10
O1 TRS BA . -5.29 -36.28 9.82
O2 TRS BA . -8.06 -37.98 6.27
O3 TRS BA . -5.29 -36.83 6.06
H11 TRS BA . -5.85 -35.22 8.15
H12 TRS BA . -7.13 -35.53 9.32
H21 TRS BA . -7.67 -35.99 6.60
H22 TRS BA . -8.75 -36.74 7.77
H31 TRS BA . -5.79 -38.71 6.76
H32 TRS BA . -4.62 -37.82 7.74
HN1 TRS BA . -7.77 -38.08 9.77
HN2 TRS BA . -6.36 -38.64 9.74
HN3 TRS BA . -7.42 -39.18 8.78
HO1 TRS BA . -5.04 -37.24 9.74
HO2 TRS BA . -8.82 -37.79 5.68
HO3 TRS BA . -4.56 -37.19 5.52
#